data_8F6R
#
_entry.id   8F6R
#
_cell.length_a   1.00
_cell.length_b   1.00
_cell.length_c   1.00
_cell.angle_alpha   90.00
_cell.angle_beta   90.00
_cell.angle_gamma   90.00
#
_symmetry.space_group_name_H-M   'P 1'
#
_entity_poly.entity_id   1
_entity_poly.type   'polypeptide(L)'
_entity_poly.pdbx_seq_one_letter_code
;MGSSDEEEARELEERAREAAKRAIEAAKRTGDPRVRELAEELVKLAIWAAVEVWLDPSSSDVNEALKLIVEAIEAAVRAL
EAAERTGDPEVRELARELVRLAVEAAEEVQRNPSSSDVNEALKLIVIAIEAAVRALEAAERTGDPEVRELARELVRLAVE
AAEEVQRNPSSEEVNEALRKIIKLILFAVMVLELAEEIGDPTWREMARRAVREAVELAEEVQRDPSGWLGHGSLEHHHHH
H
;
_entity_poly.pdbx_strand_id   A,B,C,D,E,F
#
# COMPACT_ATOMS: atom_id res chain seq x y z
N ASP A 5 -18.04 -3.20 -4.81
CA ASP A 5 -17.60 -2.16 -5.72
C ASP A 5 -18.73 -1.17 -6.00
N GLU A 6 -19.32 -0.66 -4.92
CA GLU A 6 -20.43 0.28 -5.05
C GLU A 6 -20.02 1.54 -5.82
N GLU A 7 -18.74 1.93 -5.72
CA GLU A 7 -18.27 3.10 -6.45
C GLU A 7 -18.38 2.89 -7.96
N GLU A 8 -17.82 1.79 -8.47
CA GLU A 8 -17.91 1.49 -9.89
C GLU A 8 -19.36 1.24 -10.30
N ALA A 9 -20.14 0.60 -9.42
CA ALA A 9 -21.55 0.36 -9.70
C ALA A 9 -22.29 1.67 -9.96
N ARG A 10 -22.21 2.60 -9.01
CA ARG A 10 -22.86 3.89 -9.18
C ARG A 10 -22.31 4.66 -10.36
N GLU A 11 -21.00 4.53 -10.62
CA GLU A 11 -20.42 5.19 -11.79
C GLU A 11 -21.06 4.71 -13.07
N LEU A 12 -21.09 3.39 -13.28
CA LEU A 12 -21.75 2.81 -14.45
C LEU A 12 -23.21 3.23 -14.53
N GLU A 13 -23.90 3.23 -13.38
CA GLU A 13 -25.31 3.57 -13.37
C GLU A 13 -25.53 5.00 -13.85
N GLU A 14 -24.79 5.95 -13.30
CA GLU A 14 -24.92 7.33 -13.75
C GLU A 14 -24.53 7.48 -15.20
N ARG A 15 -23.55 6.71 -15.67
CA ARG A 15 -23.21 6.75 -17.09
C ARG A 15 -24.40 6.32 -17.94
N ALA A 16 -25.09 5.27 -17.51
CA ALA A 16 -26.24 4.80 -18.26
C ALA A 16 -27.34 5.86 -18.26
N ARG A 17 -27.57 6.48 -17.11
CA ARG A 17 -28.60 7.49 -17.02
C ARG A 17 -28.29 8.69 -17.90
N GLU A 18 -27.03 9.12 -17.91
CA GLU A 18 -26.63 10.25 -18.73
C GLU A 18 -26.78 9.92 -20.21
N ALA A 19 -26.38 8.71 -20.61
CA ALA A 19 -26.57 8.28 -21.99
C ALA A 19 -28.04 8.39 -22.38
N ALA A 20 -28.92 7.83 -21.56
CA ALA A 20 -30.35 7.83 -21.89
C ALA A 20 -30.90 9.24 -21.98
N LYS A 21 -30.48 10.11 -21.05
CA LYS A 21 -30.96 11.48 -21.05
C LYS A 21 -30.54 12.21 -22.31
N ARG A 22 -29.26 12.08 -22.68
CA ARG A 22 -28.79 12.73 -23.89
C ARG A 22 -29.50 12.19 -25.12
N ALA A 23 -29.77 10.88 -25.14
CA ALA A 23 -30.50 10.29 -26.26
C ALA A 23 -31.89 10.89 -26.38
N ILE A 24 -32.61 10.99 -25.25
CA ILE A 24 -33.97 11.52 -25.29
C ILE A 24 -33.96 12.98 -25.68
N GLU A 25 -32.98 13.76 -25.20
CA GLU A 25 -32.85 15.14 -25.65
C GLU A 25 -32.68 15.22 -27.16
N ALA A 26 -31.76 14.43 -27.71
CA ALA A 26 -31.54 14.46 -29.15
C ALA A 26 -32.81 14.08 -29.91
N ALA A 27 -33.52 13.06 -29.43
CA ALA A 27 -34.73 12.62 -30.11
C ALA A 27 -35.79 13.71 -30.10
N LYS A 28 -36.00 14.36 -28.95
CA LYS A 28 -36.92 15.49 -28.91
C LYS A 28 -36.46 16.58 -29.86
N ARG A 29 -35.16 16.80 -29.96
CA ARG A 29 -34.65 17.89 -30.79
C ARG A 29 -34.94 17.65 -32.27
N THR A 30 -34.76 16.41 -32.74
CA THR A 30 -34.86 16.17 -34.17
C THR A 30 -36.31 16.20 -34.65
N GLY A 31 -37.26 15.82 -33.80
CA GLY A 31 -38.64 15.69 -34.24
C GLY A 31 -38.80 14.79 -35.45
N ASP A 32 -38.16 13.63 -35.42
CA ASP A 32 -38.19 12.67 -36.53
C ASP A 32 -38.69 11.34 -36.03
N PRO A 33 -39.78 10.80 -36.60
CA PRO A 33 -40.29 9.51 -36.11
C PRO A 33 -39.26 8.40 -36.09
N ARG A 34 -38.41 8.34 -37.12
CA ARG A 34 -37.38 7.30 -37.17
C ARG A 34 -36.40 7.44 -36.02
N VAL A 35 -35.80 8.63 -35.88
CA VAL A 35 -34.88 8.87 -34.77
C VAL A 35 -35.58 8.62 -33.44
N ARG A 36 -36.88 8.90 -33.38
CA ARG A 36 -37.63 8.65 -32.16
C ARG A 36 -37.63 7.17 -31.81
N GLU A 37 -38.03 6.33 -32.78
CA GLU A 37 -38.03 4.89 -32.55
C GLU A 37 -36.64 4.39 -32.18
N LEU A 38 -35.61 4.94 -32.82
CA LEU A 38 -34.24 4.54 -32.51
C LEU A 38 -33.89 4.87 -31.07
N ALA A 39 -34.14 6.11 -30.66
CA ALA A 39 -33.83 6.53 -29.30
C ALA A 39 -34.58 5.69 -28.29
N GLU A 40 -35.80 5.29 -28.61
CA GLU A 40 -36.53 4.42 -27.68
C GLU A 40 -35.89 3.05 -27.59
N GLU A 41 -35.60 2.44 -28.74
CA GLU A 41 -34.93 1.15 -28.74
C GLU A 41 -33.58 1.21 -28.04
N LEU A 42 -33.01 2.40 -27.90
CA LEU A 42 -31.75 2.59 -27.21
C LEU A 42 -31.95 2.75 -25.69
N VAL A 43 -32.77 3.71 -25.29
CA VAL A 43 -33.03 3.96 -23.88
C VAL A 43 -33.53 2.71 -23.19
N LYS A 44 -34.24 1.85 -23.93
CA LYS A 44 -34.71 0.61 -23.32
C LYS A 44 -33.55 -0.22 -22.79
N LEU A 45 -32.56 -0.49 -23.65
CA LEU A 45 -31.46 -1.32 -23.20
C LEU A 45 -30.56 -0.57 -22.21
N ALA A 46 -30.53 0.75 -22.29
CA ALA A 46 -29.81 1.50 -21.26
C ALA A 46 -30.42 1.25 -19.88
N ILE A 47 -31.74 1.38 -19.76
CA ILE A 47 -32.40 1.17 -18.48
C ILE A 47 -32.31 -0.28 -18.06
N TRP A 48 -32.39 -1.20 -19.02
CA TRP A 48 -32.21 -2.60 -18.67
C TRP A 48 -30.81 -2.86 -18.15
N ALA A 49 -29.83 -2.15 -18.68
CA ALA A 49 -28.49 -2.22 -18.12
C ALA A 49 -28.53 -1.82 -16.67
N ALA A 50 -29.08 -0.65 -16.38
CA ALA A 50 -29.17 -0.20 -14.99
C ALA A 50 -29.80 -1.25 -14.09
N VAL A 51 -30.91 -1.84 -14.54
CA VAL A 51 -31.55 -2.82 -13.67
C VAL A 51 -30.63 -4.00 -13.41
N GLU A 52 -30.13 -4.61 -14.48
CA GLU A 52 -29.32 -5.82 -14.28
C GLU A 52 -28.12 -5.52 -13.39
N VAL A 53 -27.51 -4.32 -13.56
CA VAL A 53 -26.35 -3.95 -12.74
C VAL A 53 -26.75 -3.90 -11.29
N TRP A 54 -27.92 -3.32 -11.03
CA TRP A 54 -28.40 -3.19 -9.67
C TRP A 54 -28.56 -4.57 -9.04
N LEU A 55 -29.42 -5.42 -9.59
CA LEU A 55 -29.89 -6.58 -8.83
C LEU A 55 -28.73 -7.40 -8.26
N ASP A 56 -27.63 -7.54 -9.01
CA ASP A 56 -26.54 -8.46 -8.68
C ASP A 56 -25.22 -7.71 -8.69
N PRO A 57 -24.94 -6.92 -7.65
CA PRO A 57 -23.66 -6.21 -7.60
C PRO A 57 -22.50 -7.17 -7.34
N SER A 58 -21.31 -6.72 -7.72
CA SER A 58 -20.05 -7.43 -7.55
C SER A 58 -19.98 -8.75 -8.31
N SER A 59 -20.75 -8.91 -9.37
CA SER A 59 -20.66 -10.09 -10.22
C SER A 59 -19.95 -9.69 -11.52
N SER A 60 -18.74 -10.20 -11.72
CA SER A 60 -17.89 -9.77 -12.83
C SER A 60 -18.39 -9.92 -14.27
N ASP A 61 -19.00 -11.04 -14.63
CA ASP A 61 -19.45 -11.16 -16.02
C ASP A 61 -20.50 -10.10 -16.33
N VAL A 62 -21.44 -9.94 -15.40
CA VAL A 62 -22.51 -8.97 -15.57
C VAL A 62 -21.96 -7.56 -15.65
N ASN A 63 -21.01 -7.26 -14.77
CA ASN A 63 -20.40 -5.94 -14.75
C ASN A 63 -19.69 -5.66 -16.07
N GLU A 64 -18.99 -6.66 -16.57
CA GLU A 64 -18.27 -6.52 -17.82
C GLU A 64 -19.23 -6.23 -18.95
N ALA A 65 -20.35 -6.95 -18.96
CA ALA A 65 -21.33 -6.74 -20.01
C ALA A 65 -21.92 -5.33 -19.93
N LEU A 66 -22.19 -4.88 -18.71
CA LEU A 66 -22.79 -3.56 -18.51
C LEU A 66 -21.95 -2.36 -18.94
N LYS A 67 -20.65 -2.42 -18.65
CA LYS A 67 -19.76 -1.32 -18.98
C LYS A 67 -19.59 -1.21 -20.49
N LEU A 68 -19.34 -2.35 -21.13
CA LEU A 68 -19.21 -2.36 -22.58
C LEU A 68 -20.49 -1.86 -23.25
N ILE A 69 -21.65 -2.23 -22.71
CA ILE A 69 -22.93 -1.82 -23.29
C ILE A 69 -23.09 -0.31 -23.20
N VAL A 70 -22.90 0.25 -22.01
CA VAL A 70 -23.08 1.69 -21.84
C VAL A 70 -22.07 2.45 -22.69
N GLU A 71 -20.88 1.88 -22.89
CA GLU A 71 -19.92 2.48 -23.81
C GLU A 71 -20.49 2.53 -25.22
N ALA A 72 -21.03 1.40 -25.68
CA ALA A 72 -21.65 1.36 -27.00
C ALA A 72 -22.73 2.42 -27.13
N ILE A 73 -23.52 2.62 -26.07
CA ILE A 73 -24.61 3.58 -26.12
C ILE A 73 -24.08 5.00 -26.23
N GLU A 74 -23.06 5.33 -25.43
CA GLU A 74 -22.44 6.65 -25.55
C GLU A 74 -21.97 6.88 -26.97
N ALA A 75 -21.33 5.87 -27.56
CA ALA A 75 -20.87 6.00 -28.93
C ALA A 75 -22.03 6.26 -29.88
N ALA A 76 -23.10 5.48 -29.76
CA ALA A 76 -24.21 5.59 -30.71
C ALA A 76 -24.91 6.93 -30.60
N VAL A 77 -25.08 7.44 -29.38
CA VAL A 77 -25.75 8.72 -29.25
C VAL A 77 -24.88 9.84 -29.80
N ARG A 78 -23.57 9.78 -29.54
CA ARG A 78 -22.66 10.70 -30.21
C ARG A 78 -22.84 10.65 -31.72
N ALA A 79 -22.94 9.43 -32.26
CA ALA A 79 -23.10 9.28 -33.70
C ALA A 79 -24.40 9.88 -34.24
N LEU A 80 -25.50 9.64 -33.55
CA LEU A 80 -26.79 10.14 -33.98
C LEU A 80 -26.81 11.65 -33.95
N GLU A 81 -26.20 12.18 -32.90
CA GLU A 81 -26.14 13.62 -32.65
C GLU A 81 -25.35 14.32 -33.75
N ALA A 82 -24.10 13.90 -33.96
CA ALA A 82 -23.29 14.54 -34.98
C ALA A 82 -23.88 14.36 -36.37
N ALA A 83 -24.57 13.23 -36.60
CA ALA A 83 -25.21 13.00 -37.88
C ALA A 83 -26.24 14.08 -38.17
N GLU A 84 -27.21 14.25 -37.27
CA GLU A 84 -28.19 15.29 -37.46
C GLU A 84 -27.55 16.67 -37.43
N ARG A 85 -26.40 16.80 -36.77
CA ARG A 85 -25.67 18.07 -36.78
C ARG A 85 -25.17 18.40 -38.16
N THR A 86 -24.76 17.39 -38.93
CA THR A 86 -24.27 17.64 -40.28
C THR A 86 -25.40 18.01 -41.23
N GLY A 87 -26.49 17.24 -41.20
CA GLY A 87 -27.67 17.54 -41.99
C GLY A 87 -27.68 16.99 -43.40
N ASP A 88 -26.66 16.25 -43.81
CA ASP A 88 -26.60 15.72 -45.17
C ASP A 88 -27.39 14.41 -45.24
N PRO A 89 -28.33 14.28 -46.18
CA PRO A 89 -29.17 13.06 -46.23
C PRO A 89 -28.39 11.76 -46.30
N GLU A 90 -27.45 11.64 -47.23
CA GLU A 90 -26.69 10.40 -47.38
C GLU A 90 -26.08 9.94 -46.06
N VAL A 91 -25.20 10.76 -45.49
CA VAL A 91 -24.56 10.41 -44.22
C VAL A 91 -25.59 10.26 -43.12
N ARG A 92 -26.72 10.96 -43.20
CA ARG A 92 -27.73 10.85 -42.14
C ARG A 92 -28.32 9.44 -42.10
N GLU A 93 -28.82 8.96 -43.24
CA GLU A 93 -29.33 7.60 -43.27
C GLU A 93 -28.22 6.60 -42.94
N LEU A 94 -27.00 6.90 -43.37
CA LEU A 94 -25.88 6.01 -43.06
C LEU A 94 -25.72 5.84 -41.55
N ALA A 95 -25.51 6.95 -40.84
CA ALA A 95 -25.34 6.90 -39.40
C ALA A 95 -26.56 6.32 -38.71
N ARG A 96 -27.75 6.54 -39.27
CA ARG A 96 -28.95 5.96 -38.67
C ARG A 96 -28.87 4.43 -38.69
N GLU A 97 -28.58 3.86 -39.86
CA GLU A 97 -28.43 2.41 -39.90
C GLU A 97 -27.26 1.96 -39.04
N LEU A 98 -26.24 2.80 -38.91
CA LEU A 98 -25.10 2.47 -38.06
C LEU A 98 -25.55 2.26 -36.61
N VAL A 99 -26.24 3.25 -36.06
CA VAL A 99 -26.70 3.11 -34.68
C VAL A 99 -27.70 1.97 -34.55
N ARG A 100 -28.43 1.67 -35.63
CA ARG A 100 -29.29 0.50 -35.60
C ARG A 100 -28.47 -0.78 -35.43
N LEU A 101 -27.37 -0.89 -36.17
CA LEU A 101 -26.47 -2.03 -35.99
C LEU A 101 -25.99 -2.10 -34.55
N ALA A 102 -25.62 -0.95 -33.99
CA ALA A 102 -25.15 -0.90 -32.61
C ALA A 102 -26.19 -1.48 -31.65
N VAL A 103 -27.43 -1.01 -31.75
CA VAL A 103 -28.45 -1.44 -30.80
C VAL A 103 -28.83 -2.89 -31.03
N GLU A 104 -28.78 -3.37 -32.27
CA GLU A 104 -29.06 -4.79 -32.50
C GLU A 104 -28.00 -5.66 -31.83
N ALA A 105 -26.72 -5.28 -31.98
CA ALA A 105 -25.66 -6.03 -31.30
C ALA A 105 -25.85 -5.99 -29.79
N ALA A 106 -26.18 -4.81 -29.25
CA ALA A 106 -26.37 -4.68 -27.81
C ALA A 106 -27.53 -5.54 -27.33
N GLU A 107 -28.59 -5.63 -28.13
CA GLU A 107 -29.71 -6.50 -27.79
C GLU A 107 -29.26 -7.95 -27.74
N GLU A 108 -28.50 -8.37 -28.75
CA GLU A 108 -27.94 -9.73 -28.72
C GLU A 108 -27.11 -9.97 -27.47
N VAL A 109 -26.42 -8.92 -27.00
CA VAL A 109 -25.68 -9.04 -25.75
C VAL A 109 -26.63 -9.25 -24.58
N GLN A 110 -27.65 -8.39 -24.48
CA GLN A 110 -28.56 -8.49 -23.34
C GLN A 110 -29.28 -9.83 -23.30
N ARG A 111 -29.44 -10.46 -24.47
CA ARG A 111 -30.00 -11.80 -24.47
C ARG A 111 -28.98 -12.84 -24.01
N ASN A 112 -27.70 -12.62 -24.32
CA ASN A 112 -26.66 -13.59 -23.97
C ASN A 112 -25.45 -12.87 -23.39
N PRO A 113 -25.20 -12.98 -22.08
CA PRO A 113 -24.11 -12.23 -21.45
C PRO A 113 -22.77 -12.94 -21.41
N SER A 114 -22.65 -14.14 -22.01
CA SER A 114 -21.40 -14.86 -21.93
C SER A 114 -21.00 -15.50 -23.26
N SER A 115 -21.50 -15.00 -24.38
CA SER A 115 -21.06 -15.44 -25.70
C SER A 115 -19.93 -14.53 -26.15
N SER A 116 -18.72 -15.08 -26.28
CA SER A 116 -17.55 -14.25 -26.48
C SER A 116 -17.58 -13.54 -27.83
N ASP A 117 -17.95 -14.27 -28.89
CA ASP A 117 -17.88 -13.71 -30.23
C ASP A 117 -18.75 -12.47 -30.38
N VAL A 118 -19.94 -12.49 -29.77
CA VAL A 118 -20.81 -11.32 -29.89
C VAL A 118 -20.28 -10.16 -29.07
N ASN A 119 -19.61 -10.44 -27.93
CA ASN A 119 -18.91 -9.41 -27.20
C ASN A 119 -17.88 -8.73 -28.09
N GLU A 120 -17.06 -9.54 -28.78
CA GLU A 120 -16.03 -8.97 -29.64
C GLU A 120 -16.64 -8.24 -30.83
N ALA A 121 -17.77 -8.75 -31.33
CA ALA A 121 -18.45 -8.08 -32.43
C ALA A 121 -18.93 -6.70 -32.02
N LEU A 122 -19.55 -6.59 -30.84
CA LEU A 122 -19.92 -5.28 -30.36
C LEU A 122 -18.68 -4.40 -30.18
N LYS A 123 -17.59 -4.98 -29.69
CA LYS A 123 -16.36 -4.22 -29.53
C LYS A 123 -15.96 -3.58 -30.85
N LEU A 124 -15.86 -4.40 -31.90
CA LEU A 124 -15.48 -3.92 -33.22
C LEU A 124 -16.45 -2.85 -33.71
N ILE A 125 -17.76 -3.06 -33.50
CA ILE A 125 -18.73 -2.10 -34.00
C ILE A 125 -18.61 -0.77 -33.26
N VAL A 126 -18.39 -0.81 -31.95
CA VAL A 126 -18.13 0.40 -31.17
C VAL A 126 -16.94 1.13 -31.74
N ILE A 127 -15.87 0.40 -32.05
CA ILE A 127 -14.68 1.03 -32.59
C ILE A 127 -15.00 1.70 -33.93
N ALA A 128 -15.73 1.00 -34.79
CA ALA A 128 -16.09 1.56 -36.09
C ALA A 128 -16.92 2.82 -35.93
N ILE A 129 -17.80 2.84 -34.93
CA ILE A 129 -18.66 3.99 -34.71
C ILE A 129 -17.83 5.18 -34.23
N GLU A 130 -16.92 4.93 -33.29
CA GLU A 130 -16.01 5.99 -32.85
C GLU A 130 -15.22 6.53 -34.04
N ALA A 131 -14.81 5.63 -34.94
CA ALA A 131 -14.09 6.06 -36.14
C ALA A 131 -14.95 6.99 -36.99
N ALA A 132 -16.18 6.56 -37.29
CA ALA A 132 -17.05 7.36 -38.14
C ALA A 132 -17.31 8.73 -37.52
N VAL A 133 -17.54 8.78 -36.20
CA VAL A 133 -17.85 10.06 -35.58
C VAL A 133 -16.62 10.95 -35.56
N ARG A 134 -15.43 10.35 -35.38
CA ARG A 134 -14.21 11.14 -35.51
C ARG A 134 -14.09 11.75 -36.88
N ALA A 135 -14.38 10.96 -37.91
CA ALA A 135 -14.28 11.46 -39.28
C ALA A 135 -15.27 12.60 -39.51
N LEU A 136 -16.50 12.44 -39.04
CA LEU A 136 -17.51 13.48 -39.25
C LEU A 136 -17.13 14.75 -38.51
N GLU A 137 -16.62 14.63 -37.28
CA GLU A 137 -16.18 15.81 -36.55
C GLU A 137 -15.04 16.51 -37.28
N ALA A 138 -14.07 15.74 -37.77
CA ALA A 138 -12.97 16.34 -38.52
C ALA A 138 -13.48 17.09 -39.74
N ALA A 139 -14.36 16.44 -40.51
CA ALA A 139 -14.94 17.10 -41.68
C ALA A 139 -15.64 18.39 -41.31
N GLU A 140 -16.42 18.37 -40.23
CA GLU A 140 -17.12 19.57 -39.79
C GLU A 140 -16.13 20.66 -39.42
N ARG A 141 -15.04 20.31 -38.75
CA ARG A 141 -14.08 21.32 -38.32
C ARG A 141 -13.36 21.94 -39.51
N THR A 142 -13.03 21.14 -40.52
CA THR A 142 -12.35 21.71 -41.68
C THR A 142 -13.34 22.36 -42.64
N GLY A 143 -14.53 21.78 -42.79
CA GLY A 143 -15.49 22.30 -43.75
C GLY A 143 -14.98 22.28 -45.17
N ASP A 144 -14.42 21.16 -45.61
CA ASP A 144 -13.78 20.96 -46.90
C ASP A 144 -14.55 19.95 -47.74
N PRO A 145 -14.93 20.30 -48.97
CA PRO A 145 -15.72 19.35 -49.80
C PRO A 145 -15.06 18.00 -49.98
N GLU A 146 -13.79 17.97 -50.40
CA GLU A 146 -13.12 16.70 -50.59
C GLU A 146 -13.06 15.91 -49.29
N VAL A 147 -12.82 16.60 -48.17
CA VAL A 147 -12.85 15.93 -46.87
C VAL A 147 -14.23 15.32 -46.63
N ARG A 148 -15.29 16.02 -47.05
CA ARG A 148 -16.64 15.53 -46.81
C ARG A 148 -16.93 14.29 -47.65
N GLU A 149 -16.54 14.28 -48.92
CA GLU A 149 -16.77 13.09 -49.73
C GLU A 149 -15.95 11.92 -49.22
N LEU A 150 -14.73 12.18 -48.76
CA LEU A 150 -13.94 11.11 -48.17
C LEU A 150 -14.58 10.58 -46.90
N ALA A 151 -15.16 11.47 -46.09
CA ALA A 151 -15.85 11.05 -44.88
C ALA A 151 -17.03 10.15 -45.22
N ARG A 152 -17.83 10.57 -46.21
CA ARG A 152 -18.91 9.72 -46.68
C ARG A 152 -18.38 8.36 -47.12
N GLU A 153 -17.25 8.35 -47.81
CA GLU A 153 -16.68 7.10 -48.31
C GLU A 153 -16.33 6.16 -47.16
N LEU A 154 -15.53 6.64 -46.21
CA LEU A 154 -15.12 5.75 -45.13
C LEU A 154 -16.28 5.44 -44.19
N VAL A 155 -17.30 6.28 -44.12
CA VAL A 155 -18.48 5.92 -43.34
C VAL A 155 -19.24 4.79 -44.02
N ARG A 156 -19.34 4.84 -45.35
CA ARG A 156 -19.84 3.70 -46.10
C ARG A 156 -19.07 2.44 -45.73
N LEU A 157 -17.74 2.55 -45.75
CA LEU A 157 -16.90 1.42 -45.37
C LEU A 157 -17.25 0.92 -43.99
N ALA A 158 -17.40 1.83 -43.03
CA ALA A 158 -17.66 1.45 -41.65
C ALA A 158 -18.99 0.73 -41.53
N VAL A 159 -20.03 1.26 -42.17
CA VAL A 159 -21.36 0.66 -42.05
C VAL A 159 -21.37 -0.71 -42.73
N GLU A 160 -20.65 -0.85 -43.84
CA GLU A 160 -20.63 -2.15 -44.52
C GLU A 160 -19.87 -3.17 -43.69
N ALA A 161 -18.73 -2.77 -43.10
CA ALA A 161 -17.96 -3.68 -42.27
C ALA A 161 -18.76 -4.09 -41.03
N ALA A 162 -19.44 -3.14 -40.40
CA ALA A 162 -20.24 -3.45 -39.24
C ALA A 162 -21.40 -4.37 -39.59
N GLU A 163 -22.05 -4.11 -40.73
CA GLU A 163 -23.09 -5.01 -41.21
C GLU A 163 -22.57 -6.43 -41.34
N GLU A 164 -21.40 -6.58 -41.96
CA GLU A 164 -20.86 -7.91 -42.19
C GLU A 164 -20.51 -8.60 -40.88
N VAL A 165 -19.91 -7.88 -39.93
CA VAL A 165 -19.55 -8.51 -38.66
C VAL A 165 -20.81 -8.84 -37.87
N GLN A 166 -21.87 -8.06 -38.06
CA GLN A 166 -23.13 -8.36 -37.40
C GLN A 166 -23.77 -9.61 -37.96
N ARG A 167 -23.65 -9.81 -39.28
CA ARG A 167 -24.30 -10.96 -39.92
C ARG A 167 -23.85 -12.27 -39.30
N ASN A 168 -22.54 -12.53 -39.32
CA ASN A 168 -22.01 -13.80 -38.84
C ASN A 168 -20.97 -13.55 -37.75
N PRO A 169 -21.15 -14.09 -36.54
CA PRO A 169 -20.06 -14.03 -35.56
C PRO A 169 -18.91 -14.95 -35.90
N SER A 170 -19.15 -15.95 -36.75
CA SER A 170 -18.23 -17.02 -37.06
C SER A 170 -17.30 -16.64 -38.20
N SER A 171 -16.70 -17.67 -38.82
CA SER A 171 -15.86 -17.52 -40.01
C SER A 171 -14.58 -16.72 -39.77
N GLU A 172 -13.59 -17.38 -39.13
CA GLU A 172 -12.29 -16.77 -38.86
C GLU A 172 -11.84 -15.83 -39.98
N GLU A 173 -11.84 -16.34 -41.21
CA GLU A 173 -11.27 -15.56 -42.32
C GLU A 173 -12.04 -14.26 -42.54
N VAL A 174 -13.37 -14.35 -42.60
CA VAL A 174 -14.15 -13.12 -42.74
C VAL A 174 -13.93 -12.22 -41.53
N ASN A 175 -13.79 -12.83 -40.34
CA ASN A 175 -13.51 -12.04 -39.15
C ASN A 175 -12.20 -11.27 -39.28
N GLU A 176 -11.13 -11.94 -39.72
CA GLU A 176 -9.85 -11.26 -39.84
C GLU A 176 -9.91 -10.17 -40.91
N ALA A 177 -10.60 -10.44 -42.01
CA ALA A 177 -10.72 -9.43 -43.05
C ALA A 177 -11.44 -8.19 -42.53
N LEU A 178 -12.51 -8.40 -41.76
CA LEU A 178 -13.25 -7.27 -41.21
C LEU A 178 -12.41 -6.51 -40.18
N ARG A 179 -11.64 -7.24 -39.37
CA ARG A 179 -10.76 -6.58 -38.42
C ARG A 179 -9.76 -5.70 -39.15
N LYS A 180 -9.16 -6.21 -40.22
CA LYS A 180 -8.23 -5.40 -41.00
C LYS A 180 -8.93 -4.18 -41.59
N ILE A 181 -10.18 -4.35 -42.05
CA ILE A 181 -10.94 -3.22 -42.57
C ILE A 181 -11.07 -2.14 -41.50
N ILE A 182 -11.46 -2.54 -40.30
CA ILE A 182 -11.64 -1.57 -39.21
C ILE A 182 -10.32 -0.87 -38.91
N LYS A 183 -9.23 -1.64 -38.92
CA LYS A 183 -7.91 -1.04 -38.69
C LYS A 183 -7.61 0.02 -39.73
N LEU A 184 -7.89 -0.28 -41.00
CA LEU A 184 -7.62 0.68 -42.07
C LEU A 184 -8.47 1.92 -41.91
N ILE A 185 -9.72 1.76 -41.49
CA ILE A 185 -10.60 2.91 -41.31
C ILE A 185 -10.07 3.81 -40.20
N LEU A 186 -9.71 3.19 -39.07
CA LEU A 186 -9.11 3.96 -37.98
C LEU A 186 -7.86 4.68 -38.46
N PHE A 187 -7.02 3.99 -39.22
CA PHE A 187 -5.81 4.61 -39.75
C PHE A 187 -6.15 5.84 -40.57
N ALA A 188 -7.12 5.71 -41.47
CA ALA A 188 -7.49 6.82 -42.33
C ALA A 188 -7.98 8.00 -41.51
N VAL A 189 -8.83 7.75 -40.51
CA VAL A 189 -9.39 8.87 -39.76
C VAL A 189 -8.31 9.54 -38.93
N MET A 190 -7.38 8.76 -38.37
CA MET A 190 -6.30 9.37 -37.62
C MET A 190 -5.43 10.24 -38.50
N VAL A 191 -5.02 9.73 -39.66
CA VAL A 191 -4.13 10.50 -40.52
C VAL A 191 -4.86 11.73 -41.05
N LEU A 192 -6.19 11.64 -41.20
CA LEU A 192 -6.95 12.83 -41.58
C LEU A 192 -6.93 13.86 -40.48
N GLU A 193 -7.13 13.43 -39.24
CA GLU A 193 -7.05 14.35 -38.11
C GLU A 193 -5.70 15.04 -38.08
N LEU A 194 -4.63 14.28 -38.27
CA LEU A 194 -3.29 14.88 -38.26
C LEU A 194 -3.14 15.90 -39.38
N ALA A 195 -3.48 15.52 -40.61
CA ALA A 195 -3.41 16.46 -41.72
C ALA A 195 -4.19 17.73 -41.41
N GLU A 196 -5.32 17.59 -40.72
CA GLU A 196 -6.09 18.75 -40.31
C GLU A 196 -5.31 19.58 -39.29
N GLU A 197 -4.55 18.93 -38.41
CA GLU A 197 -3.84 19.66 -37.36
C GLU A 197 -2.73 20.51 -37.95
N ILE A 198 -2.11 20.06 -39.04
CA ILE A 198 -1.04 20.82 -39.67
C ILE A 198 -1.54 21.65 -40.84
N GLY A 199 -2.73 21.38 -41.34
CA GLY A 199 -3.25 22.13 -42.48
C GLY A 199 -2.49 21.86 -43.76
N ASP A 200 -2.19 20.60 -44.05
CA ASP A 200 -1.49 20.21 -45.26
C ASP A 200 -2.33 19.18 -46.03
N PRO A 201 -2.67 19.45 -47.28
CA PRO A 201 -3.50 18.50 -48.04
C PRO A 201 -2.73 17.30 -48.60
N THR A 202 -1.40 17.38 -48.62
CA THR A 202 -0.61 16.28 -49.18
C THR A 202 -0.85 14.99 -48.38
N TRP A 203 -0.82 15.09 -47.06
CA TRP A 203 -1.13 13.91 -46.27
C TRP A 203 -2.59 13.54 -46.37
N ARG A 204 -3.46 14.48 -46.71
CA ARG A 204 -4.84 14.11 -47.05
C ARG A 204 -4.85 13.20 -48.27
N GLU A 205 -3.97 13.47 -49.24
CA GLU A 205 -3.87 12.59 -50.40
C GLU A 205 -3.31 11.23 -49.99
N MET A 206 -2.35 11.22 -49.07
CA MET A 206 -1.89 9.95 -48.52
C MET A 206 -3.04 9.17 -47.89
N ALA A 207 -3.87 9.86 -47.12
CA ALA A 207 -5.05 9.23 -46.52
C ALA A 207 -5.99 8.69 -47.59
N ARG A 208 -6.16 9.45 -48.67
CA ARG A 208 -6.98 8.98 -49.78
C ARG A 208 -6.44 7.69 -50.36
N ARG A 209 -5.12 7.60 -50.50
CA ARG A 209 -4.50 6.35 -50.93
C ARG A 209 -4.83 5.22 -49.95
N ALA A 210 -4.71 5.51 -48.66
CA ALA A 210 -4.98 4.50 -47.64
C ALA A 210 -6.41 3.97 -47.75
N VAL A 211 -7.38 4.88 -47.81
CA VAL A 211 -8.78 4.46 -47.86
C VAL A 211 -9.11 3.81 -49.19
N ARG A 212 -8.41 4.20 -50.26
CA ARG A 212 -8.61 3.52 -51.54
C ARG A 212 -8.18 2.06 -51.44
N GLU A 213 -7.01 1.82 -50.86
CA GLU A 213 -6.61 0.44 -50.57
C GLU A 213 -7.66 -0.26 -49.72
N ALA A 214 -8.16 0.45 -48.71
CA ALA A 214 -9.14 -0.15 -47.79
C ALA A 214 -10.40 -0.58 -48.53
N VAL A 215 -10.93 0.28 -49.41
CA VAL A 215 -12.19 -0.03 -50.07
C VAL A 215 -11.99 -1.09 -51.13
N GLU A 216 -10.84 -1.07 -51.81
CA GLU A 216 -10.53 -2.17 -52.72
C GLU A 216 -10.51 -3.50 -51.98
N LEU A 217 -9.96 -3.51 -50.76
CA LEU A 217 -9.99 -4.70 -49.94
C LEU A 217 -11.44 -5.10 -49.63
N ALA A 218 -12.20 -4.17 -49.06
CA ALA A 218 -13.57 -4.44 -48.66
C ALA A 218 -14.41 -5.00 -49.81
N GLU A 219 -14.11 -4.57 -51.04
CA GLU A 219 -14.84 -5.08 -52.19
C GLU A 219 -14.78 -6.60 -52.26
N GLU A 220 -13.56 -7.15 -52.21
CA GLU A 220 -13.43 -8.60 -52.22
C GLU A 220 -13.90 -9.22 -50.91
N VAL A 221 -13.83 -8.46 -49.81
CA VAL A 221 -14.34 -8.99 -48.55
C VAL A 221 -15.84 -9.21 -48.62
N GLN A 222 -16.54 -8.45 -49.46
CA GLN A 222 -17.96 -8.71 -49.68
C GLN A 222 -18.19 -10.14 -50.15
N ARG A 223 -17.21 -10.72 -50.84
CA ARG A 223 -17.32 -12.09 -51.31
C ARG A 223 -16.05 -12.88 -51.01
N ASP B 5 -5.18 -0.38 -18.15
CA ASP B 5 -4.09 0.58 -18.12
C ASP B 5 -4.34 1.72 -19.10
N GLU B 6 -5.53 2.32 -19.00
CA GLU B 6 -5.89 3.40 -19.90
C GLU B 6 -4.92 4.58 -19.79
N GLU B 7 -4.34 4.78 -18.61
CA GLU B 7 -3.37 5.87 -18.45
C GLU B 7 -2.16 5.66 -19.33
N GLU B 8 -1.52 4.49 -19.23
CA GLU B 8 -0.37 4.20 -20.08
C GLU B 8 -0.76 4.14 -21.55
N ALA B 9 -1.96 3.64 -21.83
CA ALA B 9 -2.45 3.60 -23.21
C ALA B 9 -2.49 4.99 -23.82
N ARG B 10 -3.19 5.91 -23.16
CA ARG B 10 -3.28 7.28 -23.66
C ARG B 10 -1.92 7.95 -23.69
N GLU B 11 -1.03 7.63 -22.73
CA GLU B 11 0.31 8.19 -22.74
C GLU B 11 1.05 7.79 -24.01
N LEU B 12 1.10 6.49 -24.29
CA LEU B 12 1.74 6.00 -25.51
C LEU B 12 1.10 6.62 -26.75
N GLU B 13 -0.23 6.73 -26.75
CA GLU B 13 -0.93 7.27 -27.91
C GLU B 13 -0.51 8.71 -28.18
N GLU B 14 -0.54 9.55 -27.15
CA GLU B 14 -0.11 10.94 -27.33
C GLU B 14 1.35 11.01 -27.73
N ARG B 15 2.19 10.10 -27.22
CA ARG B 15 3.58 10.08 -27.65
C ARG B 15 3.68 9.82 -29.14
N ALA B 16 2.89 8.88 -29.64
CA ALA B 16 2.90 8.56 -31.06
C ALA B 16 2.45 9.76 -31.87
N ARG B 17 1.39 10.43 -31.41
CA ARG B 17 0.87 11.59 -32.12
C ARG B 17 1.88 12.72 -32.16
N GLU B 18 2.56 12.96 -31.05
CA GLU B 18 3.56 14.01 -30.99
C GLU B 18 4.73 13.69 -31.91
N ALA B 19 5.17 12.44 -31.92
CA ALA B 19 6.23 12.03 -32.83
C ALA B 19 5.83 12.33 -34.27
N ALA B 20 4.64 11.91 -34.67
CA ALA B 20 4.21 12.11 -36.04
C ALA B 20 4.12 13.59 -36.40
N LYS B 21 3.61 14.40 -35.46
CA LYS B 21 3.47 15.82 -35.72
C LYS B 21 4.83 16.48 -35.91
N ARG B 22 5.78 16.16 -35.03
CA ARG B 22 7.12 16.72 -35.18
C ARG B 22 7.77 16.27 -36.47
N ALA B 23 7.54 15.01 -36.86
CA ALA B 23 8.09 14.52 -38.12
C ALA B 23 7.54 15.32 -39.30
N ILE B 24 6.22 15.52 -39.33
CA ILE B 24 5.60 16.25 -40.43
C ILE B 24 6.07 17.69 -40.46
N GLU B 25 6.23 18.32 -39.29
CA GLU B 25 6.77 19.67 -39.25
C GLU B 25 8.16 19.71 -39.87
N ALA B 26 9.04 18.79 -39.46
CA ALA B 26 10.39 18.78 -39.99
C ALA B 26 10.38 18.57 -41.51
N ALA B 27 9.53 17.66 -41.99
CA ALA B 27 9.45 17.39 -43.42
C ALA B 27 9.01 18.62 -44.19
N LYS B 28 7.97 19.31 -43.70
CA LYS B 28 7.56 20.55 -44.32
C LYS B 28 8.69 21.57 -44.31
N ARG B 29 9.46 21.60 -43.22
CA ARG B 29 10.52 22.59 -43.08
C ARG B 29 11.62 22.38 -44.11
N THR B 30 12.01 21.13 -44.34
CA THR B 30 13.18 20.88 -45.18
C THR B 30 12.86 21.12 -46.65
N GLY B 31 11.62 20.88 -47.07
CA GLY B 31 11.30 20.95 -48.49
C GLY B 31 12.18 20.06 -49.35
N ASP B 32 12.39 18.82 -48.93
CA ASP B 32 13.25 17.88 -49.63
C ASP B 32 12.45 16.62 -49.97
N PRO B 33 12.35 16.24 -51.24
CA PRO B 33 11.56 15.04 -51.59
C PRO B 33 11.99 13.80 -50.82
N ARG B 34 13.29 13.60 -50.62
CA ARG B 34 13.76 12.43 -49.90
C ARG B 34 13.28 12.45 -48.46
N VAL B 35 13.56 13.53 -47.74
CA VAL B 35 13.09 13.66 -46.37
C VAL B 35 11.58 13.52 -46.31
N ARG B 36 10.89 13.98 -47.35
CA ARG B 36 9.43 13.86 -47.40
C ARG B 36 9.02 12.39 -47.40
N GLU B 37 9.59 11.60 -48.33
CA GLU B 37 9.27 10.18 -48.38
C GLU B 37 9.62 9.50 -47.06
N LEU B 38 10.73 9.89 -46.45
CA LEU B 38 11.12 9.31 -45.18
C LEU B 38 10.09 9.59 -44.09
N ALA B 39 9.71 10.87 -43.96
CA ALA B 39 8.73 11.25 -42.95
C ALA B 39 7.41 10.53 -43.17
N GLU B 40 7.04 10.30 -44.42
CA GLU B 40 5.80 9.57 -44.68
C GLU B 40 5.93 8.11 -44.24
N GLU B 41 7.01 7.45 -44.65
CA GLU B 41 7.25 6.08 -44.23
C GLU B 41 7.34 5.95 -42.71
N LEU B 42 7.60 7.06 -42.03
CA LEU B 42 7.65 7.07 -40.56
C LEU B 42 6.27 7.27 -39.95
N VAL B 43 5.58 8.34 -40.33
CA VAL B 43 4.26 8.64 -39.80
C VAL B 43 3.31 7.48 -40.03
N LYS B 44 3.52 6.73 -41.11
CA LYS B 44 2.66 5.58 -41.35
C LYS B 44 2.72 4.59 -40.19
N LEU B 45 3.92 4.17 -39.81
CA LEU B 45 4.04 3.20 -38.73
C LEU B 45 3.70 3.82 -37.38
N ALA B 46 3.89 5.13 -37.23
CA ALA B 46 3.41 5.78 -36.01
C ALA B 46 1.91 5.63 -35.85
N ILE B 47 1.16 5.96 -36.90
CA ILE B 47 -0.30 5.86 -36.83
C ILE B 47 -0.73 4.41 -36.71
N TRP B 48 -0.03 3.49 -37.38
CA TRP B 48 -0.34 2.09 -37.22
C TRP B 48 -0.11 1.64 -35.79
N ALA B 49 0.91 2.19 -35.13
CA ALA B 49 1.09 1.94 -33.72
C ALA B 49 -0.15 2.35 -32.96
N ALA B 50 -0.58 3.60 -33.16
CA ALA B 50 -1.78 4.08 -32.47
C ALA B 50 -2.95 3.12 -32.68
N VAL B 51 -3.19 2.71 -33.92
CA VAL B 51 -4.34 1.83 -34.14
C VAL B 51 -4.19 0.53 -33.36
N GLU B 52 -3.05 -0.16 -33.55
CA GLU B 52 -2.92 -1.46 -32.90
C GLU B 52 -3.06 -1.33 -31.38
N VAL B 53 -2.51 -0.24 -30.80
CA VAL B 53 -2.60 -0.02 -29.36
C VAL B 53 -4.04 0.10 -28.95
N TRP B 54 -4.82 0.84 -29.74
CA TRP B 54 -6.22 1.05 -29.45
C TRP B 54 -6.96 -0.28 -29.43
N LEU B 55 -6.98 -1.00 -30.55
CA LEU B 55 -7.96 -2.07 -30.69
C LEU B 55 -7.94 -3.05 -29.51
N ASP B 56 -6.75 -3.35 -28.98
CA ASP B 56 -6.56 -4.41 -27.98
C ASP B 56 -5.82 -3.85 -26.77
N PRO B 57 -6.51 -3.11 -25.92
CA PRO B 57 -5.86 -2.59 -24.71
C PRO B 57 -5.57 -3.70 -23.71
N SER B 58 -4.61 -3.43 -22.83
CA SER B 58 -4.18 -4.31 -21.74
C SER B 58 -3.59 -5.63 -22.23
N SER B 59 -3.09 -5.69 -23.46
CA SER B 59 -2.40 -6.88 -23.94
C SER B 59 -0.90 -6.60 -23.95
N SER B 60 -0.15 -7.28 -23.09
CA SER B 60 1.26 -6.98 -22.88
C SER B 60 2.24 -7.07 -24.05
N ASP B 61 2.15 -8.10 -24.89
CA ASP B 61 3.11 -8.17 -25.99
C ASP B 61 2.92 -6.98 -26.92
N VAL B 62 1.67 -6.67 -27.23
CA VAL B 62 1.36 -5.57 -28.12
C VAL B 62 1.82 -4.24 -27.53
N ASN B 63 1.57 -4.08 -26.23
CA ASN B 63 1.96 -2.86 -25.55
C ASN B 63 3.47 -2.69 -25.58
N GLU B 64 4.18 -3.79 -25.35
CA GLU B 64 5.63 -3.76 -25.36
C GLU B 64 6.13 -3.35 -26.73
N ALA B 65 5.53 -3.91 -27.77
CA ALA B 65 5.94 -3.57 -29.12
C ALA B 65 5.70 -2.09 -29.42
N LEU B 66 4.55 -1.59 -28.98
CA LEU B 66 4.18 -0.20 -29.22
C LEU B 66 5.08 0.86 -28.58
N LYS B 67 5.47 0.62 -27.33
CA LYS B 67 6.30 1.58 -26.62
C LYS B 67 7.69 1.65 -27.23
N LEU B 68 8.27 0.48 -27.47
CA LEU B 68 9.58 0.43 -28.11
C LEU B 68 9.56 1.11 -29.48
N ILE B 69 8.48 0.91 -30.23
CA ILE B 69 8.37 1.49 -31.57
C ILE B 69 8.33 3.01 -31.50
N VAL B 70 7.45 3.55 -30.65
CA VAL B 70 7.34 5.00 -30.56
C VAL B 70 8.63 5.61 -30.03
N GLU B 71 9.35 4.87 -29.20
CA GLU B 71 10.68 5.32 -28.77
C GLU B 71 11.61 5.43 -29.97
N ALA B 72 11.64 4.39 -30.80
CA ALA B 72 12.46 4.42 -32.01
C ALA B 72 12.11 5.63 -32.87
N ILE B 73 10.82 5.94 -32.96
CA ILE B 73 10.39 7.05 -33.81
C ILE B 73 10.88 8.37 -33.25
N GLU B 74 10.72 8.57 -31.94
CA GLU B 74 11.25 9.78 -31.31
C GLU B 74 12.73 9.93 -31.62
N ALA B 75 13.47 8.83 -31.48
CA ALA B 75 14.90 8.88 -31.78
C ALA B 75 15.14 9.30 -33.22
N ALA B 76 14.44 8.68 -34.16
CA ALA B 76 14.71 8.93 -35.58
C ALA B 76 14.37 10.36 -35.97
N VAL B 77 13.28 10.90 -35.43
CA VAL B 77 12.92 12.27 -35.78
C VAL B 77 13.93 13.24 -35.20
N ARG B 78 14.37 13.01 -33.95
CA ARG B 78 15.48 13.79 -33.41
C ARG B 78 16.68 13.73 -34.34
N ALA B 79 16.99 12.55 -34.84
CA ALA B 79 18.13 12.40 -35.73
C ALA B 79 18.00 13.18 -37.03
N LEU B 80 16.83 13.09 -37.66
CA LEU B 80 16.58 13.78 -38.92
C LEU B 80 16.68 15.27 -38.74
N GLU B 81 16.12 15.72 -37.63
CA GLU B 81 16.06 17.14 -37.28
C GLU B 81 17.45 17.71 -37.08
N ALA B 82 18.23 17.11 -36.17
CA ALA B 82 19.58 17.61 -35.92
C ALA B 82 20.45 17.51 -37.16
N ALA B 83 20.22 16.48 -38.00
CA ALA B 83 20.98 16.34 -39.23
C ALA B 83 20.79 17.55 -40.12
N GLU B 84 19.54 17.86 -40.46
CA GLU B 84 19.29 19.03 -41.29
C GLU B 84 19.71 20.31 -40.55
N ARG B 85 19.72 20.27 -39.23
CA ARG B 85 20.20 21.43 -38.46
C ARG B 85 21.67 21.68 -38.70
N THR B 86 22.46 20.61 -38.85
CA THR B 86 23.89 20.78 -39.10
C THR B 86 24.17 21.28 -40.51
N GLY B 87 23.52 20.68 -41.51
CA GLY B 87 23.64 21.14 -42.89
C GLY B 87 24.80 20.58 -43.67
N ASP B 88 25.60 19.71 -43.10
CA ASP B 88 26.76 19.15 -43.80
C ASP B 88 26.33 17.96 -44.67
N PRO B 89 26.64 17.97 -45.97
CA PRO B 89 26.17 16.88 -46.85
C PRO B 89 26.51 15.47 -46.37
N GLU B 90 27.79 15.21 -46.05
CA GLU B 90 28.19 13.88 -45.64
C GLU B 90 27.32 13.35 -44.50
N VAL B 91 27.34 14.05 -43.36
CA VAL B 91 26.54 13.62 -42.21
C VAL B 91 25.06 13.63 -42.54
N ARG B 92 24.61 14.48 -43.46
CA ARG B 92 23.20 14.52 -43.79
C ARG B 92 22.75 13.22 -44.43
N GLU B 93 23.43 12.81 -45.51
CA GLU B 93 23.10 11.52 -46.11
C GLU B 93 23.29 10.38 -45.11
N LEU B 94 24.30 10.49 -44.26
CA LEU B 94 24.52 9.46 -43.24
C LEU B 94 23.28 9.29 -42.37
N ALA B 95 22.87 10.37 -41.70
CA ALA B 95 21.72 10.30 -40.82
C ALA B 95 20.46 9.91 -41.58
N ARG B 96 20.36 10.29 -42.85
CA ARG B 96 19.20 9.89 -43.64
C ARG B 96 19.13 8.37 -43.76
N GLU B 97 20.23 7.74 -44.17
CA GLU B 97 20.23 6.29 -44.24
C GLU B 97 20.04 5.68 -42.85
N LEU B 98 20.51 6.38 -41.82
CA LEU B 98 20.33 5.90 -40.45
C LEU B 98 18.84 5.76 -40.12
N VAL B 99 18.09 6.85 -40.32
CA VAL B 99 16.66 6.80 -40.01
C VAL B 99 15.96 5.81 -40.93
N ARG B 100 16.48 5.60 -42.14
CA ARG B 100 15.93 4.57 -43.00
C ARG B 100 16.10 3.19 -42.37
N LEU B 101 17.28 2.91 -41.81
CA LEU B 101 17.48 1.67 -41.09
C LEU B 101 16.49 1.54 -39.96
N ALA B 102 16.29 2.63 -39.22
CA ALA B 102 15.34 2.62 -38.11
C ALA B 102 13.95 2.20 -38.57
N VAL B 103 13.44 2.85 -39.63
CA VAL B 103 12.08 2.57 -40.06
C VAL B 103 11.96 1.19 -40.67
N GLU B 104 13.02 0.70 -41.32
CA GLU B 104 12.97 -0.67 -41.84
C GLU B 104 12.85 -1.68 -40.70
N ALA B 105 13.64 -1.48 -39.65
CA ALA B 105 13.54 -2.36 -38.48
C ALA B 105 12.14 -2.28 -37.87
N ALA B 106 11.62 -1.06 -37.74
CA ALA B 106 10.29 -0.90 -37.15
C ALA B 106 9.22 -1.58 -37.99
N GLU B 107 9.37 -1.52 -39.32
CA GLU B 107 8.44 -2.23 -40.19
C GLU B 107 8.50 -3.72 -39.95
N GLU B 108 9.72 -4.26 -39.87
CA GLU B 108 9.87 -5.67 -39.55
C GLU B 108 9.21 -6.02 -38.22
N VAL B 109 9.22 -5.08 -37.27
CA VAL B 109 8.51 -5.28 -36.02
C VAL B 109 7.01 -5.34 -36.25
N GLN B 110 6.47 -4.35 -36.96
CA GLN B 110 5.03 -4.30 -37.18
C GLN B 110 4.53 -5.52 -37.93
N ARG B 111 5.39 -6.14 -38.74
CA ARG B 111 5.01 -7.40 -39.37
C ARG B 111 5.04 -8.56 -38.39
N ASN B 112 5.97 -8.53 -37.43
CA ASN B 112 6.11 -9.63 -36.47
C ASN B 112 6.28 -9.08 -35.06
N PRO B 113 5.28 -9.22 -34.20
CA PRO B 113 5.34 -8.62 -32.86
C PRO B 113 5.93 -9.52 -31.79
N SER B 114 6.41 -10.72 -32.13
CA SER B 114 6.92 -11.62 -31.10
C SER B 114 8.20 -12.32 -31.52
N SER B 115 8.96 -11.77 -32.46
CA SER B 115 10.28 -12.29 -32.80
C SER B 115 11.31 -11.54 -31.96
N SER B 116 11.98 -12.26 -31.07
CA SER B 116 12.81 -11.60 -30.07
C SER B 116 14.02 -10.92 -30.70
N ASP B 117 14.67 -11.58 -31.65
CA ASP B 117 15.92 -11.06 -32.19
C ASP B 117 15.70 -9.72 -32.88
N VAL B 118 14.58 -9.55 -33.57
CA VAL B 118 14.34 -8.27 -34.25
C VAL B 118 13.99 -7.19 -33.23
N ASN B 119 13.33 -7.57 -32.13
CA ASN B 119 13.14 -6.62 -31.03
C ASN B 119 14.48 -6.11 -30.53
N GLU B 120 15.41 -7.03 -30.27
CA GLU B 120 16.72 -6.63 -29.77
C GLU B 120 17.49 -5.83 -30.81
N ALA B 121 17.31 -6.17 -32.08
CA ALA B 121 17.97 -5.44 -33.16
C ALA B 121 17.50 -3.99 -33.18
N LEU B 122 16.18 -3.79 -33.10
CA LEU B 122 15.68 -2.42 -33.02
C LEU B 122 16.21 -1.74 -31.77
N LYS B 123 16.30 -2.46 -30.66
CA LYS B 123 16.85 -1.88 -29.44
C LYS B 123 18.24 -1.31 -29.70
N LEU B 124 19.12 -2.16 -30.24
CA LEU B 124 20.48 -1.74 -30.54
C LEU B 124 20.51 -0.55 -31.49
N ILE B 125 19.65 -0.57 -32.51
CA ILE B 125 19.66 0.51 -33.49
C ILE B 125 19.20 1.82 -32.85
N VAL B 126 18.18 1.76 -32.00
CA VAL B 126 17.74 2.93 -31.24
C VAL B 126 18.89 3.49 -30.43
N ILE B 127 19.64 2.60 -29.77
CA ILE B 127 20.76 3.04 -28.95
C ILE B 127 21.79 3.75 -29.82
N ALA B 128 22.12 3.14 -30.97
CA ALA B 128 23.09 3.74 -31.87
C ALA B 128 22.64 5.11 -32.35
N ILE B 129 21.33 5.26 -32.59
CA ILE B 129 20.81 6.52 -33.08
C ILE B 129 20.91 7.59 -31.98
N GLU B 130 20.53 7.22 -30.76
CA GLU B 130 20.72 8.14 -29.64
C GLU B 130 22.17 8.54 -29.50
N ALA B 131 23.08 7.60 -29.72
CA ALA B 131 24.50 7.91 -29.67
C ALA B 131 24.88 8.94 -30.73
N ALA B 132 24.49 8.68 -31.97
CA ALA B 132 24.84 9.59 -33.05
C ALA B 132 24.29 10.99 -32.81
N VAL B 133 23.05 11.08 -32.33
CA VAL B 133 22.46 12.41 -32.12
C VAL B 133 23.13 13.11 -30.96
N ARG B 134 23.53 12.36 -29.92
CA ARG B 134 24.31 12.96 -28.85
C ARG B 134 25.61 13.53 -29.38
N ALA B 135 26.29 12.77 -30.24
CA ALA B 135 27.55 13.24 -30.81
C ALA B 135 27.35 14.51 -31.63
N LEU B 136 26.31 14.53 -32.46
CA LEU B 136 26.07 15.70 -33.30
C LEU B 136 25.72 16.92 -32.45
N GLU B 137 24.91 16.74 -31.41
CA GLU B 137 24.60 17.84 -30.52
C GLU B 137 25.86 18.38 -29.85
N ALA B 138 26.71 17.47 -29.36
CA ALA B 138 27.95 17.89 -28.72
C ALA B 138 28.81 18.69 -29.68
N ALA B 139 28.97 18.18 -30.91
CA ALA B 139 29.75 18.89 -31.92
C ALA B 139 29.17 20.27 -32.18
N GLU B 140 27.84 20.38 -32.30
CA GLU B 140 27.22 21.67 -32.53
C GLU B 140 27.49 22.63 -31.38
N ARG B 141 27.44 22.11 -30.14
CA ARG B 141 27.63 22.98 -28.99
C ARG B 141 29.06 23.49 -28.90
N THR B 142 30.03 22.63 -29.24
CA THR B 142 31.42 23.09 -29.19
C THR B 142 31.80 23.86 -30.44
N GLY B 143 31.28 23.46 -31.59
CA GLY B 143 31.67 24.10 -32.84
C GLY B 143 33.15 24.00 -33.13
N ASP B 144 33.72 22.79 -33.01
CA ASP B 144 35.13 22.50 -33.15
C ASP B 144 35.39 21.59 -34.35
N PRO B 145 36.28 21.99 -35.26
CA PRO B 145 36.52 21.16 -36.46
C PRO B 145 36.90 19.72 -36.17
N GLU B 146 37.90 19.51 -35.29
CA GLU B 146 38.29 18.15 -34.96
C GLU B 146 37.14 17.38 -34.35
N VAL B 147 36.35 18.03 -33.49
CA VAL B 147 35.17 17.39 -32.94
C VAL B 147 34.22 16.98 -34.06
N ARG B 148 34.10 17.83 -35.09
CA ARG B 148 33.18 17.54 -36.17
C ARG B 148 33.64 16.33 -37.00
N GLU B 149 34.94 16.26 -37.31
CA GLU B 149 35.41 15.12 -38.07
C GLU B 149 35.29 13.83 -37.25
N LEU B 150 35.54 13.93 -35.94
CA LEU B 150 35.35 12.76 -35.09
C LEU B 150 33.88 12.34 -35.04
N ALA B 151 32.97 13.31 -35.02
CA ALA B 151 31.55 13.00 -35.04
C ALA B 151 31.17 12.29 -36.33
N ARG B 152 31.66 12.80 -37.46
CA ARG B 152 31.44 12.10 -38.73
C ARG B 152 31.98 10.68 -38.66
N GLU B 153 33.15 10.50 -38.04
CA GLU B 153 33.76 9.19 -37.95
C GLU B 153 32.87 8.22 -37.18
N LEU B 154 32.49 8.58 -35.96
CA LEU B 154 31.69 7.65 -35.17
C LEU B 154 30.28 7.51 -35.71
N VAL B 155 29.77 8.50 -36.45
CA VAL B 155 28.48 8.32 -37.10
C VAL B 155 28.60 7.30 -38.22
N ARG B 156 29.68 7.35 -38.98
CA ARG B 156 29.99 6.29 -39.93
C ARG B 156 29.96 4.94 -39.22
N LEU B 157 30.66 4.86 -38.09
CA LEU B 157 30.67 3.62 -37.31
C LEU B 157 29.25 3.18 -36.97
N ALA B 158 28.43 4.12 -36.49
CA ALA B 158 27.08 3.80 -36.06
C ALA B 158 26.25 3.27 -37.22
N VAL B 159 26.32 3.94 -38.37
CA VAL B 159 25.49 3.53 -39.51
C VAL B 159 25.95 2.18 -40.02
N GLU B 160 27.27 1.92 -39.99
CA GLU B 160 27.76 0.62 -40.47
C GLU B 160 27.34 -0.49 -39.53
N ALA B 161 27.45 -0.25 -38.22
CA ALA B 161 27.04 -1.24 -37.23
C ALA B 161 25.55 -1.53 -37.33
N ALA B 162 24.74 -0.48 -37.48
CA ALA B 162 23.29 -0.66 -37.60
C ALA B 162 22.96 -1.41 -38.88
N GLU B 163 23.63 -1.07 -39.98
CA GLU B 163 23.44 -1.82 -41.23
C GLU B 163 23.70 -3.30 -41.01
N GLU B 164 24.82 -3.61 -40.35
CA GLU B 164 25.17 -5.02 -40.17
C GLU B 164 24.16 -5.74 -39.27
N VAL B 165 23.71 -5.10 -38.19
CA VAL B 165 22.75 -5.76 -37.32
C VAL B 165 21.41 -5.91 -38.03
N GLN B 166 21.10 -4.99 -38.94
CA GLN B 166 19.87 -5.10 -39.71
C GLN B 166 19.93 -6.24 -40.69
N ARG B 167 21.10 -6.48 -41.27
CA ARG B 167 21.23 -7.52 -42.29
C ARG B 167 20.82 -8.88 -41.74
N ASN B 168 21.48 -9.32 -40.67
CA ASN B 168 21.23 -10.65 -40.12
C ASN B 168 20.83 -10.54 -38.65
N PRO B 169 19.67 -11.04 -38.26
CA PRO B 169 19.38 -11.12 -36.81
C PRO B 169 20.17 -12.21 -36.11
N SER B 170 20.69 -13.16 -36.88
CA SER B 170 21.35 -14.37 -36.37
C SER B 170 22.83 -14.13 -36.12
N SER B 171 23.58 -15.24 -36.04
CA SER B 171 25.03 -15.22 -35.91
C SER B 171 25.53 -14.62 -34.60
N GLU B 172 25.43 -15.40 -33.52
CA GLU B 172 25.90 -14.98 -32.19
C GLU B 172 27.16 -14.13 -32.27
N GLU B 173 28.20 -14.63 -32.96
CA GLU B 173 29.48 -13.96 -32.95
C GLU B 173 29.39 -12.56 -33.57
N VAL B 174 28.77 -12.45 -34.74
CA VAL B 174 28.60 -11.14 -35.33
C VAL B 174 27.74 -10.27 -34.42
N ASN B 175 26.74 -10.87 -33.77
CA ASN B 175 25.92 -10.12 -32.83
C ASN B 175 26.76 -9.55 -31.69
N GLU B 176 27.62 -10.37 -31.08
CA GLU B 176 28.42 -9.87 -29.97
C GLU B 176 29.40 -8.81 -30.44
N ALA B 177 29.98 -8.98 -31.62
CA ALA B 177 30.90 -7.97 -32.13
C ALA B 177 30.18 -6.64 -32.34
N LEU B 178 28.97 -6.69 -32.89
CA LEU B 178 28.21 -5.46 -33.09
C LEU B 178 27.82 -4.82 -31.77
N ARG B 179 27.44 -5.64 -30.79
CA ARG B 179 27.13 -5.11 -29.48
C ARG B 179 28.32 -4.38 -28.90
N LYS B 180 29.50 -4.98 -28.98
CA LYS B 180 30.71 -4.32 -28.50
C LYS B 180 30.96 -3.01 -29.25
N ILE B 181 30.73 -3.01 -30.57
CA ILE B 181 30.87 -1.79 -31.34
C ILE B 181 29.98 -0.69 -30.78
N ILE B 182 28.71 -1.01 -30.55
CA ILE B 182 27.76 -0.03 -30.04
C ILE B 182 28.22 0.48 -28.68
N LYS B 183 28.73 -0.43 -27.85
CA LYS B 183 29.24 -0.02 -26.54
C LYS B 183 30.37 0.97 -26.70
N LEU B 184 31.31 0.70 -27.60
CA LEU B 184 32.43 1.60 -27.80
C LEU B 184 31.97 2.96 -28.31
N ILE B 185 30.96 2.98 -29.18
CA ILE B 185 30.46 4.24 -29.70
C ILE B 185 29.84 5.06 -28.58
N LEU B 186 29.00 4.42 -27.77
CA LEU B 186 28.43 5.11 -26.62
C LEU B 186 29.52 5.64 -25.70
N PHE B 187 30.55 4.83 -25.46
CA PHE B 187 31.66 5.26 -24.62
C PHE B 187 32.30 6.52 -25.19
N ALA B 188 32.58 6.51 -26.48
CA ALA B 188 33.22 7.66 -27.11
C ALA B 188 32.36 8.91 -26.98
N VAL B 189 31.06 8.78 -27.21
CA VAL B 189 30.22 9.98 -27.19
C VAL B 189 30.11 10.50 -25.76
N MET B 190 30.03 9.60 -24.77
CA MET B 190 29.97 10.06 -23.39
C MET B 190 31.24 10.80 -23.00
N VAL B 191 32.41 10.21 -23.31
CA VAL B 191 33.65 10.85 -22.89
C VAL B 191 33.85 12.15 -23.64
N LEU B 192 33.29 12.26 -24.85
CA LEU B 192 33.33 13.53 -25.57
C LEU B 192 32.48 14.57 -24.87
N GLU B 193 31.27 14.18 -24.46
CA GLU B 193 30.42 15.09 -23.70
C GLU B 193 31.13 15.59 -22.45
N LEU B 194 31.78 14.68 -21.73
CA LEU B 194 32.49 15.08 -20.51
C LEU B 194 33.60 16.06 -20.83
N ALA B 195 34.47 15.71 -21.80
CA ALA B 195 35.53 16.63 -22.19
C ALA B 195 34.97 18.00 -22.54
N GLU B 196 33.80 18.03 -23.18
CA GLU B 196 33.16 19.30 -23.49
C GLU B 196 32.73 20.02 -22.21
N GLU B 197 32.32 19.26 -21.19
CA GLU B 197 31.83 19.90 -19.98
C GLU B 197 32.96 20.58 -19.21
N ILE B 198 34.17 20.03 -19.30
CA ILE B 198 35.32 20.62 -18.62
C ILE B 198 36.14 21.50 -19.54
N GLY B 199 35.95 21.40 -20.85
CA GLY B 199 36.72 22.21 -21.78
C GLY B 199 38.19 21.82 -21.82
N ASP B 200 38.48 20.52 -21.86
CA ASP B 200 39.85 20.03 -21.94
C ASP B 200 40.00 19.13 -23.14
N PRO B 201 40.94 19.42 -24.05
CA PRO B 201 41.09 18.59 -25.25
C PRO B 201 41.86 17.30 -25.03
N THR B 202 42.55 17.18 -23.89
CA THR B 202 43.33 15.97 -23.63
C THR B 202 42.44 14.74 -23.58
N TRP B 203 41.32 14.85 -22.87
CA TRP B 203 40.39 13.73 -22.86
C TRP B 203 39.70 13.57 -24.21
N ARG B 204 39.63 14.62 -25.02
CA ARG B 204 39.20 14.44 -26.40
C ARG B 204 40.18 13.54 -27.15
N GLU B 205 41.47 13.67 -26.87
CA GLU B 205 42.46 12.77 -27.46
C GLU B 205 42.27 11.35 -26.93
N MET B 206 41.95 11.22 -25.66
CA MET B 206 41.62 9.89 -25.12
C MET B 206 40.43 9.29 -25.88
N ALA B 207 39.40 10.10 -26.12
CA ALA B 207 38.25 9.65 -26.89
C ALA B 207 38.65 9.25 -28.29
N ARG B 208 39.56 10.01 -28.91
CA ARG B 208 40.06 9.66 -30.22
C ARG B 208 40.72 8.28 -30.21
N ARG B 209 41.50 8.02 -29.16
CA ARG B 209 42.08 6.68 -29.00
C ARG B 209 40.99 5.62 -28.91
N ALA B 210 39.95 5.90 -28.12
CA ALA B 210 38.86 4.95 -27.95
C ALA B 210 38.20 4.63 -29.29
N VAL B 211 37.82 5.66 -30.04
CA VAL B 211 37.13 5.45 -31.30
C VAL B 211 38.06 4.83 -32.34
N ARG B 212 39.36 5.10 -32.24
CA ARG B 212 40.31 4.46 -33.15
C ARG B 212 40.33 2.95 -32.91
N GLU B 213 40.39 2.55 -31.64
CA GLU B 213 40.24 1.14 -31.31
C GLU B 213 38.92 0.60 -31.86
N ALA B 214 37.85 1.37 -31.69
CA ALA B 214 36.52 0.95 -32.12
C ALA B 214 36.49 0.68 -33.62
N VAL B 215 37.03 1.60 -34.41
CA VAL B 215 36.95 1.47 -35.87
C VAL B 215 37.88 0.37 -36.36
N GLU B 216 39.05 0.22 -35.73
CA GLU B 216 39.90 -0.91 -36.05
C GLU B 216 39.16 -2.22 -35.81
N LEU B 217 38.40 -2.30 -34.73
CA LEU B 217 37.57 -3.48 -34.48
C LEU B 217 36.54 -3.66 -35.60
N ALA B 218 35.74 -2.62 -35.85
CA ALA B 218 34.68 -2.69 -36.84
C ALA B 218 35.20 -3.14 -38.20
N GLU B 219 36.44 -2.76 -38.53
CA GLU B 219 37.03 -3.17 -39.81
C GLU B 219 37.00 -4.69 -39.96
N GLU B 220 37.53 -5.41 -38.96
CA GLU B 220 37.48 -6.86 -39.02
C GLU B 220 36.07 -7.39 -38.83
N VAL B 221 35.22 -6.65 -38.12
CA VAL B 221 33.83 -7.07 -37.97
C VAL B 221 33.12 -7.10 -39.32
N GLN B 222 33.55 -6.24 -40.25
CA GLN B 222 33.01 -6.30 -41.60
C GLN B 222 33.18 -7.69 -42.19
N ARG B 223 34.23 -8.41 -41.79
CA ARG B 223 34.47 -9.76 -42.29
C ARG B 223 34.78 -10.71 -41.14
N ASP C 5 12.98 0.46 -13.81
CA ASP C 5 13.58 1.24 -12.73
C ASP C 5 14.39 2.41 -13.29
N GLU C 6 13.77 3.18 -14.18
CA GLU C 6 14.45 4.31 -14.79
C GLU C 6 14.93 5.32 -13.75
N GLU C 7 14.22 5.43 -12.63
CA GLU C 7 14.65 6.36 -11.58
C GLU C 7 16.01 5.96 -11.02
N GLU C 8 16.15 4.70 -10.58
CA GLU C 8 17.43 4.22 -10.08
C GLU C 8 18.50 4.24 -11.17
N ALA C 9 18.10 3.92 -12.40
CA ALA C 9 19.04 3.95 -13.51
C ALA C 9 19.66 5.33 -13.67
N ARG C 10 18.82 6.35 -13.82
CA ARG C 10 19.30 7.72 -13.95
C ARG C 10 20.07 8.17 -12.72
N GLU C 11 19.67 7.72 -11.53
CA GLU C 11 20.39 8.06 -10.32
C GLU C 11 21.83 7.55 -10.38
N LEU C 12 21.99 6.25 -10.65
CA LEU C 12 23.32 5.67 -10.79
C LEU C 12 24.12 6.36 -11.88
N GLU C 13 23.46 6.69 -13.00
CA GLU C 13 24.15 7.32 -14.12
C GLU C 13 24.71 8.68 -13.71
N GLU C 14 23.89 9.52 -13.09
CA GLU C 14 24.36 10.82 -12.62
C GLU C 14 25.45 10.67 -11.57
N ARG C 15 25.35 9.64 -10.73
CA ARG C 15 26.41 9.40 -9.76
C ARG C 15 27.73 9.12 -10.47
N ALA C 16 27.68 8.30 -11.52
CA ALA C 16 28.89 7.99 -12.26
C ALA C 16 29.46 9.25 -12.91
N ARG C 17 28.58 10.07 -13.49
CA ARG C 17 29.03 11.30 -14.14
C ARG C 17 29.67 12.25 -13.15
N GLU C 18 29.06 12.38 -11.97
CA GLU C 18 29.60 13.26 -10.94
C GLU C 18 30.95 12.77 -10.46
N ALA C 19 31.08 11.46 -10.26
CA ALA C 19 32.37 10.89 -9.88
C ALA C 19 33.44 11.25 -10.90
N ALA C 20 33.14 11.01 -12.18
CA ALA C 20 34.14 11.28 -13.22
C ALA C 20 34.51 12.74 -13.27
N LYS C 21 33.52 13.63 -13.13
CA LYS C 21 33.79 15.06 -13.19
C LYS C 21 34.69 15.49 -12.03
N ARG C 22 34.38 15.03 -10.82
CA ARG C 22 35.21 15.38 -9.67
C ARG C 22 36.62 14.82 -9.85
N ALA C 23 36.74 13.62 -10.40
CA ALA C 23 38.06 13.04 -10.64
C ALA C 23 38.87 13.92 -11.59
N ILE C 24 38.25 14.32 -12.70
CA ILE C 24 38.95 15.12 -13.69
C ILE C 24 39.33 16.49 -13.11
N GLU C 25 38.45 17.08 -12.31
CA GLU C 25 38.80 18.33 -11.65
C GLU C 25 40.02 18.14 -10.77
N ALA C 26 40.04 17.10 -9.94
CA ALA C 26 41.18 16.87 -9.06
C ALA C 26 42.46 16.68 -9.86
N ALA C 27 42.37 15.90 -10.95
CA ALA C 27 43.55 15.65 -11.77
C ALA C 27 44.09 16.93 -12.38
N LYS C 28 43.20 17.76 -12.93
CA LYS C 28 43.65 19.07 -13.43
C LYS C 28 44.28 19.89 -12.31
N ARG C 29 43.72 19.80 -11.10
CA ARG C 29 44.21 20.61 -10.01
C ARG C 29 45.63 20.23 -9.62
N THR C 30 45.92 18.93 -9.57
CA THR C 30 47.22 18.50 -9.03
C THR C 30 48.36 18.79 -10.02
N GLY C 31 48.06 18.75 -11.31
CA GLY C 31 49.13 18.85 -12.31
C GLY C 31 50.24 17.84 -12.11
N ASP C 32 49.89 16.58 -11.88
CA ASP C 32 50.84 15.51 -11.63
C ASP C 32 50.62 14.40 -12.65
N PRO C 33 51.64 14.03 -13.44
CA PRO C 33 51.44 12.97 -14.43
C PRO C 33 50.89 11.68 -13.85
N ARG C 34 51.37 11.29 -12.67
CA ARG C 34 50.89 10.05 -12.05
C ARG C 34 49.40 10.15 -11.73
N VAL C 35 49.01 11.17 -10.99
CA VAL C 35 47.60 11.38 -10.67
C VAL C 35 46.78 11.47 -11.95
N ARG C 36 47.37 12.05 -13.01
CA ARG C 36 46.68 12.14 -14.29
C ARG C 36 46.36 10.76 -14.84
N GLU C 37 47.37 9.90 -14.92
CA GLU C 37 47.14 8.54 -15.42
C GLU C 37 46.11 7.82 -14.55
N LEU C 38 46.18 8.04 -13.22
CA LEU C 38 45.23 7.39 -12.33
C LEU C 38 43.80 7.84 -12.62
N ALA C 39 43.60 9.16 -12.72
CA ALA C 39 42.27 9.70 -12.98
C ALA C 39 41.74 9.19 -14.31
N GLU C 40 42.62 9.02 -15.29
CA GLU C 40 42.17 8.48 -16.57
C GLU C 40 41.73 7.03 -16.43
N GLU C 41 42.58 6.20 -15.80
CA GLU C 41 42.22 4.81 -15.57
C GLU C 41 40.95 4.68 -14.76
N LEU C 42 40.57 5.73 -14.03
CA LEU C 42 39.34 5.75 -13.25
C LEU C 42 38.13 6.16 -14.08
N VAL C 43 38.21 7.33 -14.71
CA VAL C 43 37.11 7.83 -15.53
C VAL C 43 36.74 6.82 -16.61
N LYS C 44 37.71 6.05 -17.09
CA LYS C 44 37.39 5.05 -18.10
C LYS C 44 36.34 4.08 -17.59
N LEU C 45 36.59 3.47 -16.42
CA LEU C 45 35.63 2.50 -15.91
C LEU C 45 34.35 3.16 -15.43
N ALA C 46 34.43 4.43 -15.02
CA ALA C 46 33.19 5.15 -14.72
C ALA C 46 32.28 5.23 -15.95
N ILE C 47 32.85 5.67 -17.07
CA ILE C 47 32.05 5.80 -18.29
C ILE C 47 31.61 4.43 -18.79
N TRP C 48 32.46 3.42 -18.65
CA TRP C 48 32.05 2.09 -19.02
C TRP C 48 30.90 1.61 -18.16
N ALA C 49 30.88 2.00 -16.89
CA ALA C 49 29.74 1.72 -16.06
C ALA C 49 28.49 2.32 -16.67
N ALA C 50 28.55 3.63 -16.96
CA ALA C 50 27.40 4.29 -17.58
C ALA C 50 26.91 3.54 -18.80
N VAL C 51 27.83 3.15 -19.69
CA VAL C 51 27.37 2.47 -20.90
C VAL C 51 26.66 1.17 -20.54
N GLU C 52 27.34 0.30 -19.78
CA GLU C 52 26.74 -1.00 -19.50
C GLU C 52 25.38 -0.84 -18.83
N VAL C 53 25.24 0.15 -17.93
CA VAL C 53 23.97 0.39 -17.24
C VAL C 53 22.91 0.73 -18.26
N TRP C 54 23.26 1.58 -19.21
CA TRP C 54 22.33 2.01 -20.23
C TRP C 54 21.82 0.81 -21.03
N LEU C 55 22.72 0.10 -21.71
CA LEU C 55 22.26 -0.81 -22.76
C LEU C 55 21.17 -1.78 -22.27
N ASP C 56 21.29 -2.25 -21.03
CA ASP C 56 20.43 -3.33 -20.50
C ASP C 56 19.81 -2.89 -19.19
N PRO C 57 18.78 -2.05 -19.24
CA PRO C 57 18.12 -1.63 -18.01
C PRO C 57 17.31 -2.77 -17.40
N SER C 58 17.05 -2.65 -16.10
CA SER C 58 16.26 -3.58 -15.30
C SER C 58 16.86 -4.98 -15.22
N SER C 59 18.16 -5.13 -15.42
CA SER C 59 18.83 -6.41 -15.24
C SER C 59 19.62 -6.36 -13.93
N SER C 60 19.18 -7.15 -12.95
CA SER C 60 19.74 -7.08 -11.60
C SER C 60 21.23 -7.33 -11.37
N ASP C 61 21.83 -8.33 -12.02
CA ASP C 61 23.25 -8.55 -11.76
C ASP C 61 24.06 -7.34 -12.23
N VAL C 62 23.73 -6.85 -13.41
CA VAL C 62 24.43 -5.71 -13.98
C VAL C 62 24.25 -4.47 -13.12
N ASN C 63 23.03 -4.27 -12.64
CA ASN C 63 22.73 -3.12 -11.81
C ASN C 63 23.52 -3.20 -10.51
N GLU C 64 23.60 -4.39 -9.94
CA GLU C 64 24.33 -4.58 -8.71
C GLU C 64 25.80 -4.27 -8.92
N ALA C 65 26.34 -4.72 -10.04
CA ALA C 65 27.75 -4.46 -10.32
C ALA C 65 28.00 -2.97 -10.49
N LEU C 66 27.08 -2.29 -11.17
CA LEU C 66 27.23 -0.85 -11.42
C LEU C 66 27.21 0.05 -10.20
N LYS C 67 26.32 -0.25 -9.26
CA LYS C 67 26.19 0.58 -8.06
C LYS C 67 27.41 0.42 -7.18
N LEU C 68 27.82 -0.82 -6.96
CA LEU C 68 29.02 -1.08 -6.18
C LEU C 68 30.24 -0.41 -6.80
N ILE C 69 30.34 -0.44 -8.13
CA ILE C 69 31.49 0.15 -8.82
C ILE C 69 31.53 1.66 -8.61
N VAL C 70 30.40 2.33 -8.87
CA VAL C 70 30.37 3.79 -8.73
C VAL C 70 30.63 4.18 -7.27
N GLU C 71 30.21 3.33 -6.33
CA GLU C 71 30.54 3.58 -4.93
C GLU C 71 32.05 3.54 -4.73
N ALA C 72 32.69 2.49 -5.25
CA ALA C 72 34.14 2.40 -5.17
C ALA C 72 34.81 3.64 -5.75
N ILE C 73 34.28 4.15 -6.84
CA ILE C 73 34.88 5.31 -7.50
C ILE C 73 34.75 6.55 -6.62
N GLU C 74 33.56 6.77 -6.06
CA GLU C 74 33.39 7.89 -5.14
C GLU C 74 34.40 7.81 -4.00
N ALA C 75 34.56 6.60 -3.45
CA ALA C 75 35.54 6.41 -2.39
C ALA C 75 36.94 6.80 -2.84
N ALA C 76 37.35 6.28 -4.00
CA ALA C 76 38.72 6.49 -4.46
C ALA C 76 39.01 7.95 -4.76
N VAL C 77 38.04 8.66 -5.34
CA VAL C 77 38.28 10.07 -5.64
C VAL C 77 38.35 10.88 -4.35
N ARG C 78 37.48 10.58 -3.38
CA ARG C 78 37.63 11.17 -2.06
C ARG C 78 39.03 10.93 -1.52
N ALA C 79 39.52 9.71 -1.66
CA ALA C 79 40.84 9.38 -1.16
C ALA C 79 41.97 10.16 -1.83
N LEU C 80 41.91 10.26 -3.15
CA LEU C 80 42.94 10.97 -3.91
C LEU C 80 42.95 12.43 -3.54
N GLU C 81 41.75 12.97 -3.38
CA GLU C 81 41.54 14.38 -3.08
C GLU C 81 42.11 14.72 -1.71
N ALA C 82 41.66 14.01 -0.67
CA ALA C 82 42.16 14.29 0.67
C ALA C 82 43.66 14.05 0.76
N ALA C 83 44.18 13.09 0.02
CA ALA C 83 45.61 12.81 0.02
C ALA C 83 46.39 14.03 -0.42
N GLU C 84 46.09 14.53 -1.63
CA GLU C 84 46.76 15.73 -2.10
C GLU C 84 46.44 16.93 -1.21
N ARG C 85 45.31 16.90 -0.51
CA ARG C 85 44.97 17.96 0.43
C ARG C 85 45.94 17.97 1.60
N THR C 86 46.38 16.80 2.04
CA THR C 86 47.32 16.74 3.16
C THR C 86 48.71 17.19 2.74
N GLY C 87 49.21 16.69 1.61
CA GLY C 87 50.48 17.13 1.07
C GLY C 87 51.70 16.38 1.59
N ASP C 88 51.54 15.40 2.44
CA ASP C 88 52.68 14.66 3.00
C ASP C 88 53.11 13.56 2.03
N PRO C 89 54.39 13.51 1.65
CA PRO C 89 54.82 12.51 0.66
C PRO C 89 54.47 11.07 1.00
N GLU C 90 54.80 10.61 2.21
CA GLU C 90 54.53 9.23 2.58
C GLU C 90 53.08 8.84 2.36
N VAL C 91 52.16 9.54 3.03
CA VAL C 91 50.75 9.25 2.89
C VAL C 91 50.29 9.48 1.45
N ARG C 92 50.93 10.39 0.72
CA ARG C 92 50.50 10.65 -0.65
C ARG C 92 50.73 9.44 -1.53
N GLU C 93 51.96 8.91 -1.55
CA GLU C 93 52.20 7.70 -2.32
C GLU C 93 51.35 6.55 -1.80
N LEU C 94 51.13 6.50 -0.48
CA LEU C 94 50.28 5.45 0.08
C LEU C 94 48.89 5.48 -0.55
N ALA C 95 48.20 6.61 -0.42
CA ALA C 95 46.86 6.73 -0.97
C ALA C 95 46.85 6.54 -2.47
N ARG C 96 47.92 6.92 -3.15
CA ARG C 96 47.99 6.71 -4.59
C ARG C 96 47.94 5.22 -4.91
N GLU C 97 48.79 4.43 -4.28
CA GLU C 97 48.73 2.98 -4.50
C GLU C 97 47.39 2.43 -4.04
N LEU C 98 46.79 3.04 -3.02
CA LEU C 98 45.48 2.60 -2.55
C LEU C 98 44.45 2.70 -3.67
N VAL C 99 44.32 3.89 -4.27
CA VAL C 99 43.34 4.06 -5.33
C VAL C 99 43.70 3.20 -6.53
N ARG C 100 44.99 2.91 -6.71
CA ARG C 100 45.37 1.96 -7.76
C ARG C 100 44.79 0.58 -7.48
N LEU C 101 44.88 0.13 -6.23
CA LEU C 101 44.26 -1.14 -5.86
C LEU C 101 42.78 -1.11 -6.16
N ALA C 102 42.13 0.00 -5.80
CA ALA C 102 40.70 0.15 -6.05
C ALA C 102 40.37 -0.05 -7.52
N VAL C 103 41.08 0.67 -8.40
CA VAL C 103 40.74 0.61 -9.82
C VAL C 103 41.10 -0.75 -10.41
N GLU C 104 42.15 -1.39 -9.90
CA GLU C 104 42.46 -2.74 -10.40
C GLU C 104 41.33 -3.71 -10.06
N ALA C 105 40.83 -3.64 -8.82
CA ALA C 105 39.70 -4.49 -8.44
C ALA C 105 38.49 -4.19 -9.30
N ALA C 106 38.21 -2.90 -9.52
CA ALA C 106 37.06 -2.53 -10.34
C ALA C 106 37.20 -3.04 -11.75
N GLU C 107 38.42 -3.01 -12.30
CA GLU C 107 38.65 -3.56 -13.62
C GLU C 107 38.35 -5.05 -13.65
N GLU C 108 38.84 -5.77 -12.64
CA GLU C 108 38.53 -7.19 -12.54
C GLU C 108 37.02 -7.41 -12.49
N VAL C 109 36.29 -6.49 -11.86
CA VAL C 109 34.83 -6.58 -11.86
C VAL C 109 34.28 -6.41 -13.26
N GLN C 110 34.70 -5.34 -13.95
CA GLN C 110 34.17 -5.07 -15.28
C GLN C 110 34.47 -6.20 -16.25
N ARG C 111 35.55 -6.94 -16.01
CA ARG C 111 35.81 -8.13 -16.83
C ARG C 111 34.88 -9.28 -16.45
N ASN C 112 34.52 -9.39 -15.17
CA ASN C 112 33.67 -10.49 -14.71
C ASN C 112 32.59 -9.98 -13.78
N PRO C 113 31.33 -9.95 -14.22
CA PRO C 113 30.25 -9.37 -13.41
C PRO C 113 29.55 -10.35 -12.48
N SER C 114 29.98 -11.60 -12.41
CA SER C 114 29.28 -12.57 -11.57
C SER C 114 30.23 -13.47 -10.78
N SER C 115 31.46 -13.04 -10.55
CA SER C 115 32.38 -13.76 -9.66
C SER C 115 32.22 -13.19 -8.26
N SER C 116 31.72 -14.00 -7.33
CA SER C 116 31.33 -13.48 -6.03
C SER C 116 32.55 -12.98 -5.24
N ASP C 117 33.63 -13.76 -5.24
CA ASP C 117 34.77 -13.44 -4.39
C ASP C 117 35.36 -12.07 -4.74
N VAL C 118 35.41 -11.74 -6.02
CA VAL C 118 35.98 -10.44 -6.39
C VAL C 118 35.01 -9.32 -6.03
N ASN C 119 33.71 -9.58 -6.09
CA ASN C 119 32.74 -8.61 -5.58
C ASN C 119 33.02 -8.32 -4.10
N GLU C 120 33.19 -9.36 -3.31
CA GLU C 120 33.44 -9.17 -1.89
C GLU C 120 34.80 -8.51 -1.64
N ALA C 121 35.78 -8.83 -2.50
CA ALA C 121 37.09 -8.21 -2.37
C ALA C 121 36.99 -6.70 -2.60
N LEU C 122 36.28 -6.30 -3.65
CA LEU C 122 36.07 -4.87 -3.86
C LEU C 122 35.32 -4.27 -2.68
N LYS C 123 34.35 -5.00 -2.13
CA LYS C 123 33.62 -4.50 -0.97
C LYS C 123 34.58 -4.17 0.16
N LEU C 124 35.41 -5.14 0.52
CA LEU C 124 36.39 -4.94 1.59
C LEU C 124 37.32 -3.77 1.29
N ILE C 125 37.77 -3.65 0.03
CA ILE C 125 38.70 -2.59 -0.30
C ILE C 125 38.03 -1.23 -0.19
N VAL C 126 36.79 -1.13 -0.65
CA VAL C 126 36.01 0.09 -0.48
C VAL C 126 35.93 0.47 0.98
N ILE C 127 35.66 -0.52 1.84
CA ILE C 127 35.55 -0.25 3.26
C ILE C 127 36.88 0.27 3.79
N ALA C 128 37.98 -0.38 3.41
CA ALA C 128 39.29 0.05 3.86
C ALA C 128 39.59 1.47 3.42
N ILE C 129 39.16 1.83 2.21
CA ILE C 129 39.42 3.17 1.69
C ILE C 129 38.62 4.20 2.46
N GLU C 130 37.34 3.91 2.71
CA GLU C 130 36.54 4.79 3.56
C GLU C 130 37.19 4.95 4.93
N ALA C 131 37.75 3.88 5.46
CA ALA C 131 38.44 3.96 6.74
C ALA C 131 39.62 4.91 6.66
N ALA C 132 40.48 4.72 5.66
CA ALA C 132 41.67 5.56 5.54
C ALA C 132 41.30 7.03 5.38
N VAL C 133 40.26 7.32 4.58
CA VAL C 133 39.90 8.71 4.36
C VAL C 133 39.30 9.31 5.61
N ARG C 134 38.54 8.50 6.38
CA ARG C 134 38.06 8.98 7.67
C ARG C 134 39.21 9.34 8.58
N ALA C 135 40.23 8.48 8.62
CA ALA C 135 41.38 8.74 9.47
C ALA C 135 42.10 10.02 9.06
N LEU C 136 42.29 10.21 7.75
CA LEU C 136 42.99 11.40 7.27
C LEU C 136 42.19 12.67 7.57
N GLU C 137 40.87 12.61 7.39
CA GLU C 137 40.04 13.76 7.72
C GLU C 137 40.14 14.08 9.21
N ALA C 138 40.06 13.06 10.05
CA ALA C 138 40.17 13.28 11.49
C ALA C 138 41.50 13.94 11.84
N ALA C 139 42.59 13.40 11.29
CA ALA C 139 43.91 13.98 11.54
C ALA C 139 43.95 15.44 11.10
N GLU C 140 43.40 15.74 9.92
CA GLU C 140 43.40 17.12 9.44
C GLU C 140 42.62 18.02 10.39
N ARG C 141 41.49 17.53 10.90
CA ARG C 141 40.65 18.37 11.76
C ARG C 141 41.34 18.63 13.09
N THR C 142 42.04 17.64 13.64
CA THR C 142 42.72 17.87 14.91
C THR C 142 44.06 18.58 14.69
N GLY C 143 44.77 18.25 13.62
CA GLY C 143 46.09 18.82 13.40
C GLY C 143 47.08 18.48 14.49
N ASP C 144 47.16 17.21 14.89
CA ASP C 144 47.95 16.69 15.98
C ASP C 144 49.05 15.76 15.46
N PRO C 145 50.31 16.00 15.82
CA PRO C 145 51.39 15.14 15.29
C PRO C 145 51.21 13.67 15.59
N GLU C 146 50.95 13.30 16.84
CA GLU C 146 50.74 11.89 17.18
C GLU C 146 49.57 11.31 16.40
N VAL C 147 48.50 12.09 16.24
CA VAL C 147 47.37 11.64 15.42
C VAL C 147 47.83 11.39 14.00
N ARG C 148 48.73 12.24 13.50
CA ARG C 148 49.18 12.09 12.12
C ARG C 148 50.02 10.83 11.94
N GLU C 149 50.94 10.55 12.87
CA GLU C 149 51.73 9.34 12.74
C GLU C 149 50.86 8.10 12.88
N LEU C 150 49.85 8.15 13.77
CA LEU C 150 48.93 7.03 13.88
C LEU C 150 48.13 6.85 12.59
N ALA C 151 47.73 7.95 11.96
CA ALA C 151 47.02 7.87 10.70
C ALA C 151 47.88 7.21 9.64
N ARG C 152 49.13 7.65 9.53
CA ARG C 152 50.07 6.98 8.62
C ARG C 152 50.16 5.50 8.92
N GLU C 153 50.19 5.14 10.21
CA GLU C 153 50.32 3.75 10.59
C GLU C 153 49.14 2.93 10.09
N LEU C 154 47.92 3.36 10.44
CA LEU C 154 46.76 2.57 10.04
C LEU C 154 46.51 2.65 8.54
N VAL C 155 46.97 3.69 7.87
CA VAL C 155 46.87 3.72 6.41
C VAL C 155 47.81 2.69 5.81
N ARG C 156 49.02 2.57 6.37
CA ARG C 156 49.89 1.47 5.99
C ARG C 156 49.17 0.14 6.14
N LEU C 157 48.53 -0.04 7.30
CA LEU C 157 47.77 -1.26 7.54
C LEU C 157 46.72 -1.47 6.45
N ALA C 158 45.97 -0.41 6.12
CA ALA C 158 44.90 -0.52 5.14
C ALA C 158 45.44 -0.91 3.78
N VAL C 159 46.52 -0.26 3.34
CA VAL C 159 47.06 -0.55 2.01
C VAL C 159 47.62 -1.96 1.97
N GLU C 160 48.24 -2.42 3.06
CA GLU C 160 48.78 -3.77 3.06
C GLU C 160 47.67 -4.81 3.05
N ALA C 161 46.61 -4.58 3.82
CA ALA C 161 45.48 -5.50 3.84
C ALA C 161 44.80 -5.55 2.48
N ALA C 162 44.61 -4.38 1.86
CA ALA C 162 43.98 -4.34 0.55
C ALA C 162 44.85 -5.03 -0.49
N GLU C 163 46.16 -4.81 -0.44
CA GLU C 163 47.07 -5.51 -1.33
C GLU C 163 46.90 -7.01 -1.19
N GLU C 164 46.85 -7.50 0.05
CA GLU C 164 46.76 -8.94 0.26
C GLU C 164 45.43 -9.50 -0.25
N VAL C 165 44.33 -8.79 0.00
CA VAL C 165 43.04 -9.29 -0.46
C VAL C 165 42.96 -9.22 -1.98
N GLN C 166 43.67 -8.26 -2.58
CA GLN C 166 43.71 -8.18 -4.03
C GLN C 166 44.49 -9.34 -4.63
N ARG C 167 45.57 -9.75 -3.96
CA ARG C 167 46.42 -10.80 -4.50
C ARG C 167 45.63 -12.08 -4.76
N ASN C 168 45.00 -12.62 -3.72
CA ASN C 168 44.29 -13.89 -3.83
C ASN C 168 42.84 -13.71 -3.41
N PRO C 169 41.87 -14.02 -4.27
CA PRO C 169 40.47 -14.05 -3.79
C PRO C 169 40.18 -15.25 -2.91
N SER C 170 41.02 -16.27 -2.97
CA SER C 170 40.81 -17.56 -2.33
C SER C 170 41.36 -17.56 -0.90
N SER C 171 41.57 -18.78 -0.37
CA SER C 171 42.19 -18.98 0.93
C SER C 171 41.36 -18.46 2.10
N GLU C 172 40.31 -19.21 2.47
CA GLU C 172 39.44 -18.86 3.59
C GLU C 172 40.21 -18.23 4.74
N GLU C 173 41.28 -18.89 5.20
CA GLU C 173 41.97 -18.42 6.40
C GLU C 173 42.57 -17.04 6.20
N VAL C 174 43.28 -16.84 5.08
CA VAL C 174 43.81 -15.50 4.81
C VAL C 174 42.67 -14.51 4.66
N ASN C 175 41.56 -14.94 4.06
CA ASN C 175 40.39 -14.08 3.94
C ASN C 175 39.88 -13.64 5.30
N GLU C 176 39.72 -14.58 6.23
CA GLU C 176 39.20 -14.22 7.55
C GLU C 176 40.18 -13.31 8.29
N ALA C 177 41.48 -13.59 8.16
CA ALA C 177 42.47 -12.73 8.81
C ALA C 177 42.39 -11.31 8.28
N LEU C 178 42.26 -11.16 6.96
CA LEU C 178 42.16 -9.83 6.37
C LEU C 178 40.87 -9.14 6.80
N ARG C 179 39.77 -9.89 6.86
CA ARG C 179 38.52 -9.30 7.34
C ARG C 179 38.68 -8.76 8.74
N LYS C 180 39.30 -9.55 9.62
CA LYS C 180 39.54 -9.08 10.99
C LYS C 180 40.42 -7.84 10.98
N ILE C 181 41.43 -7.80 10.12
CA ILE C 181 42.28 -6.62 10.02
C ILE C 181 41.44 -5.39 9.69
N ILE C 182 40.58 -5.52 8.68
CA ILE C 182 39.74 -4.39 8.27
C ILE C 182 38.84 -3.96 9.41
N LYS C 183 38.29 -4.93 10.14
CA LYS C 183 37.46 -4.61 11.30
C LYS C 183 38.24 -3.80 12.32
N LEU C 184 39.47 -4.22 12.61
CA LEU C 184 40.28 -3.51 13.60
C LEU C 184 40.59 -2.10 13.12
N ILE C 185 40.84 -1.92 11.83
CA ILE C 185 41.15 -0.59 11.31
C ILE C 185 39.94 0.32 11.46
N LEU C 186 38.76 -0.19 11.07
CA LEU C 186 37.55 0.58 11.26
C LEU C 186 37.35 0.94 12.73
N PHE C 187 37.58 -0.02 13.61
CA PHE C 187 37.45 0.23 15.04
C PHE C 187 38.36 1.38 15.47
N ALA C 188 39.62 1.32 15.04
CA ALA C 188 40.57 2.36 15.43
C ALA C 188 40.14 3.72 14.93
N VAL C 189 39.68 3.80 13.68
CA VAL C 189 39.34 5.12 13.15
C VAL C 189 38.08 5.65 13.84
N MET C 190 37.13 4.78 14.15
CA MET C 190 35.94 5.25 14.87
C MET C 190 36.31 5.77 16.25
N VAL C 191 37.10 5.01 17.00
CA VAL C 191 37.43 5.45 18.36
C VAL C 191 38.27 6.72 18.32
N LEU C 192 39.05 6.89 17.25
CA LEU C 192 39.79 8.14 17.09
C LEU C 192 38.84 9.30 16.85
N GLU C 193 37.84 9.11 15.99
CA GLU C 193 36.85 10.14 15.77
C GLU C 193 36.17 10.53 17.07
N LEU C 194 35.79 9.54 17.87
CA LEU C 194 35.14 9.82 19.14
C LEU C 194 36.05 10.60 20.07
N ALA C 195 37.29 10.13 20.25
CA ALA C 195 38.23 10.86 21.09
C ALA C 195 38.37 12.30 20.61
N GLU C 196 38.34 12.52 19.29
CA GLU C 196 38.38 13.86 18.76
C GLU C 196 37.13 14.65 19.14
N GLU C 197 35.98 13.97 19.21
CA GLU C 197 34.74 14.68 19.50
C GLU C 197 34.70 15.18 20.93
N ILE C 198 35.33 14.45 21.85
CA ILE C 198 35.37 14.85 23.25
C ILE C 198 36.65 15.60 23.60
N GLY C 199 37.67 15.52 22.76
CA GLY C 199 38.93 16.19 23.06
C GLY C 199 39.66 15.58 24.24
N ASP C 200 39.75 14.25 24.29
CA ASP C 200 40.44 13.55 25.35
C ASP C 200 41.49 12.63 24.74
N PRO C 201 42.76 12.77 25.12
CA PRO C 201 43.81 11.92 24.52
C PRO C 201 43.89 10.52 25.13
N THR C 202 43.25 10.31 26.28
CA THR C 202 43.32 8.99 26.92
C THR C 202 42.73 7.92 26.01
N TRP C 203 41.56 8.20 25.43
CA TRP C 203 41.00 7.24 24.49
C TRP C 203 41.80 7.18 23.20
N ARG C 204 42.55 8.23 22.88
CA ARG C 204 43.52 8.12 21.79
C ARG C 204 44.57 7.07 22.12
N GLU C 205 44.99 7.00 23.39
CA GLU C 205 45.91 5.96 23.79
C GLU C 205 45.26 4.58 23.72
N MET C 206 43.98 4.50 24.08
CA MET C 206 43.25 3.25 23.88
C MET C 206 43.25 2.84 22.42
N ALA C 207 43.02 3.81 21.52
CA ALA C 207 43.07 3.54 20.09
C ALA C 207 44.44 3.06 19.66
N ARG C 208 45.48 3.68 20.23
CA ARG C 208 46.85 3.24 19.94
C ARG C 208 47.05 1.79 20.33
N ARG C 209 46.51 1.39 21.49
CA ARG C 209 46.55 -0.01 21.88
C ARG C 209 45.85 -0.88 20.86
N ALA C 210 44.67 -0.44 20.41
CA ALA C 210 43.90 -1.21 19.44
C ALA C 210 44.69 -1.43 18.15
N VAL C 211 45.24 -0.35 17.60
CA VAL C 211 45.96 -0.45 16.33
C VAL C 211 47.28 -1.20 16.52
N ARG C 212 47.87 -1.14 17.72
CA ARG C 212 49.07 -1.94 17.98
C ARG C 212 48.75 -3.42 17.90
N GLU C 213 47.65 -3.83 18.55
CA GLU C 213 47.17 -5.20 18.39
C GLU C 213 46.93 -5.52 16.93
N ALA C 214 46.32 -4.59 16.20
CA ALA C 214 46.00 -4.81 14.80
C ALA C 214 47.26 -5.07 13.98
N VAL C 215 48.29 -4.25 14.17
CA VAL C 215 49.49 -4.37 13.35
C VAL C 215 50.28 -5.60 13.74
N GLU C 216 50.31 -5.93 15.03
CA GLU C 216 50.92 -7.19 15.44
C GLU C 216 50.24 -8.37 14.75
N LEU C 217 48.91 -8.31 14.63
CA LEU C 217 48.19 -9.35 13.90
C LEU C 217 48.62 -9.36 12.45
N ALA C 218 48.52 -8.21 11.78
CA ALA C 218 48.85 -8.13 10.35
C ALA C 218 50.25 -8.65 10.05
N GLU C 219 51.18 -8.48 10.99
CA GLU C 219 52.53 -8.98 10.79
C GLU C 219 52.52 -10.47 10.49
N GLU C 220 51.88 -11.26 11.34
CA GLU C 220 51.79 -12.69 11.08
C GLU C 220 50.86 -12.99 9.90
N VAL C 221 49.90 -12.12 9.64
CA VAL C 221 49.04 -12.32 8.47
C VAL C 221 49.85 -12.24 7.18
N GLN C 222 50.93 -11.46 7.19
CA GLN C 222 51.81 -11.44 6.03
C GLN C 222 52.30 -12.85 5.70
N ARG C 223 52.42 -13.72 6.69
CA ARG C 223 52.85 -15.08 6.46
C ARG C 223 51.94 -16.07 7.19
N ASP D 5 18.28 -1.78 4.15
CA ASP D 5 17.73 -1.08 5.30
C ASP D 5 18.70 -0.06 5.85
N GLU D 6 19.20 0.80 4.95
CA GLU D 6 20.18 1.81 5.34
C GLU D 6 19.62 2.74 6.40
N GLU D 7 18.30 2.98 6.39
CA GLU D 7 17.70 3.84 7.40
C GLU D 7 17.86 3.26 8.80
N GLU D 8 17.46 2.00 8.99
CA GLU D 8 17.64 1.36 10.29
C GLU D 8 19.12 1.20 10.64
N ALA D 9 19.94 0.94 9.63
CA ALA D 9 21.38 0.82 9.86
C ALA D 9 21.94 2.10 10.47
N ARG D 10 21.72 3.22 9.79
CA ARG D 10 22.20 4.50 10.30
C ARG D 10 21.57 4.86 11.64
N GLU D 11 20.31 4.48 11.84
CA GLU D 11 19.66 4.73 13.13
C GLU D 11 20.40 4.02 14.25
N LEU D 12 20.60 2.71 14.10
CA LEU D 12 21.35 1.94 15.09
C LEU D 12 22.75 2.51 15.29
N GLU D 13 23.40 2.90 14.19
CA GLU D 13 24.76 3.43 14.29
C GLU D 13 24.81 4.70 15.13
N GLU D 14 23.93 5.66 14.84
CA GLU D 14 23.87 6.87 15.63
C GLU D 14 23.51 6.58 17.08
N ARG D 15 22.66 5.59 17.31
CA ARG D 15 22.34 5.20 18.69
C ARG D 15 23.59 4.74 19.41
N ALA D 16 24.41 3.93 18.74
CA ALA D 16 25.63 3.44 19.34
C ALA D 16 26.57 4.60 19.64
N ARG D 17 26.69 5.53 18.70
CA ARG D 17 27.58 6.67 18.88
C ARG D 17 27.13 7.54 20.05
N GLU D 18 25.83 7.77 20.15
CA GLU D 18 25.29 8.58 21.24
C GLU D 18 25.52 7.90 22.58
N ALA D 19 25.30 6.59 22.64
CA ALA D 19 25.58 5.84 23.85
C ALA D 19 27.03 6.03 24.29
N ALA D 20 27.96 5.83 23.36
CA ALA D 20 29.37 5.94 23.70
C ALA D 20 29.72 7.35 24.16
N LYS D 21 29.18 8.36 23.49
CA LYS D 21 29.48 9.74 23.86
C LYS D 21 28.98 10.05 25.27
N ARG D 22 27.74 9.65 25.57
CA ARG D 22 27.22 9.88 26.90
C ARG D 22 28.03 9.14 27.95
N ALA D 23 28.47 7.92 27.64
CA ALA D 23 29.30 7.17 28.56
C ALA D 23 30.59 7.90 28.86
N ILE D 24 31.27 8.39 27.81
CA ILE D 24 32.54 9.07 27.99
C ILE D 24 32.34 10.36 28.77
N GLU D 25 31.26 11.08 28.49
CA GLU D 25 30.96 12.28 29.29
C GLU D 25 30.81 11.93 30.76
N ALA D 26 30.03 10.92 31.07
CA ALA D 26 29.83 10.53 32.47
C ALA D 26 31.15 10.14 33.12
N ALA D 27 31.97 9.39 32.40
CA ALA D 27 33.26 8.96 32.95
C ALA D 27 34.16 10.15 33.25
N LYS D 28 34.25 11.09 32.32
CA LYS D 28 35.01 12.31 32.58
C LYS D 28 34.45 13.05 33.79
N ARG D 29 33.11 13.05 33.92
CA ARG D 29 32.48 13.80 35.00
C ARG D 29 32.84 13.23 36.36
N THR D 30 32.83 11.90 36.48
CA THR D 30 33.01 11.30 37.81
C THR D 30 34.44 11.40 38.30
N GLY D 31 35.41 11.39 37.39
CA GLY D 31 36.81 11.34 37.79
C GLY D 31 37.12 10.18 38.72
N ASP D 32 36.63 8.98 38.40
CA ASP D 32 36.81 7.79 39.21
C ASP D 32 37.49 6.71 38.38
N PRO D 33 38.66 6.20 38.80
CA PRO D 33 39.33 5.16 38.00
C PRO D 33 38.44 3.97 37.68
N ARG D 34 37.63 3.53 38.64
CA ARG D 34 36.76 2.39 38.41
C ARG D 34 35.74 2.68 37.32
N VAL D 35 34.98 3.77 37.48
CA VAL D 35 34.02 4.17 36.46
C VAL D 35 34.71 4.37 35.12
N ARG D 36 35.97 4.84 35.15
CA ARG D 36 36.71 5.02 33.91
C ARG D 36 36.90 3.69 33.20
N GLU D 37 37.43 2.69 33.92
CA GLU D 37 37.62 1.38 33.31
C GLU D 37 36.29 0.81 32.81
N LEU D 38 35.22 1.03 33.56
CA LEU D 38 33.91 0.54 33.14
C LEU D 38 33.49 1.19 31.83
N ALA D 39 33.56 2.51 31.77
CA ALA D 39 33.16 3.22 30.56
C ALA D 39 33.99 2.80 29.36
N GLU D 40 35.27 2.48 29.59
CA GLU D 40 36.08 2.01 28.48
C GLU D 40 35.63 0.63 28.01
N GLU D 41 35.45 -0.29 28.96
CA GLU D 41 34.96 -1.62 28.61
C GLU D 41 33.60 -1.56 27.94
N LEU D 42 32.87 -0.46 28.11
CA LEU D 42 31.59 -0.27 27.47
C LEU D 42 31.72 0.30 26.06
N VAL D 43 32.41 1.44 25.93
CA VAL D 43 32.58 2.08 24.64
C VAL D 43 33.24 1.14 23.66
N LYS D 44 34.08 0.21 24.14
CA LYS D 44 34.70 -0.74 23.24
C LYS D 44 33.65 -1.55 22.50
N LEU D 45 32.72 -2.17 23.24
CA LEU D 45 31.72 -2.99 22.57
C LEU D 45 30.72 -2.15 21.81
N ALA D 46 30.51 -0.90 22.23
CA ALA D 46 29.68 0.00 21.42
C ALA D 46 30.28 0.19 20.03
N ILE D 47 31.56 0.54 19.98
CA ILE D 47 32.22 0.76 18.69
C ILE D 47 32.31 -0.53 17.90
N TRP D 48 32.54 -1.66 18.58
CA TRP D 48 32.54 -2.92 17.88
C TRP D 48 31.18 -3.22 17.29
N ALA D 49 30.11 -2.82 17.98
CA ALA D 49 28.79 -2.92 17.40
C ALA D 49 28.74 -2.16 16.10
N ALA D 50 29.13 -0.88 16.15
CA ALA D 50 29.13 -0.07 14.92
C ALA D 50 29.87 -0.77 13.78
N VAL D 51 31.06 -1.28 14.07
CA VAL D 51 31.81 -1.91 12.99
C VAL D 51 31.04 -3.09 12.41
N GLU D 52 30.66 -4.03 13.28
CA GLU D 52 30.01 -5.23 12.76
C GLU D 52 28.76 -4.88 11.97
N VAL D 53 28.00 -3.87 12.43
CA VAL D 53 26.79 -3.45 11.73
C VAL D 53 27.14 -2.97 10.35
N TRP D 54 28.21 -2.19 10.26
CA TRP D 54 28.64 -1.65 8.99
C TRP D 54 28.98 -2.77 8.02
N LEU D 55 29.96 -3.61 8.35
CA LEU D 55 30.56 -4.45 7.31
C LEU D 55 29.51 -5.25 6.53
N ASP D 56 28.45 -5.72 7.20
CA ASP D 56 27.49 -6.67 6.62
C ASP D 56 26.07 -6.13 6.82
N PRO D 57 25.67 -5.15 6.02
CA PRO D 57 24.30 -4.62 6.13
C PRO D 57 23.29 -5.63 5.62
N SER D 58 22.05 -5.46 6.09
CA SER D 58 20.88 -6.27 5.72
C SER D 58 21.01 -7.74 6.10
N SER D 59 21.83 -8.07 7.09
CA SER D 59 21.90 -9.42 7.60
C SER D 59 21.18 -9.47 8.94
N SER D 60 20.05 -10.18 8.99
CA SER D 60 19.20 -10.17 10.17
C SER D 60 19.74 -10.64 11.52
N ASP D 61 20.50 -11.71 11.58
CA ASP D 61 20.99 -12.13 12.89
C ASP D 61 21.89 -11.05 13.49
N VAL D 62 22.78 -10.53 12.65
CA VAL D 62 23.72 -9.52 13.09
C VAL D 62 22.99 -8.26 13.51
N ASN D 63 21.98 -7.87 12.74
CA ASN D 63 21.20 -6.68 13.06
C ASN D 63 20.49 -6.85 14.38
N GLU D 64 19.94 -8.04 14.60
CA GLU D 64 19.24 -8.33 15.84
C GLU D 64 20.18 -8.23 17.02
N ALA D 65 21.38 -8.76 16.85
CA ALA D 65 22.36 -8.70 17.93
C ALA D 65 22.75 -7.26 18.23
N LEU D 66 22.93 -6.47 17.18
CA LEU D 66 23.33 -5.08 17.34
C LEU D 66 22.35 -4.16 18.07
N LYS D 67 21.07 -4.31 17.75
CA LYS D 67 20.05 -3.47 18.35
C LYS D 67 19.90 -3.79 19.82
N LEU D 68 19.81 -5.07 20.14
CA LEU D 68 19.73 -5.48 21.54
C LEU D 68 20.93 -5.00 22.34
N ILE D 69 22.12 -5.06 21.72
CA ILE D 69 23.34 -4.65 22.42
C ILE D 69 23.31 -3.16 22.73
N VAL D 70 23.01 -2.34 21.72
CA VAL D 70 23.00 -0.89 21.94
C VAL D 70 21.91 -0.52 22.94
N GLU D 71 20.82 -1.29 22.97
CA GLU D 71 19.81 -1.08 24.01
C GLU D 71 20.39 -1.33 25.39
N ALA D 72 21.08 -2.46 25.55
CA ALA D 72 21.74 -2.75 26.81
C ALA D 72 22.67 -1.63 27.23
N ILE D 73 23.39 -1.06 26.26
CA ILE D 73 24.36 0.00 26.58
C ILE D 73 23.64 1.25 27.06
N GLU D 74 22.57 1.64 26.36
CA GLU D 74 21.77 2.78 26.81
C GLU D 74 21.31 2.57 28.24
N ALA D 75 20.83 1.36 28.53
CA ALA D 75 20.38 1.06 29.89
C ALA D 75 21.52 1.23 30.88
N ALA D 76 22.68 0.65 30.58
CA ALA D 76 23.79 0.65 31.54
C ALA D 76 24.31 2.07 31.80
N VAL D 77 24.37 2.89 30.76
CA VAL D 77 24.87 4.25 30.97
C VAL D 77 23.86 5.05 31.79
N ARG D 78 22.56 4.89 31.51
CA ARG D 78 21.55 5.47 32.39
C ARG D 78 21.77 5.04 33.82
N ALA D 79 22.04 3.76 34.03
CA ALA D 79 22.26 3.26 35.37
C ALA D 79 23.48 3.85 36.07
N LEU D 80 24.59 3.95 35.36
CA LEU D 80 25.82 4.50 35.93
C LEU D 80 25.62 5.96 36.29
N GLU D 81 24.92 6.65 35.42
CA GLU D 81 24.67 8.08 35.56
C GLU D 81 23.82 8.35 36.79
N ALA D 82 22.64 7.74 36.85
CA ALA D 82 21.77 7.96 37.99
C ALA D 82 22.42 7.51 39.30
N ALA D 83 23.25 6.46 39.24
CA ALA D 83 23.94 5.98 40.43
C ALA D 83 24.83 7.08 41.00
N GLU D 84 25.74 7.61 40.18
CA GLU D 84 26.59 8.70 40.65
C GLU D 84 25.76 9.93 40.99
N ARG D 85 24.60 10.07 40.36
CA ARG D 85 23.70 11.18 40.68
C ARG D 85 23.19 11.08 42.12
N THR D 86 22.93 9.85 42.58
CA THR D 86 22.45 9.68 43.95
C THR D 86 23.54 9.92 44.97
N GLY D 87 24.73 9.34 44.75
CA GLY D 87 25.87 9.59 45.61
C GLY D 87 25.99 8.69 46.82
N ASP D 88 25.09 7.74 47.01
CA ASP D 88 25.13 6.86 48.18
C ASP D 88 26.08 5.70 47.92
N PRO D 89 27.05 5.45 48.81
CA PRO D 89 28.05 4.39 48.55
C PRO D 89 27.46 3.03 48.26
N GLU D 90 26.55 2.54 49.11
CA GLU D 90 25.98 1.21 48.92
C GLU D 90 25.40 1.03 47.51
N VAL D 91 24.42 1.86 47.17
CA VAL D 91 23.80 1.77 45.85
C VAL D 91 24.81 2.05 44.75
N ARG D 92 25.84 2.85 45.03
CA ARG D 92 26.82 3.16 44.00
C ARG D 92 27.60 1.91 43.60
N GLU D 93 28.20 1.23 44.57
CA GLU D 93 28.88 -0.03 44.25
C GLU D 93 27.90 -1.04 43.66
N LEU D 94 26.66 -1.05 44.13
CA LEU D 94 25.66 -1.95 43.58
C LEU D 94 25.51 -1.73 42.09
N ALA D 95 25.12 -0.52 41.69
CA ALA D 95 24.92 -0.22 40.28
C ALA D 95 26.20 -0.43 39.48
N ARG D 96 27.36 -0.20 40.09
CA ARG D 96 28.61 -0.45 39.39
C ARG D 96 28.75 -1.91 39.00
N GLU D 97 28.56 -2.81 39.97
CA GLU D 97 28.61 -4.22 39.62
C GLU D 97 27.48 -4.59 38.66
N LEU D 98 26.35 -3.89 38.75
CA LEU D 98 25.25 -4.13 37.81
C LEU D 98 25.70 -3.90 36.38
N VAL D 99 26.24 -2.71 36.11
CA VAL D 99 26.67 -2.41 34.74
C VAL D 99 27.81 -3.34 34.33
N ARG D 100 28.61 -3.81 35.30
CA ARG D 100 29.62 -4.80 34.98
C ARG D 100 28.98 -6.09 34.47
N LEU D 101 27.91 -6.53 35.13
CA LEU D 101 27.17 -7.69 34.65
C LEU D 101 26.67 -7.46 33.24
N ALA D 102 26.14 -6.26 33.00
CA ALA D 102 25.63 -5.91 31.68
C ALA D 102 26.72 -6.08 30.61
N VAL D 103 27.88 -5.48 30.85
CA VAL D 103 28.93 -5.51 29.83
C VAL D 103 29.51 -6.91 29.67
N GLU D 104 29.55 -7.70 30.75
CA GLU D 104 30.02 -9.08 30.61
C GLU D 104 29.08 -9.87 29.71
N ALA D 105 27.77 -9.72 29.93
CA ALA D 105 26.80 -10.40 29.07
C ALA D 105 26.95 -9.93 27.63
N ALA D 106 27.10 -8.63 27.42
CA ALA D 106 27.25 -8.10 26.07
C ALA D 106 28.50 -8.65 25.40
N GLU D 107 29.58 -8.79 26.16
CA GLU D 107 30.80 -9.39 25.62
C GLU D 107 30.54 -10.82 25.18
N GLU D 108 29.86 -11.59 26.03
CA GLU D 108 29.51 -12.95 25.64
C GLU D 108 28.67 -12.96 24.37
N VAL D 109 27.84 -11.94 24.17
CA VAL D 109 27.10 -11.81 22.93
C VAL D 109 28.03 -11.58 21.75
N GLN D 110 28.93 -10.60 21.89
CA GLN D 110 29.82 -10.26 20.78
C GLN D 110 30.71 -11.44 20.41
N ARG D 111 30.99 -12.32 21.37
CA ARG D 111 31.72 -13.54 21.02
C ARG D 111 30.84 -14.54 20.29
N ASN D 112 29.55 -14.60 20.63
CA ASN D 112 28.64 -15.56 20.02
C ASN D 112 27.33 -14.88 19.64
N PRO D 113 27.07 -14.68 18.35
CA PRO D 113 25.87 -13.95 17.92
C PRO D 113 24.64 -14.81 17.67
N SER D 114 24.70 -16.11 17.93
CA SER D 114 23.55 -16.96 17.66
C SER D 114 23.27 -17.97 18.76
N SER D 115 23.73 -17.72 19.98
CA SER D 115 23.38 -18.56 21.13
C SER D 115 22.15 -17.94 21.79
N SER D 116 21.03 -18.67 21.75
CA SER D 116 19.75 -18.08 22.14
C SER D 116 19.73 -17.76 23.64
N ASP D 117 20.22 -18.68 24.47
CA ASP D 117 20.09 -18.51 25.92
C ASP D 117 20.80 -17.25 26.39
N VAL D 118 21.96 -16.93 25.81
CA VAL D 118 22.66 -15.74 26.25
C VAL D 118 21.97 -14.49 25.75
N ASN D 119 21.33 -14.56 24.58
CA ASN D 119 20.47 -13.47 24.14
C ASN D 119 19.39 -13.19 25.17
N GLU D 120 18.69 -14.25 25.59
CA GLU D 120 17.61 -14.07 26.56
C GLU D 120 18.15 -13.62 27.91
N ALA D 121 19.35 -14.07 28.27
CA ALA D 121 19.96 -13.64 29.52
C ALA D 121 20.23 -12.15 29.50
N LEU D 122 20.81 -11.65 28.40
CA LEU D 122 20.98 -10.20 28.27
C LEU D 122 19.65 -9.50 28.32
N LYS D 123 18.63 -10.07 27.68
CA LYS D 123 17.30 -9.46 27.71
C LYS D 123 16.85 -9.25 29.15
N LEU D 124 16.88 -10.34 29.94
CA LEU D 124 16.48 -10.27 31.34
C LEU D 124 17.30 -9.24 32.10
N ILE D 125 18.62 -9.21 31.86
CA ILE D 125 19.47 -8.29 32.61
C ILE D 125 19.15 -6.85 32.25
N VAL D 126 18.92 -6.57 30.97
CA VAL D 126 18.47 -5.25 30.54
C VAL D 126 17.20 -4.85 31.26
N ILE D 127 16.26 -5.79 31.35
CA ILE D 127 15.00 -5.49 32.03
C ILE D 127 15.26 -5.14 33.49
N ALA D 128 16.10 -5.95 34.15
CA ALA D 128 16.40 -5.70 35.55
C ALA D 128 17.05 -4.35 35.74
N ILE D 129 17.90 -3.95 34.79
CA ILE D 129 18.60 -2.67 34.90
C ILE D 129 17.60 -1.52 34.73
N GLU D 130 16.71 -1.63 33.75
CA GLU D 130 15.66 -0.64 33.60
C GLU D 130 14.83 -0.54 34.88
N ALA D 131 14.56 -1.69 35.50
CA ALA D 131 13.83 -1.68 36.76
C ALA D 131 14.57 -0.90 37.83
N ALA D 132 15.85 -1.23 38.03
CA ALA D 132 16.62 -0.56 39.07
C ALA D 132 16.69 0.94 38.83
N VAL D 133 16.88 1.35 37.59
CA VAL D 133 17.00 2.78 37.32
C VAL D 133 15.66 3.48 37.52
N ARG D 134 14.56 2.80 37.18
CA ARG D 134 13.24 3.35 37.48
C ARG D 134 13.08 3.56 38.98
N ALA D 135 13.49 2.56 39.76
CA ALA D 135 13.37 2.67 41.22
C ALA D 135 14.18 3.83 41.76
N LEU D 136 15.42 3.97 41.28
CA LEU D 136 16.28 5.04 41.76
C LEU D 136 15.72 6.41 41.37
N GLU D 137 15.21 6.55 40.15
CA GLU D 137 14.60 7.80 39.75
C GLU D 137 13.40 8.13 40.63
N ALA D 138 12.54 7.13 40.88
CA ALA D 138 11.39 7.36 41.74
C ALA D 138 11.81 7.82 43.12
N ALA D 139 12.79 7.13 43.71
CA ALA D 139 13.30 7.52 45.02
C ALA D 139 13.82 8.95 45.01
N GLU D 140 14.57 9.32 43.96
CA GLU D 140 15.09 10.67 43.88
C GLU D 140 13.96 11.68 43.80
N ARG D 141 12.91 11.37 43.04
CA ARG D 141 11.82 12.33 42.88
C ARG D 141 11.04 12.50 44.18
N THR D 142 10.85 11.43 44.94
CA THR D 142 10.13 11.57 46.20
C THR D 142 11.04 12.08 47.31
N GLY D 143 12.30 11.64 47.32
CA GLY D 143 13.20 12.02 48.39
C GLY D 143 12.73 11.56 49.76
N ASP D 144 12.34 10.29 49.87
CA ASP D 144 11.75 9.69 51.06
C ASP D 144 12.67 8.60 51.61
N PRO D 145 13.03 8.66 52.89
CA PRO D 145 13.96 7.65 53.44
C PRO D 145 13.50 6.22 53.27
N GLU D 146 12.26 5.91 53.65
CA GLU D 146 11.76 4.55 53.49
C GLU D 146 11.78 4.13 52.02
N VAL D 147 11.43 5.05 51.12
CA VAL D 147 11.52 4.76 49.69
C VAL D 147 12.96 4.42 49.33
N ARG D 148 13.91 5.13 49.92
CA ARG D 148 15.32 4.91 49.59
C ARG D 148 15.79 3.54 50.06
N GLU D 149 15.44 3.15 51.29
CA GLU D 149 15.85 1.83 51.76
C GLU D 149 15.18 0.73 50.94
N LEU D 150 13.92 0.94 50.56
CA LEU D 150 13.27 -0.04 49.69
C LEU D 150 13.94 -0.12 48.33
N ALA D 151 14.38 1.01 47.80
CA ALA D 151 15.09 1.02 46.53
C ALA D 151 16.39 0.24 46.64
N ARG D 152 17.14 0.48 47.71
CA ARG D 152 18.35 -0.31 47.96
C ARG D 152 18.02 -1.78 48.01
N GLU D 153 16.90 -2.13 48.67
CA GLU D 153 16.52 -3.53 48.81
C GLU D 153 16.28 -4.18 47.46
N LEU D 154 15.40 -3.58 46.64
CA LEU D 154 15.09 -4.20 45.37
C LEU D 154 16.25 -4.10 44.38
N VAL D 155 17.15 -3.13 44.56
CA VAL D 155 18.35 -3.12 43.73
C VAL D 155 19.26 -4.27 44.10
N ARG D 156 19.39 -4.55 45.39
CA ARG D 156 20.07 -5.78 45.82
C ARG D 156 19.46 -6.98 45.13
N LEU D 157 18.12 -7.07 45.16
CA LEU D 157 17.44 -8.16 44.49
C LEU D 157 17.82 -8.23 43.02
N ALA D 158 17.82 -7.09 42.34
CA ALA D 158 18.10 -7.05 40.91
C ALA D 158 19.52 -7.53 40.62
N VAL D 159 20.49 -7.05 41.40
CA VAL D 159 21.87 -7.41 41.14
C VAL D 159 22.09 -8.89 41.43
N GLU D 160 21.43 -9.42 42.46
CA GLU D 160 21.59 -10.84 42.77
C GLU D 160 20.95 -11.71 41.69
N ALA D 161 19.77 -11.32 41.22
CA ALA D 161 19.11 -12.07 40.16
C ALA D 161 19.92 -12.04 38.88
N ALA D 162 20.45 -10.86 38.53
CA ALA D 162 21.26 -10.75 37.33
C ALA D 162 22.53 -11.57 37.45
N GLU D 163 23.17 -11.54 38.63
CA GLU D 163 24.34 -12.37 38.86
C GLU D 163 24.02 -13.83 38.61
N GLU D 164 22.89 -14.30 39.15
CA GLU D 164 22.55 -15.71 39.01
C GLU D 164 22.26 -16.07 37.56
N VAL D 165 21.55 -15.20 36.83
CA VAL D 165 21.25 -15.53 35.44
C VAL D 165 22.52 -15.47 34.60
N GLN D 166 23.47 -14.63 35.01
CA GLN D 166 24.74 -14.57 34.30
C GLN D 166 25.56 -15.83 34.53
N ARG D 167 25.49 -16.38 35.74
CA ARG D 167 26.31 -17.55 36.07
C ARG D 167 26.02 -18.71 35.12
N ASN D 168 24.77 -19.14 35.06
CA ASN D 168 24.39 -20.30 34.25
C ASN D 168 23.31 -19.91 33.25
N PRO D 169 23.53 -20.09 31.94
CA PRO D 169 22.42 -19.91 31.00
C PRO D 169 21.41 -21.04 31.07
N SER D 170 21.81 -22.18 31.63
CA SER D 170 21.04 -23.42 31.63
C SER D 170 20.10 -23.48 32.83
N SER D 171 19.65 -24.71 33.14
CA SER D 171 18.82 -24.99 34.31
C SER D 171 17.44 -24.34 34.26
N GLU D 172 16.54 -24.93 33.47
CA GLU D 172 15.17 -24.45 33.35
C GLU D 172 14.62 -23.92 34.67
N GLU D 173 14.70 -24.72 35.74
CA GLU D 173 14.07 -24.34 37.00
C GLU D 173 14.67 -23.06 37.56
N VAL D 174 15.99 -22.98 37.62
CA VAL D 174 16.61 -21.73 38.08
C VAL D 174 16.24 -20.59 37.15
N ASN D 175 16.15 -20.87 35.84
CA ASN D 175 15.74 -19.85 34.89
C ASN D 175 14.34 -19.33 35.21
N GLU D 176 13.39 -20.23 35.44
CA GLU D 176 12.03 -19.77 35.72
C GLU D 176 11.96 -19.01 37.04
N ALA D 177 12.72 -19.47 38.03
CA ALA D 177 12.71 -18.75 39.31
C ALA D 177 13.25 -17.34 39.14
N LEU D 178 14.33 -17.18 38.36
CA LEU D 178 14.89 -15.86 38.14
C LEU D 178 13.94 -14.99 37.33
N ARG D 179 13.26 -15.57 36.34
CA ARG D 179 12.27 -14.82 35.59
C ARG D 179 11.18 -14.29 36.52
N LYS D 180 10.68 -15.14 37.40
CA LYS D 180 9.67 -14.71 38.36
C LYS D 180 10.21 -13.60 39.25
N ILE D 181 11.47 -13.72 39.68
CA ILE D 181 12.09 -12.66 40.48
C ILE D 181 12.05 -11.34 39.74
N ILE D 182 12.47 -11.34 38.47
CA ILE D 182 12.49 -10.11 37.68
C ILE D 182 11.08 -9.54 37.55
N LYS D 183 10.10 -10.43 37.35
CA LYS D 183 8.71 -9.98 37.27
C LYS D 183 8.30 -9.28 38.55
N LEU D 184 8.64 -9.86 39.70
CA LEU D 184 8.26 -9.26 40.97
C LEU D 184 8.93 -7.91 41.16
N ILE D 185 10.19 -7.79 40.73
CA ILE D 185 10.91 -6.52 40.87
C ILE D 185 10.24 -5.45 40.03
N LEU D 186 9.93 -5.78 38.77
CA LEU D 186 9.21 -4.85 37.92
C LEU D 186 7.89 -4.45 38.55
N PHE D 187 7.16 -5.43 39.09
CA PHE D 187 5.90 -5.14 39.74
C PHE D 187 6.08 -4.13 40.86
N ALA D 188 7.08 -4.36 41.71
CA ALA D 188 7.32 -3.48 42.85
C ALA D 188 7.63 -2.07 42.37
N VAL D 189 8.49 -1.93 41.36
CA VAL D 189 8.87 -0.59 40.94
C VAL D 189 7.70 0.13 40.29
N MET D 190 6.86 -0.61 39.53
CA MET D 190 5.69 0.04 38.95
C MET D 190 4.73 0.52 40.03
N VAL D 191 4.42 -0.34 41.01
CA VAL D 191 3.46 0.07 42.02
C VAL D 191 4.02 1.20 42.87
N LEU D 192 5.36 1.25 42.99
CA LEU D 192 5.96 2.38 43.69
C LEU D 192 5.77 3.66 42.90
N GLU D 193 6.02 3.60 41.59
CA GLU D 193 5.78 4.77 40.75
C GLU D 193 4.34 5.26 40.88
N LEU D 194 3.39 4.33 40.86
CA LEU D 194 1.99 4.72 40.99
C LEU D 194 1.73 5.39 42.32
N ALA D 195 2.15 4.74 43.41
CA ALA D 195 1.97 5.34 44.74
C ALA D 195 2.57 6.75 44.77
N GLU D 196 3.69 6.94 44.10
CA GLU D 196 4.28 8.27 44.02
C GLU D 196 3.39 9.22 43.24
N GLU D 197 2.69 8.71 42.22
CA GLU D 197 1.87 9.60 41.38
C GLU D 197 0.67 10.11 42.15
N ILE D 198 0.14 9.31 43.07
CA ILE D 198 -1.01 9.72 43.88
C ILE D 198 -0.60 10.28 45.23
N GLY D 199 0.63 10.04 45.65
CA GLY D 199 1.06 10.54 46.95
C GLY D 199 0.38 9.85 48.12
N ASP D 200 0.27 8.52 48.05
CA ASP D 200 -0.34 7.74 49.11
C ASP D 200 0.63 6.67 49.59
N PRO D 201 0.96 6.64 50.88
CA PRO D 201 1.93 5.65 51.37
C PRO D 201 1.35 4.25 51.58
N THR D 202 0.01 4.14 51.60
CA THR D 202 -0.61 2.84 51.84
C THR D 202 -0.22 1.85 50.74
N TRP D 203 -0.29 2.28 49.48
CA TRP D 203 0.15 1.40 48.42
C TRP D 203 1.66 1.22 48.43
N ARG D 204 2.41 2.15 49.03
CA ARG D 204 3.82 1.89 49.27
C ARG D 204 3.98 0.70 50.21
N GLU D 205 3.10 0.59 51.21
CA GLU D 205 3.14 -0.58 52.09
C GLU D 205 2.76 -1.84 51.34
N MET D 206 1.80 -1.73 50.43
CA MET D 206 1.49 -2.87 49.55
C MET D 206 2.72 -3.29 48.76
N ALA D 207 3.45 -2.32 48.21
CA ALA D 207 4.68 -2.60 47.49
C ALA D 207 5.70 -3.27 48.38
N ARG D 208 5.79 -2.81 49.63
CA ARG D 208 6.70 -3.42 50.59
C ARG D 208 6.35 -4.89 50.80
N ARG D 209 5.05 -5.20 50.89
CA ARG D 209 4.62 -6.58 50.96
C ARG D 209 5.07 -7.37 49.73
N ALA D 210 4.89 -6.77 48.55
CA ALA D 210 5.27 -7.42 47.32
C ALA D 210 6.75 -7.77 47.31
N VAL D 211 7.60 -6.79 47.62
CA VAL D 211 9.04 -7.01 47.57
C VAL D 211 9.48 -7.93 48.69
N ARG D 212 8.76 -7.95 49.81
CA ARG D 212 9.07 -8.89 50.87
C ARG D 212 8.86 -10.32 50.40
N GLU D 213 7.72 -10.56 49.75
CA GLU D 213 7.49 -11.86 49.11
C GLU D 213 8.61 -12.16 48.11
N ALA D 214 8.99 -11.15 47.33
CA ALA D 214 10.02 -11.35 46.31
C ALA D 214 11.34 -11.78 46.92
N VAL D 215 11.77 -11.12 48.00
CA VAL D 215 13.07 -11.42 48.57
C VAL D 215 13.03 -12.74 49.31
N GLU D 216 11.91 -13.06 49.96
CA GLU D 216 11.76 -14.38 50.55
C GLU D 216 11.92 -15.46 49.47
N LEU D 217 11.35 -15.22 48.30
CA LEU D 217 11.52 -16.15 47.19
C LEU D 217 12.99 -16.25 46.80
N ALA D 218 13.61 -15.10 46.51
CA ALA D 218 15.00 -15.07 46.07
C ALA D 218 15.93 -15.80 47.04
N GLU D 219 15.61 -15.75 48.34
CA GLU D 219 16.43 -16.43 49.32
C GLU D 219 16.56 -17.91 48.99
N GLU D 220 15.43 -18.59 48.78
CA GLU D 220 15.50 -20.00 48.41
C GLU D 220 16.01 -20.18 46.99
N VAL D 221 15.82 -19.18 46.12
CA VAL D 221 16.37 -19.29 44.78
C VAL D 221 17.89 -19.32 44.81
N GLN D 222 18.50 -18.71 45.83
CA GLN D 222 19.94 -18.82 45.99
C GLN D 222 20.37 -20.28 46.07
N ARG D 223 19.50 -21.16 46.57
CA ARG D 223 19.80 -22.58 46.66
C ARG D 223 18.64 -23.42 46.15
N ASP E 5 5.55 -4.40 17.46
CA ASP E 5 4.33 -3.63 17.66
C ASP E 5 4.43 -2.76 18.90
N GLU E 6 5.53 -1.99 18.97
CA GLU E 6 5.75 -1.13 20.13
C GLU E 6 4.64 -0.12 20.30
N GLU E 7 4.00 0.30 19.21
CA GLU E 7 2.90 1.26 19.31
C GLU E 7 1.73 0.65 20.10
N GLU E 8 1.26 -0.53 19.70
CA GLU E 8 0.18 -1.19 20.42
C GLU E 8 0.61 -1.57 21.83
N ALA E 9 1.88 -1.95 22.00
CA ALA E 9 2.39 -2.28 23.32
C ALA E 9 2.25 -1.09 24.27
N ARG E 10 2.80 0.05 23.89
CA ARG E 10 2.70 1.25 24.71
C ARG E 10 1.26 1.69 24.89
N GLU E 11 0.42 1.50 23.87
CA GLU E 11 -0.99 1.85 24.01
C GLU E 11 -1.65 1.04 25.12
N LEU E 12 -1.52 -0.28 25.05
CA LEU E 12 -2.06 -1.15 26.09
C LEU E 12 -1.48 -0.80 27.46
N GLU E 13 -0.18 -0.50 27.51
CA GLU E 13 0.47 -0.18 28.79
C GLU E 13 -0.14 1.07 29.41
N GLU E 14 -0.26 2.15 28.63
CA GLU E 14 -0.88 3.36 29.14
C GLU E 14 -2.32 3.12 29.53
N ARG E 15 -3.03 2.27 28.79
CA ARG E 15 -4.40 1.95 29.17
C ARG E 15 -4.44 1.29 30.55
N ALA E 16 -3.51 0.38 30.79
CA ALA E 16 -3.45 -0.28 32.09
C ALA E 16 -3.15 0.72 33.19
N ARG E 17 -2.21 1.62 32.93
CA ARG E 17 -1.84 2.62 33.93
C ARG E 17 -3.00 3.54 34.24
N GLU E 18 -3.72 3.97 33.21
CA GLU E 18 -4.86 4.85 33.40
C GLU E 18 -5.96 4.15 34.20
N ALA E 19 -6.21 2.88 33.87
CA ALA E 19 -7.18 2.10 34.63
C ALA E 19 -6.82 2.08 36.11
N ALA E 20 -5.56 1.75 36.41
CA ALA E 20 -5.14 1.64 37.80
C ALA E 20 -5.25 2.98 38.52
N LYS E 21 -4.87 4.06 37.83
CA LYS E 21 -4.93 5.38 38.45
C LYS E 21 -6.37 5.77 38.78
N ARG E 22 -7.28 5.55 37.83
CA ARG E 22 -8.68 5.87 38.09
C ARG E 22 -9.23 5.02 39.22
N ALA E 23 -8.83 3.75 39.28
CA ALA E 23 -9.27 2.88 40.36
C ALA E 23 -8.82 3.42 41.71
N ILE E 24 -7.54 3.79 41.81
CA ILE E 24 -7.01 4.28 43.07
C ILE E 24 -7.68 5.59 43.46
N GLU E 25 -7.93 6.47 42.49
CA GLU E 25 -8.66 7.70 42.78
C GLU E 25 -10.04 7.38 43.38
N ALA E 26 -10.79 6.48 42.72
CA ALA E 26 -12.11 6.14 43.22
C ALA E 26 -12.04 5.56 44.63
N ALA E 27 -11.06 4.69 44.87
CA ALA E 27 -10.93 4.08 46.19
C ALA E 27 -10.64 5.12 47.26
N LYS E 28 -9.72 6.04 46.98
CA LYS E 28 -9.47 7.13 47.91
C LYS E 28 -10.74 7.95 48.13
N ARG E 29 -11.51 8.15 47.07
CA ARG E 29 -12.71 8.98 47.17
C ARG E 29 -13.75 8.37 48.10
N THR E 30 -13.96 7.05 47.99
CA THR E 30 -15.07 6.44 48.73
C THR E 30 -14.76 6.34 50.22
N GLY E 31 -13.48 6.18 50.58
CA GLY E 31 -13.14 5.91 51.97
C GLY E 31 -13.87 4.73 52.56
N ASP E 32 -13.93 3.62 51.84
CA ASP E 32 -14.62 2.41 52.25
C ASP E 32 -13.65 1.24 52.27
N PRO E 33 -13.48 0.57 53.40
CA PRO E 33 -12.52 -0.56 53.44
C PRO E 33 -12.78 -1.61 52.38
N ARG E 34 -14.05 -1.93 52.12
CA ARG E 34 -14.37 -2.93 51.11
C ARG E 34 -13.92 -2.49 49.73
N VAL E 35 -14.37 -1.30 49.30
CA VAL E 35 -13.94 -0.76 48.02
C VAL E 35 -12.42 -0.67 47.96
N ARG E 36 -11.79 -0.40 49.09
CA ARG E 36 -10.34 -0.33 49.13
C ARG E 36 -9.72 -1.67 48.76
N GLU E 37 -10.15 -2.74 49.45
CA GLU E 37 -9.63 -4.06 49.14
C GLU E 37 -9.92 -4.43 47.67
N LEU E 38 -11.08 -4.05 47.17
CA LEU E 38 -11.41 -4.34 45.78
C LEU E 38 -10.45 -3.65 44.83
N ALA E 39 -10.25 -2.34 45.04
CA ALA E 39 -9.36 -1.58 44.17
C ALA E 39 -7.95 -2.13 44.21
N GLU E 40 -7.53 -2.64 45.38
CA GLU E 40 -6.19 -3.23 45.47
C GLU E 40 -6.13 -4.53 44.66
N GLU E 41 -7.11 -5.41 44.87
CA GLU E 41 -7.15 -6.65 44.11
C GLU E 41 -7.25 -6.39 42.62
N LEU E 42 -7.68 -5.19 42.23
CA LEU E 42 -7.76 -4.81 40.82
C LEU E 42 -6.43 -4.27 40.29
N VAL E 43 -5.89 -3.25 40.95
CA VAL E 43 -4.64 -2.65 40.53
C VAL E 43 -3.53 -3.68 40.48
N LYS E 44 -3.60 -4.71 41.32
CA LYS E 44 -2.59 -5.75 41.27
C LYS E 44 -2.54 -6.40 39.89
N LEU E 45 -3.68 -6.87 39.41
CA LEU E 45 -3.67 -7.54 38.11
C LEU E 45 -3.45 -6.56 36.98
N ALA E 46 -3.83 -5.29 37.16
CA ALA E 46 -3.48 -4.28 36.15
C ALA E 46 -1.96 -4.19 35.99
N ILE E 47 -1.25 -4.03 37.10
CA ILE E 47 0.20 -3.91 37.04
C ILE E 47 0.84 -5.21 36.55
N TRP E 48 0.27 -6.34 36.95
CA TRP E 48 0.79 -7.60 36.44
C TRP E 48 0.59 -7.70 34.94
N ALA E 49 -0.51 -7.14 34.43
CA ALA E 49 -0.67 -7.05 32.99
C ALA E 49 0.48 -6.30 32.39
N ALA E 50 0.73 -5.08 32.91
CA ALA E 50 1.84 -4.29 32.38
C ALA E 50 3.14 -5.09 32.36
N VAL E 51 3.45 -5.78 33.45
CA VAL E 51 4.72 -6.51 33.46
C VAL E 51 4.74 -7.56 32.36
N GLU E 52 3.72 -8.43 32.36
CA GLU E 52 3.75 -9.54 31.40
C GLU E 52 3.83 -8.99 29.96
N VAL E 53 3.14 -7.88 29.67
CA VAL E 53 3.16 -7.29 28.35
C VAL E 53 4.57 -6.87 28.01
N TRP E 54 5.24 -6.27 28.97
CA TRP E 54 6.60 -5.79 28.76
C TRP E 54 7.51 -6.95 28.41
N LEU E 55 7.66 -7.92 29.31
CA LEU E 55 8.79 -8.85 29.19
C LEU E 55 8.87 -9.49 27.79
N ASP E 56 7.72 -9.80 27.18
CA ASP E 56 7.66 -10.59 25.94
C ASP E 56 6.84 -9.85 24.91
N PRO E 57 7.39 -8.81 24.28
CA PRO E 57 6.66 -8.10 23.24
C PRO E 57 6.51 -8.95 21.99
N SER E 58 5.49 -8.59 21.19
CA SER E 58 5.17 -9.22 19.90
C SER E 58 4.79 -10.69 20.03
N SER E 59 4.32 -11.13 21.19
CA SER E 59 3.81 -12.49 21.34
C SER E 59 2.29 -12.43 21.40
N SER E 60 1.63 -12.96 20.37
CA SER E 60 0.18 -12.82 20.23
C SER E 60 -0.76 -13.35 21.32
N ASP E 61 -0.51 -14.54 21.86
CA ASP E 61 -1.42 -15.02 22.89
C ASP E 61 -1.39 -14.09 24.10
N VAL E 62 -0.19 -13.70 24.51
CA VAL E 62 -0.01 -12.83 25.65
C VAL E 62 -0.65 -11.48 25.41
N ASN E 63 -0.46 -10.95 24.20
CA ASN E 63 -1.03 -9.67 23.85
C ASN E 63 -2.55 -9.73 23.89
N GLU E 64 -3.10 -10.82 23.39
CA GLU E 64 -4.55 -10.99 23.37
C GLU E 64 -5.08 -11.03 24.79
N ALA E 65 -4.37 -11.74 25.67
CA ALA E 65 -4.81 -11.82 27.06
C ALA E 65 -4.76 -10.45 27.72
N LEU E 66 -3.71 -9.70 27.44
CA LEU E 66 -3.53 -8.38 28.05
C LEU E 66 -4.57 -7.32 27.68
N LYS E 67 -4.95 -7.29 26.42
CA LYS E 67 -5.93 -6.30 25.94
C LYS E 67 -7.30 -6.59 26.53
N LEU E 68 -7.72 -7.85 26.46
CA LEU E 68 -8.99 -8.24 27.04
C LEU E 68 -9.04 -7.94 28.55
N ILE E 69 -7.92 -8.18 29.24
CA ILE E 69 -7.87 -7.94 30.69
C ILE E 69 -8.04 -6.46 30.99
N VAL E 70 -7.26 -5.61 30.33
CA VAL E 70 -7.34 -4.18 30.61
C VAL E 70 -8.73 -3.66 30.24
N GLU E 71 -9.36 -4.24 29.23
CA GLU E 71 -10.74 -3.88 28.92
C GLU E 71 -11.66 -4.21 30.08
N ALA E 72 -11.52 -5.44 30.62
CA ALA E 72 -12.32 -5.82 31.79
C ALA E 72 -12.12 -4.85 32.93
N ILE E 73 -10.88 -4.39 33.12
CA ILE E 73 -10.60 -3.49 34.24
C ILE E 73 -11.27 -2.15 34.03
N GLU E 74 -11.17 -1.60 32.82
CA GLU E 74 -11.87 -0.36 32.51
C GLU E 74 -13.35 -0.49 32.81
N ALA E 75 -13.94 -1.61 32.40
CA ALA E 75 -15.36 -1.84 32.67
C ALA E 75 -15.63 -1.84 34.17
N ALA E 76 -14.83 -2.58 34.92
CA ALA E 76 -15.10 -2.74 36.35
C ALA E 76 -14.95 -1.43 37.11
N VAL E 77 -13.97 -0.61 36.74
CA VAL E 77 -13.80 0.65 37.43
C VAL E 77 -14.94 1.60 37.10
N ARG E 78 -15.36 1.62 35.82
CA ARG E 78 -16.58 2.35 35.48
C ARG E 78 -17.74 1.90 36.36
N ALA E 79 -17.88 0.59 36.52
CA ALA E 79 -18.98 0.06 37.33
C ALA E 79 -18.92 0.48 38.79
N LEU E 80 -17.74 0.41 39.39
CA LEU E 80 -17.57 0.78 40.79
C LEU E 80 -17.87 2.25 41.00
N GLU E 81 -17.41 3.03 40.05
CA GLU E 81 -17.54 4.48 40.09
C GLU E 81 -19.01 4.89 40.02
N ALA E 82 -19.71 4.44 38.97
CA ALA E 82 -21.12 4.79 38.82
C ALA E 82 -21.95 4.25 39.99
N ALA E 83 -21.56 3.09 40.53
CA ALA E 83 -22.27 2.53 41.67
C ALA E 83 -22.24 3.48 42.85
N GLU E 84 -21.04 3.86 43.28
CA GLU E 84 -20.94 4.82 44.38
C GLU E 84 -21.53 6.17 44.00
N ARG E 85 -21.57 6.47 42.71
CA ARG E 85 -22.22 7.70 42.25
C ARG E 85 -23.71 7.67 42.52
N THR E 86 -24.33 6.51 42.38
CA THR E 86 -25.77 6.40 42.64
C THR E 86 -26.08 6.48 44.14
N GLY E 87 -25.34 5.75 44.96
CA GLY E 87 -25.50 5.82 46.39
C GLY E 87 -26.56 4.91 47.00
N ASP E 88 -27.24 4.10 46.20
CA ASP E 88 -28.29 3.24 46.72
C ASP E 88 -27.68 1.95 47.26
N PRO E 89 -27.97 1.57 48.51
CA PRO E 89 -27.33 0.36 49.09
C PRO E 89 -27.49 -0.90 48.26
N GLU E 90 -28.71 -1.25 47.87
CA GLU E 90 -28.93 -2.48 47.11
C GLU E 90 -28.03 -2.57 45.90
N VAL E 91 -28.15 -1.61 44.97
CA VAL E 91 -27.34 -1.61 43.77
C VAL E 91 -25.86 -1.48 44.11
N ARG E 92 -25.52 -0.84 45.23
CA ARG E 92 -24.12 -0.68 45.58
C ARG E 92 -23.48 -2.03 45.88
N GLU E 93 -24.08 -2.80 46.79
CA GLU E 93 -23.55 -4.14 47.05
C GLU E 93 -23.61 -4.99 45.79
N LEU E 94 -24.65 -4.82 44.98
CA LEU E 94 -24.74 -5.57 43.73
C LEU E 94 -23.51 -5.33 42.87
N ALA E 95 -23.26 -4.08 42.49
CA ALA E 95 -22.13 -3.75 41.65
C ALA E 95 -20.81 -4.14 42.30
N ARG E 96 -20.74 -4.10 43.63
CA ARG E 96 -19.53 -4.52 44.31
C ARG E 96 -19.24 -5.99 44.05
N GLU E 97 -20.23 -6.85 44.27
CA GLU E 97 -20.02 -8.26 43.95
C GLU E 97 -19.79 -8.46 42.46
N LEU E 98 -20.38 -7.60 41.63
CA LEU E 98 -20.15 -7.67 40.19
C LEU E 98 -18.66 -7.52 39.86
N VAL E 99 -18.07 -6.42 40.34
CA VAL E 99 -16.65 -6.19 40.06
C VAL E 99 -15.80 -7.28 40.70
N ARG E 100 -16.27 -7.85 41.81
CA ARG E 100 -15.56 -8.99 42.39
C ARG E 100 -15.55 -10.17 41.42
N LEU E 101 -16.68 -10.46 40.79
CA LEU E 101 -16.73 -11.50 39.76
C LEU E 101 -15.74 -11.19 38.65
N ALA E 102 -15.71 -9.92 38.23
CA ALA E 102 -14.80 -9.52 37.17
C ALA E 102 -13.35 -9.84 37.53
N VAL E 103 -12.93 -9.42 38.73
CA VAL E 103 -11.53 -9.61 39.10
C VAL E 103 -11.21 -11.07 39.34
N GLU E 104 -12.18 -11.85 39.82
CA GLU E 104 -11.92 -13.29 39.97
C GLU E 104 -11.69 -13.94 38.61
N ALA E 105 -12.52 -13.60 37.62
CA ALA E 105 -12.31 -14.12 36.28
C ALA E 105 -10.95 -13.69 35.73
N ALA E 106 -10.61 -12.42 35.93
CA ALA E 106 -9.32 -11.93 35.43
C ALA E 106 -8.16 -12.65 36.08
N GLU E 107 -8.28 -12.95 37.38
CA GLU E 107 -7.26 -13.72 38.06
C GLU E 107 -7.11 -15.10 37.44
N GLU E 108 -8.25 -15.76 37.20
CA GLU E 108 -8.20 -17.05 36.52
C GLU E 108 -7.52 -16.94 35.16
N VAL E 109 -7.69 -15.81 34.49
CA VAL E 109 -6.98 -15.59 33.23
C VAL E 109 -5.48 -15.49 33.47
N GLN E 110 -5.07 -14.66 34.43
CA GLN E 110 -3.64 -14.46 34.66
C GLN E 110 -2.96 -15.75 35.09
N ARG E 111 -3.71 -16.67 35.70
CA ARG E 111 -3.15 -17.97 36.00
C ARG E 111 -3.04 -18.84 34.75
N ASN E 112 -3.98 -18.70 33.81
CA ASN E 112 -3.99 -19.52 32.60
C ASN E 112 -4.26 -18.67 31.37
N PRO E 113 -3.26 -18.43 30.53
CA PRO E 113 -3.44 -17.52 29.38
C PRO E 113 -3.91 -18.19 28.10
N SER E 114 -4.21 -19.49 28.12
CA SER E 114 -4.61 -20.16 26.89
C SER E 114 -5.78 -21.12 27.09
N SER E 115 -6.59 -20.94 28.12
CA SER E 115 -7.81 -21.71 28.31
C SER E 115 -8.95 -20.92 27.67
N SER E 116 -9.53 -21.47 26.60
CA SER E 116 -10.48 -20.71 25.79
C SER E 116 -11.74 -20.37 26.56
N ASP E 117 -12.28 -21.35 27.30
CA ASP E 117 -13.58 -21.16 27.94
C ASP E 117 -13.54 -20.03 28.94
N VAL E 118 -12.44 -19.89 29.68
CA VAL E 118 -12.37 -18.80 30.66
C VAL E 118 -12.19 -17.46 29.96
N ASN E 119 -11.51 -17.44 28.81
CA ASN E 119 -11.47 -16.24 27.99
C ASN E 119 -12.88 -15.80 27.63
N GLU E 120 -13.68 -16.74 27.12
CA GLU E 120 -15.04 -16.42 26.71
C GLU E 120 -15.89 -16.03 27.92
N ALA E 121 -15.64 -16.66 29.06
CA ALA E 121 -16.38 -16.32 30.27
C ALA E 121 -16.11 -14.88 30.68
N LEU E 122 -14.84 -14.48 30.67
CA LEU E 122 -14.53 -13.09 30.95
C LEU E 122 -15.18 -12.18 29.91
N LYS E 123 -15.19 -12.60 28.65
CA LYS E 123 -15.83 -11.80 27.62
C LYS E 123 -17.29 -11.52 27.98
N LEU E 124 -18.03 -12.60 28.27
CA LEU E 124 -19.43 -12.46 28.65
C LEU E 124 -19.60 -11.57 29.87
N ILE E 125 -18.73 -11.73 30.87
CA ILE E 125 -18.87 -10.95 32.09
C ILE E 125 -18.62 -9.47 31.81
N VAL E 126 -17.61 -9.17 31.00
CA VAL E 126 -17.36 -7.80 30.57
C VAL E 126 -18.58 -7.22 29.91
N ILE E 127 -19.21 -8.00 29.04
CA ILE E 127 -20.40 -7.52 28.34
C ILE E 127 -21.51 -7.22 29.35
N ALA E 128 -21.71 -8.14 30.28
CA ALA E 128 -22.75 -7.93 31.29
C ALA E 128 -22.48 -6.69 32.12
N ILE E 129 -21.21 -6.41 32.41
CA ILE E 129 -20.86 -5.25 33.21
C ILE E 129 -21.12 -3.97 32.43
N GLU E 130 -20.73 -3.96 31.16
CA GLU E 130 -21.05 -2.82 30.31
C GLU E 130 -22.56 -2.60 30.26
N ALA E 131 -23.32 -3.69 30.22
CA ALA E 131 -24.77 -3.58 30.22
C ALA E 131 -25.26 -2.91 31.49
N ALA E 132 -24.82 -3.42 32.64
CA ALA E 132 -25.27 -2.87 33.91
C ALA E 132 -24.93 -1.40 34.05
N VAL E 133 -23.72 -1.02 33.62
CA VAL E 133 -23.32 0.38 33.77
C VAL E 133 -24.11 1.26 32.82
N ARG E 134 -24.43 0.75 31.62
CA ARG E 134 -25.31 1.49 30.72
C ARG E 134 -26.66 1.72 31.37
N ALA E 135 -27.21 0.69 31.99
CA ALA E 135 -28.51 0.81 32.63
C ALA E 135 -28.47 1.84 33.76
N LEU E 136 -27.43 1.79 34.58
CA LEU E 136 -27.34 2.73 35.69
C LEU E 136 -27.18 4.16 35.20
N GLU E 137 -26.37 4.37 34.16
CA GLU E 137 -26.23 5.70 33.58
C GLU E 137 -27.57 6.20 33.04
N ALA E 138 -28.29 5.34 32.33
CA ALA E 138 -29.59 5.74 31.80
C ALA E 138 -30.54 6.14 32.93
N ALA E 139 -30.60 5.31 33.98
CA ALA E 139 -31.45 5.63 35.12
C ALA E 139 -31.06 6.96 35.73
N GLU E 140 -29.76 7.21 35.90
CA GLU E 140 -29.32 8.48 36.46
C GLU E 140 -29.74 9.65 35.59
N ARG E 141 -29.65 9.49 34.27
CA ARG E 141 -29.97 10.58 33.37
C ARG E 141 -31.47 10.88 33.39
N THR E 142 -32.31 9.85 33.48
CA THR E 142 -33.74 10.10 33.52
C THR E 142 -34.20 10.48 34.93
N GLY E 143 -33.61 9.85 35.95
CA GLY E 143 -34.06 10.10 37.31
C GLY E 143 -35.51 9.71 37.55
N ASP E 144 -35.90 8.52 37.11
CA ASP E 144 -37.26 8.01 37.14
C ASP E 144 -37.36 6.79 38.07
N PRO E 145 -38.28 6.81 39.03
CA PRO E 145 -38.37 5.68 39.98
C PRO E 145 -38.56 4.33 39.31
N GLU E 146 -39.53 4.21 38.40
CA GLU E 146 -39.75 2.93 37.71
C GLU E 146 -38.50 2.51 36.94
N VAL E 147 -37.83 3.48 36.30
CA VAL E 147 -36.58 3.17 35.63
C VAL E 147 -35.57 2.62 36.62
N ARG E 148 -35.55 3.19 37.83
CA ARG E 148 -34.58 2.75 38.82
C ARG E 148 -34.85 1.33 39.30
N GLU E 149 -36.11 1.01 39.56
CA GLU E 149 -36.41 -0.37 39.99
C GLU E 149 -36.14 -1.35 38.88
N LEU E 150 -36.42 -0.97 37.63
CA LEU E 150 -36.07 -1.84 36.51
C LEU E 150 -34.56 -2.02 36.39
N ALA E 151 -33.80 -0.96 36.63
CA ALA E 151 -32.35 -1.06 36.58
C ALA E 151 -31.85 -2.02 37.65
N ARG E 152 -32.38 -1.90 38.87
CA ARG E 152 -32.05 -2.86 39.93
C ARG E 152 -32.38 -4.27 39.49
N GLU E 153 -33.52 -4.44 38.82
CA GLU E 153 -33.95 -5.77 38.40
C GLU E 153 -32.95 -6.38 37.42
N LEU E 154 -32.65 -5.66 36.34
CA LEU E 154 -31.75 -6.23 35.35
C LEU E 154 -30.32 -6.31 35.85
N VAL E 155 -29.94 -5.48 36.83
CA VAL E 155 -28.62 -5.64 37.43
C VAL E 155 -28.57 -6.92 38.25
N ARG E 156 -29.65 -7.21 38.98
CA ARG E 156 -29.77 -8.52 39.62
C ARG E 156 -29.57 -9.63 38.60
N LEU E 157 -30.28 -9.51 37.47
CA LEU E 157 -30.12 -10.49 36.40
C LEU E 157 -28.67 -10.63 35.97
N ALA E 158 -28.00 -9.49 35.78
CA ALA E 158 -26.62 -9.50 35.29
C ALA E 158 -25.71 -10.19 36.30
N VAL E 159 -25.84 -9.85 37.57
CA VAL E 159 -24.95 -10.42 38.58
C VAL E 159 -25.21 -11.92 38.72
N GLU E 160 -26.47 -12.33 38.61
CA GLU E 160 -26.76 -13.77 38.73
C GLU E 160 -26.22 -14.53 37.54
N ALA E 161 -26.38 -13.97 36.33
CA ALA E 161 -25.86 -14.62 35.14
C ALA E 161 -24.34 -14.71 35.19
N ALA E 162 -23.68 -13.63 35.61
CA ALA E 162 -22.23 -13.64 35.70
C ALA E 162 -21.77 -14.64 36.75
N GLU E 163 -22.45 -14.69 37.89
CA GLU E 163 -22.13 -15.69 38.91
C GLU E 163 -22.20 -17.08 38.32
N GLU E 164 -23.26 -17.38 37.58
CA GLU E 164 -23.42 -18.72 37.03
C GLU E 164 -22.34 -19.04 36.00
N VAL E 165 -22.00 -18.09 35.13
CA VAL E 165 -20.97 -18.37 34.13
C VAL E 165 -19.61 -18.49 34.80
N GLN E 166 -19.43 -17.80 35.92
CA GLN E 166 -18.17 -17.94 36.66
C GLN E 166 -18.06 -19.30 37.30
N ARG E 167 -19.17 -19.84 37.80
CA ARG E 167 -19.13 -21.10 38.51
C ARG E 167 -18.56 -22.22 37.64
N ASN E 168 -19.16 -22.46 36.48
CA ASN E 168 -18.74 -23.55 35.60
C ASN E 168 -18.39 -23.01 34.23
N PRO E 169 -17.17 -23.23 33.73
CA PRO E 169 -16.90 -22.89 32.32
C PRO E 169 -17.56 -23.86 31.35
N SER E 170 -17.93 -25.04 31.83
CA SER E 170 -18.40 -26.15 31.02
C SER E 170 -19.92 -26.07 30.82
N SER E 171 -20.50 -27.22 30.45
CA SER E 171 -21.95 -27.36 30.31
C SER E 171 -22.55 -26.53 29.19
N GLU E 172 -22.37 -26.97 27.94
CA GLU E 172 -22.92 -26.31 26.76
C GLU E 172 -24.28 -25.69 27.03
N GLU E 173 -25.23 -26.49 27.55
CA GLU E 173 -26.59 -26.02 27.70
C GLU E 173 -26.69 -24.84 28.65
N VAL E 174 -26.06 -24.94 29.82
CA VAL E 174 -26.06 -23.81 30.73
C VAL E 174 -25.36 -22.62 30.09
N ASN E 175 -24.29 -22.89 29.32
CA ASN E 175 -23.60 -21.82 28.62
C ASN E 175 -24.53 -21.10 27.65
N GLU E 176 -25.28 -21.85 26.84
CA GLU E 176 -26.17 -21.21 25.88
C GLU E 176 -27.28 -20.44 26.59
N ALA E 177 -27.80 -21.00 27.68
CA ALA E 177 -28.83 -20.29 28.42
C ALA E 177 -28.31 -18.97 28.97
N LEU E 178 -27.09 -18.98 29.51
CA LEU E 178 -26.51 -17.75 30.04
C LEU E 178 -26.23 -16.76 28.93
N ARG E 179 -25.76 -17.24 27.77
CA ARG E 179 -25.55 -16.34 26.64
C ARG E 179 -26.85 -15.65 26.25
N LYS E 180 -27.94 -16.42 26.16
CA LYS E 180 -29.23 -15.83 25.84
C LYS E 180 -29.64 -14.82 26.90
N ILE E 181 -29.39 -15.12 28.17
CA ILE E 181 -29.69 -14.17 29.24
C ILE E 181 -28.97 -12.85 29.00
N ILE E 182 -27.67 -12.92 28.71
CA ILE E 182 -26.88 -11.71 28.48
C ILE E 182 -27.43 -10.95 27.29
N LYS E 183 -27.82 -11.67 26.24
CA LYS E 183 -28.42 -11.02 25.07
C LYS E 183 -29.68 -10.26 25.46
N LEU E 184 -30.54 -10.89 26.25
CA LEU E 184 -31.78 -10.23 26.66
C LEU E 184 -31.50 -9.00 27.50
N ILE E 185 -30.49 -9.07 28.36
CA ILE E 185 -30.15 -7.92 29.21
C ILE E 185 -29.68 -6.76 28.34
N LEU E 186 -28.78 -7.05 27.40
CA LEU E 186 -28.33 -6.03 26.48
C LEU E 186 -29.51 -5.44 25.71
N PHE E 187 -30.41 -6.29 25.25
CA PHE E 187 -31.59 -5.82 24.54
C PHE E 187 -32.38 -4.85 25.40
N ALA E 188 -32.63 -5.23 26.65
CA ALA E 188 -33.42 -4.38 27.53
C ALA E 188 -32.75 -3.03 27.73
N VAL E 189 -31.43 -3.02 27.96
CA VAL E 189 -30.77 -1.75 28.25
C VAL E 189 -30.75 -0.87 27.01
N MET E 190 -30.58 -1.47 25.83
CA MET E 190 -30.61 -0.67 24.60
C MET E 190 -31.98 -0.04 24.40
N VAL E 191 -33.04 -0.84 24.52
CA VAL E 191 -34.38 -0.31 24.27
C VAL E 191 -34.73 0.73 25.32
N LEU E 192 -34.17 0.59 26.53
CA LEU E 192 -34.38 1.62 27.54
C LEU E 192 -33.69 2.92 27.15
N GLU E 193 -32.45 2.81 26.67
CA GLU E 193 -31.75 4.00 26.18
C GLU E 193 -32.54 4.70 25.10
N LEU E 194 -33.07 3.93 24.16
CA LEU E 194 -33.85 4.51 23.08
C LEU E 194 -35.09 5.21 23.61
N ALA E 195 -35.87 4.52 24.44
CA ALA E 195 -37.05 5.14 25.05
C ALA E 195 -36.68 6.44 25.74
N GLU E 196 -35.52 6.46 26.39
CA GLU E 196 -35.04 7.69 27.02
C GLU E 196 -34.75 8.76 25.98
N GLU E 197 -34.25 8.37 24.80
CA GLU E 197 -33.89 9.35 23.79
C GLU E 197 -35.11 10.05 23.22
N ILE E 198 -36.23 9.33 23.14
CA ILE E 198 -37.46 9.91 22.61
C ILE E 198 -38.38 10.40 23.72
N GLY E 199 -38.16 10.00 24.96
CA GLY E 199 -39.01 10.42 26.04
C GLY E 199 -40.42 9.84 25.97
N ASP E 200 -40.52 8.54 25.68
CA ASP E 200 -41.81 7.86 25.59
C ASP E 200 -41.81 6.66 26.53
N PRO E 201 -42.76 6.58 27.46
CA PRO E 201 -42.76 5.46 28.41
C PRO E 201 -43.35 4.17 27.85
N THR E 202 -44.04 4.26 26.71
CA THR E 202 -44.66 3.06 26.14
C THR E 202 -43.60 2.01 25.78
N TRP E 203 -42.52 2.46 25.14
CA TRP E 203 -41.45 1.52 24.87
C TRP E 203 -40.71 1.12 26.13
N ARG E 204 -40.78 1.93 27.19
CA ARG E 204 -40.30 1.46 28.48
C ARG E 204 -41.13 0.26 28.96
N GLU E 205 -42.43 0.29 28.69
CA GLU E 205 -43.26 -0.86 29.02
C GLU E 205 -42.90 -2.07 28.16
N MET E 206 -42.59 -1.82 26.89
CA MET E 206 -42.08 -2.90 26.05
C MET E 206 -40.81 -3.50 26.64
N ALA E 207 -39.90 -2.65 27.10
CA ALA E 207 -38.68 -3.11 27.74
C ALA E 207 -38.99 -3.92 28.99
N ARG E 208 -39.98 -3.47 29.76
CA ARG E 208 -40.41 -4.22 30.94
C ARG E 208 -40.88 -5.62 30.56
N ARG E 209 -41.62 -5.72 29.46
CA ARG E 209 -42.01 -7.03 28.95
C ARG E 209 -40.78 -7.87 28.62
N ALA E 210 -39.81 -7.25 27.95
CA ALA E 210 -38.61 -7.97 27.55
C ALA E 210 -37.87 -8.52 28.77
N VAL E 211 -37.64 -7.68 29.77
CA VAL E 211 -36.89 -8.11 30.95
C VAL E 211 -37.72 -9.09 31.78
N ARG E 212 -39.04 -8.99 31.73
CA ARG E 212 -39.87 -9.97 32.42
C ARG E 212 -39.69 -11.35 31.81
N GLU E 213 -39.71 -11.43 30.48
CA GLU E 213 -39.37 -12.67 29.80
C GLU E 213 -37.98 -13.13 30.21
N ALA E 214 -37.03 -12.20 30.27
CA ALA E 214 -35.65 -12.55 30.59
C ALA E 214 -35.55 -13.17 31.99
N VAL E 215 -36.21 -12.57 32.97
CA VAL E 215 -36.08 -13.06 34.34
C VAL E 215 -36.83 -14.37 34.52
N GLU E 216 -37.99 -14.51 33.85
CA GLU E 216 -38.67 -15.80 33.86
C GLU E 216 -37.75 -16.89 33.31
N LEU E 217 -37.00 -16.57 32.25
CA LEU E 217 -36.02 -17.52 31.72
C LEU E 217 -34.96 -17.84 32.77
N ALA E 218 -34.32 -16.79 33.30
CA ALA E 218 -33.23 -16.97 34.26
C ALA E 218 -33.67 -17.81 35.45
N GLU E 219 -34.94 -17.72 35.84
CA GLU E 219 -35.43 -18.52 36.96
C GLU E 219 -35.18 -20.00 36.71
N GLU E 220 -35.63 -20.51 35.56
CA GLU E 220 -35.38 -21.91 35.25
C GLU E 220 -33.91 -22.17 34.94
N VAL E 221 -33.19 -21.16 34.47
CA VAL E 221 -31.76 -21.34 34.24
C VAL E 221 -31.03 -21.60 35.55
N GLN E 222 -31.55 -21.08 36.66
CA GLN E 222 -30.98 -21.41 37.96
C GLN E 222 -30.95 -22.92 38.18
N ARG E 223 -31.88 -23.65 37.58
CA ARG E 223 -31.92 -25.09 37.71
C ARG E 223 -32.12 -25.76 36.35
N ASP F 5 -12.64 -5.11 13.05
CA ASP F 5 -13.38 -4.17 12.21
C ASP F 5 -14.32 -3.32 13.05
N GLU F 6 -13.78 -2.73 14.11
CA GLU F 6 -14.60 -1.90 15.00
C GLU F 6 -15.25 -0.74 14.27
N GLU F 7 -14.58 -0.23 13.21
CA GLU F 7 -15.16 0.88 12.45
C GLU F 7 -16.47 0.45 11.78
N GLU F 8 -16.44 -0.65 11.03
CA GLU F 8 -17.65 -1.15 10.39
C GLU F 8 -18.69 -1.57 11.43
N ALA F 9 -18.22 -2.14 12.55
CA ALA F 9 -19.13 -2.54 13.61
C ALA F 9 -19.93 -1.35 14.13
N ARG F 10 -19.23 -0.30 14.55
CA ARG F 10 -19.90 0.90 15.04
C ARG F 10 -20.75 1.55 13.96
N GLU F 11 -20.31 1.48 12.71
CA GLU F 11 -21.11 2.04 11.61
C GLU F 11 -22.46 1.33 11.51
N LEU F 12 -22.43 0.00 11.43
CA LEU F 12 -23.66 -0.78 11.39
C LEU F 12 -24.52 -0.51 12.62
N GLU F 13 -23.89 -0.41 13.79
CA GLU F 13 -24.64 -0.19 15.02
C GLU F 13 -25.39 1.13 14.99
N GLU F 14 -24.70 2.22 14.63
CA GLU F 14 -25.36 3.51 14.51
C GLU F 14 -26.44 3.50 13.45
N ARG F 15 -26.23 2.76 12.36
CA ARG F 15 -27.27 2.63 11.35
C ARG F 15 -28.52 1.99 11.94
N ALA F 16 -28.33 0.95 12.74
CA ALA F 16 -29.46 0.28 13.36
C ALA F 16 -30.18 1.23 14.31
N ARG F 17 -29.42 1.99 15.09
CA ARG F 17 -30.02 2.91 16.04
C ARG F 17 -30.81 4.00 15.34
N GLU F 18 -30.25 4.53 14.25
CA GLU F 18 -30.92 5.56 13.49
C GLU F 18 -32.21 5.03 12.87
N ALA F 19 -32.16 3.81 12.32
CA ALA F 19 -33.36 3.20 11.79
C ALA F 19 -34.45 3.12 12.85
N ALA F 20 -34.10 2.59 14.02
CA ALA F 20 -35.08 2.43 15.09
C ALA F 20 -35.66 3.78 15.53
N LYS F 21 -34.80 4.79 15.64
CA LYS F 21 -35.26 6.10 16.07
C LYS F 21 -36.24 6.69 15.07
N ARG F 22 -35.90 6.63 13.77
CA ARG F 22 -36.80 7.13 12.76
C ARG F 22 -38.12 6.37 12.75
N ALA F 23 -38.06 5.06 12.96
CA ALA F 23 -39.28 4.27 13.02
C ALA F 23 -40.17 4.73 14.16
N ILE F 24 -39.59 4.90 15.35
CA ILE F 24 -40.37 5.31 16.51
C ILE F 24 -40.95 6.71 16.31
N GLU F 25 -40.17 7.62 15.71
CA GLU F 25 -40.71 8.94 15.39
C GLU F 25 -41.92 8.82 14.48
N ALA F 26 -41.81 8.05 13.41
CA ALA F 26 -42.93 7.91 12.48
C ALA F 26 -44.15 7.32 13.19
N ALA F 27 -43.93 6.32 14.03
CA ALA F 27 -45.04 5.69 14.74
C ALA F 27 -45.74 6.68 15.66
N LYS F 28 -44.96 7.45 16.42
CA LYS F 28 -45.56 8.49 17.25
C LYS F 28 -46.33 9.48 16.39
N ARG F 29 -45.80 9.80 15.20
CA ARG F 29 -46.42 10.80 14.35
C ARG F 29 -47.78 10.35 13.86
N THR F 30 -47.90 9.08 13.46
CA THR F 30 -49.14 8.63 12.82
C THR F 30 -50.28 8.49 13.83
N GLY F 31 -49.96 8.14 15.07
CA GLY F 31 -50.99 7.83 16.03
C GLY F 31 -51.96 6.76 15.56
N ASP F 32 -51.45 5.67 15.01
CA ASP F 32 -52.24 4.59 14.47
C ASP F 32 -51.86 3.29 15.16
N PRO F 33 -52.80 2.59 15.80
CA PRO F 33 -52.43 1.33 16.48
C PRO F 33 -51.73 0.33 15.59
N ARG F 34 -52.16 0.21 14.34
CA ARG F 34 -51.54 -0.74 13.42
C ARG F 34 -50.09 -0.36 13.16
N VAL F 35 -49.85 0.88 12.72
CA VAL F 35 -48.49 1.35 12.50
C VAL F 35 -47.67 1.22 13.76
N ARG F 36 -48.30 1.39 14.92
CA ARG F 36 -47.60 1.24 16.18
C ARG F 36 -47.08 -0.18 16.35
N GLU F 37 -47.96 -1.16 16.20
CA GLU F 37 -47.53 -2.55 16.30
C GLU F 37 -46.45 -2.88 15.28
N LEU F 38 -46.57 -2.33 14.08
CA LEU F 38 -45.57 -2.57 13.05
C LEU F 38 -44.21 -2.01 13.47
N ALA F 39 -44.19 -0.77 13.91
CA ALA F 39 -42.94 -0.14 14.32
C ALA F 39 -42.31 -0.90 15.48
N GLU F 40 -43.13 -1.45 16.38
CA GLU F 40 -42.57 -2.23 17.47
C GLU F 40 -41.95 -3.53 16.95
N GLU F 41 -42.69 -4.25 16.12
CA GLU F 41 -42.14 -5.47 15.53
C GLU F 41 -40.89 -5.21 14.72
N LEU F 42 -40.69 -3.95 14.30
CA LEU F 42 -39.48 -3.57 13.58
C LEU F 42 -38.32 -3.23 14.50
N VAL F 43 -38.54 -2.30 15.43
CA VAL F 43 -37.50 -1.88 16.36
C VAL F 43 -36.97 -3.07 17.14
N LYS F 44 -37.82 -4.08 17.37
CA LYS F 44 -37.34 -5.26 18.08
C LYS F 44 -36.18 -5.91 17.34
N LEU F 45 -36.37 -6.20 16.06
CA LEU F 45 -35.30 -6.87 15.32
C LEU F 45 -34.14 -5.92 15.05
N ALA F 46 -34.39 -4.62 14.99
CA ALA F 46 -33.28 -3.68 14.91
C ALA F 46 -32.36 -3.80 16.12
N ILE F 47 -32.95 -3.76 17.32
CA ILE F 47 -32.15 -3.85 18.54
C ILE F 47 -31.51 -5.22 18.66
N TRP F 48 -32.22 -6.27 18.25
CA TRP F 48 -31.62 -7.58 18.25
C TRP F 48 -30.43 -7.66 17.32
N ALA F 49 -30.51 -6.93 16.19
CA ALA F 49 -29.36 -6.82 15.33
C ALA F 49 -28.19 -6.23 16.10
N ALA F 50 -28.42 -5.08 16.72
CA ALA F 50 -27.35 -4.46 17.51
C ALA F 50 -26.73 -5.44 18.50
N VAL F 51 -27.57 -6.17 19.24
CA VAL F 51 -26.99 -7.08 20.23
C VAL F 51 -26.13 -8.13 19.55
N GLU F 52 -26.69 -8.84 18.56
CA GLU F 52 -25.93 -9.93 17.96
C GLU F 52 -24.62 -9.41 17.38
N VAL F 53 -24.64 -8.20 16.77
CA VAL F 53 -23.43 -7.61 16.19
C VAL F 53 -22.41 -7.41 17.27
N TRP F 54 -22.85 -6.91 18.42
CA TRP F 54 -21.96 -6.64 19.52
C TRP F 54 -21.27 -7.93 19.97
N LEU F 55 -22.04 -8.91 20.43
CA LEU F 55 -21.45 -9.99 21.21
C LEU F 55 -20.25 -10.63 20.49
N ASP F 56 -20.32 -10.77 19.17
CA ASP F 56 -19.34 -11.55 18.38
C ASP F 56 -18.82 -10.69 17.24
N PRO F 57 -17.92 -9.75 17.54
CA PRO F 57 -17.34 -8.94 16.46
C PRO F 57 -16.40 -9.75 15.59
N SER F 58 -16.20 -9.25 14.36
CA SER F 58 -15.31 -9.82 13.35
C SER F 58 -15.71 -11.22 12.90
N SER F 59 -16.98 -11.59 13.03
CA SER F 59 -17.47 -12.86 12.51
C SER F 59 -18.28 -12.57 11.26
N SER F 60 -17.77 -13.00 10.11
CA SER F 60 -18.37 -12.65 8.82
C SER F 60 -19.81 -13.04 8.52
N ASP F 61 -20.25 -14.25 8.85
CA ASP F 61 -21.63 -14.58 8.53
C ASP F 61 -22.59 -13.67 9.30
N VAL F 62 -22.29 -13.47 10.58
CA VAL F 62 -23.13 -12.64 11.42
C VAL F 62 -23.14 -11.20 10.92
N ASN F 63 -21.97 -10.71 10.53
CA ASN F 63 -21.87 -9.34 10.03
C ASN F 63 -22.67 -9.19 8.76
N GLU F 64 -22.59 -10.19 7.88
CA GLU F 64 -23.31 -10.14 6.63
C GLU F 64 -24.81 -10.10 6.90
N ALA F 65 -25.26 -10.90 7.86
CA ALA F 65 -26.68 -10.93 8.18
C ALA F 65 -27.13 -9.57 8.73
N LEU F 66 -26.30 -8.98 9.58
CA LEU F 66 -26.63 -7.71 10.22
C LEU F 66 -26.77 -6.52 9.27
N LYS F 67 -25.86 -6.42 8.31
CA LYS F 67 -25.88 -5.30 7.37
C LYS F 67 -27.09 -5.38 6.45
N LEU F 68 -27.33 -6.57 5.90
CA LEU F 68 -28.51 -6.77 5.07
C LEU F 68 -29.79 -6.47 5.84
N ILE F 69 -29.85 -6.87 7.11
CA ILE F 69 -31.06 -6.64 7.92
C ILE F 69 -31.30 -5.15 8.12
N VAL F 70 -30.27 -4.42 8.56
CA VAL F 70 -30.45 -3.00 8.81
C VAL F 70 -30.78 -2.27 7.50
N GLU F 71 -30.28 -2.76 6.38
CA GLU F 71 -30.68 -2.21 5.09
C GLU F 71 -32.17 -2.40 4.86
N ALA F 72 -32.65 -3.62 5.09
CA ALA F 72 -34.08 -3.89 4.96
C ALA F 72 -34.90 -2.95 5.84
N ILE F 73 -34.41 -2.69 7.05
CA ILE F 73 -35.16 -1.84 7.97
C ILE F 73 -35.21 -0.40 7.46
N GLU F 74 -34.08 0.13 7.00
CA GLU F 74 -34.07 1.46 6.40
C GLU F 74 -35.09 1.54 5.28
N ALA F 75 -35.12 0.52 4.43
CA ALA F 75 -36.08 0.49 3.33
C ALA F 75 -37.50 0.53 3.86
N ALA F 76 -37.82 -0.32 4.83
CA ALA F 76 -39.19 -0.44 5.32
C ALA F 76 -39.66 0.84 5.98
N VAL F 77 -38.79 1.50 6.74
CA VAL F 77 -39.21 2.73 7.40
C VAL F 77 -39.43 3.83 6.38
N ARG F 78 -38.55 3.92 5.37
CA ARG F 78 -38.81 4.83 4.26
C ARG F 78 -40.17 4.54 3.65
N ALA F 79 -40.48 3.27 3.46
CA ALA F 79 -41.78 2.91 2.87
C ALA F 79 -42.98 3.31 3.71
N LEU F 80 -42.90 3.07 5.01
CA LEU F 80 -43.99 3.40 5.92
C LEU F 80 -44.21 4.90 5.95
N GLU F 81 -43.10 5.62 5.96
CA GLU F 81 -43.09 7.07 6.04
C GLU F 81 -43.74 7.68 4.82
N ALA F 82 -43.22 7.35 3.63
CA ALA F 82 -43.79 7.90 2.41
C ALA F 82 -45.24 7.49 2.23
N ALA F 83 -45.61 6.29 2.68
CA ALA F 83 -46.97 5.83 2.58
C ALA F 83 -47.91 6.77 3.34
N GLU F 84 -47.65 6.97 4.63
CA GLU F 84 -48.47 7.90 5.40
C GLU F 84 -48.35 9.32 4.86
N ARG F 85 -47.22 9.64 4.21
CA ARG F 85 -47.07 10.94 3.59
C ARG F 85 -48.06 11.14 2.45
N THR F 86 -48.35 10.07 1.70
CA THR F 86 -49.30 10.19 0.59
C THR F 86 -50.72 10.31 1.10
N GLY F 87 -51.12 9.47 2.05
CA GLY F 87 -52.43 9.56 2.66
C GLY F 87 -53.55 8.82 1.96
N ASP F 88 -53.27 8.12 0.87
CA ASP F 88 -54.31 7.42 0.13
C ASP F 88 -54.56 6.06 0.76
N PRO F 89 -55.81 5.72 1.09
CA PRO F 89 -56.08 4.44 1.78
C PRO F 89 -55.54 3.21 1.07
N GLU F 90 -55.84 3.04 -0.22
CA GLU F 90 -55.40 1.86 -0.94
C GLU F 90 -53.90 1.64 -0.81
N VAL F 91 -53.10 2.61 -1.27
CA VAL F 91 -51.65 2.49 -1.18
C VAL F 91 -51.20 2.39 0.26
N ARG F 92 -51.94 2.97 1.20
CA ARG F 92 -51.53 2.93 2.59
C ARG F 92 -51.55 1.50 3.12
N GLU F 93 -52.70 0.83 2.98
CA GLU F 93 -52.76 -0.57 3.39
C GLU F 93 -51.77 -1.42 2.60
N LEU F 94 -51.58 -1.08 1.32
CA LEU F 94 -50.61 -1.82 0.51
C LEU F 94 -49.22 -1.76 1.14
N ALA F 95 -48.69 -0.56 1.32
CA ALA F 95 -47.36 -0.40 1.90
C ALA F 95 -47.29 -0.98 3.31
N ARG F 96 -48.40 -0.94 4.04
CA ARG F 96 -48.40 -1.55 5.37
C ARG F 96 -48.13 -3.04 5.29
N GLU F 97 -48.89 -3.75 4.45
CA GLU F 97 -48.61 -5.18 4.29
C GLU F 97 -47.23 -5.40 3.71
N LEU F 98 -46.75 -4.47 2.90
CA LEU F 98 -45.40 -4.57 2.35
C LEU F 98 -44.36 -4.63 3.46
N VAL F 99 -44.39 -3.64 4.35
CA VAL F 99 -43.41 -3.62 5.44
C VAL F 99 -43.63 -4.81 6.36
N ARG F 100 -44.86 -5.32 6.45
CA ARG F 100 -45.08 -6.55 7.19
C ARG F 100 -44.32 -7.72 6.57
N LEU F 101 -44.38 -7.83 5.24
CA LEU F 101 -43.60 -8.85 4.55
C LEU F 101 -42.12 -8.69 4.86
N ALA F 102 -41.65 -7.45 4.83
CA ALA F 102 -40.24 -7.17 5.12
C ALA F 102 -39.86 -7.71 6.50
N VAL F 103 -40.63 -7.36 7.52
CA VAL F 103 -40.26 -7.75 8.88
C VAL F 103 -40.41 -9.25 9.09
N GLU F 104 -41.37 -9.89 8.41
CA GLU F 104 -41.48 -11.33 8.53
C GLU F 104 -40.24 -12.01 7.94
N ALA F 105 -39.79 -11.55 6.78
CA ALA F 105 -38.56 -12.10 6.21
C ALA F 105 -37.38 -11.87 7.13
N ALA F 106 -37.28 -10.67 7.69
CA ALA F 106 -36.16 -10.37 8.58
C ALA F 106 -36.20 -11.25 9.83
N GLU F 107 -37.40 -11.54 10.33
CA GLU F 107 -37.52 -12.45 11.46
C GLU F 107 -37.02 -13.83 11.09
N GLU F 108 -37.43 -14.32 9.92
CA GLU F 108 -36.92 -15.61 9.45
C GLU F 108 -35.41 -15.59 9.35
N VAL F 109 -34.82 -14.46 9.01
CA VAL F 109 -33.37 -14.33 9.00
C VAL F 109 -32.81 -14.46 10.41
N GLN F 110 -33.37 -13.70 11.35
CA GLN F 110 -32.83 -13.71 12.72
C GLN F 110 -32.96 -15.09 13.34
N ARG F 111 -33.93 -15.88 12.90
CA ARG F 111 -34.00 -17.27 13.36
C ARG F 111 -32.93 -18.14 12.70
N ASN F 112 -32.58 -17.86 11.45
CA ASN F 112 -31.61 -18.67 10.72
C ASN F 112 -30.63 -17.78 9.97
N PRO F 113 -29.38 -17.69 10.42
CA PRO F 113 -28.42 -16.77 9.80
C PRO F 113 -27.60 -17.37 8.67
N SER F 114 -27.86 -18.60 8.25
CA SER F 114 -27.05 -19.20 7.20
C SER F 114 -27.88 -19.98 6.18
N SER F 115 -29.18 -19.68 6.06
CA SER F 115 -30.01 -20.26 5.00
C SER F 115 -29.98 -19.32 3.81
N SER F 116 -29.39 -19.78 2.70
CA SER F 116 -29.11 -18.88 1.58
C SER F 116 -30.39 -18.37 0.94
N ASP F 117 -31.36 -19.25 0.72
CA ASP F 117 -32.55 -18.87 -0.02
C ASP F 117 -33.32 -17.75 0.67
N VAL F 118 -33.38 -17.77 1.99
CA VAL F 118 -34.11 -16.71 2.69
C VAL F 118 -33.32 -15.42 2.66
N ASN F 119 -31.99 -15.50 2.66
CA ASN F 119 -31.17 -14.31 2.43
C ASN F 119 -31.54 -13.67 1.09
N GLU F 120 -31.56 -14.48 0.03
CA GLU F 120 -31.88 -13.95 -1.29
C GLU F 120 -33.32 -13.46 -1.36
N ALA F 121 -34.23 -14.11 -0.64
CA ALA F 121 -35.61 -13.67 -0.60
C ALA F 121 -35.72 -12.28 0.02
N LEU F 122 -35.05 -12.07 1.15
CA LEU F 122 -35.02 -10.74 1.72
C LEU F 122 -34.39 -9.75 0.76
N LYS F 123 -33.34 -10.17 0.06
CA LYS F 123 -32.71 -9.28 -0.92
C LYS F 123 -33.75 -8.80 -1.94
N LEU F 124 -34.45 -9.75 -2.55
CA LEU F 124 -35.46 -9.40 -3.54
C LEU F 124 -36.54 -8.49 -2.95
N ILE F 125 -36.97 -8.79 -1.71
CA ILE F 125 -38.04 -7.99 -1.12
C ILE F 125 -37.56 -6.57 -0.85
N VAL F 126 -36.32 -6.42 -0.37
CA VAL F 126 -35.73 -5.10 -0.20
C VAL F 126 -35.73 -4.34 -1.51
N ILE F 127 -35.35 -5.02 -2.59
CA ILE F 127 -35.32 -4.37 -3.89
C ILE F 127 -36.72 -3.91 -4.28
N ALA F 128 -37.70 -4.79 -4.10
CA ALA F 128 -39.08 -4.44 -4.44
C ALA F 128 -39.56 -3.24 -3.63
N ILE F 129 -39.15 -3.16 -2.36
CA ILE F 129 -39.57 -2.06 -1.51
C ILE F 129 -38.95 -0.76 -1.97
N GLU F 130 -37.65 -0.80 -2.28
CA GLU F 130 -37.00 0.38 -2.84
C GLU F 130 -37.69 0.82 -4.12
N ALA F 131 -38.12 -0.15 -4.93
CA ALA F 131 -38.84 0.17 -6.16
C ALA F 131 -40.14 0.90 -5.84
N ALA F 132 -40.94 0.33 -4.94
CA ALA F 132 -42.23 0.94 -4.61
C ALA F 132 -42.05 2.34 -4.05
N VAL F 133 -41.05 2.55 -3.20
CA VAL F 133 -40.87 3.87 -2.61
C VAL F 133 -40.39 4.85 -3.65
N ARG F 134 -39.56 4.40 -4.59
CA ARG F 134 -39.17 5.26 -5.70
C ARG F 134 -40.38 5.69 -6.50
N ALA F 135 -41.28 4.74 -6.78
CA ALA F 135 -42.48 5.07 -7.55
C ALA F 135 -43.35 6.07 -6.82
N LEU F 136 -43.54 5.87 -5.51
CA LEU F 136 -44.38 6.78 -4.74
C LEU F 136 -43.77 8.17 -4.68
N GLU F 137 -42.45 8.26 -4.50
CA GLU F 137 -41.78 9.56 -4.51
C GLU F 137 -41.96 10.26 -5.85
N ALA F 138 -41.77 9.52 -6.95
CA ALA F 138 -41.94 10.10 -8.26
C ALA F 138 -43.36 10.63 -8.45
N ALA F 139 -44.35 9.82 -8.07
CA ALA F 139 -45.74 10.25 -8.17
C ALA F 139 -45.98 11.52 -7.36
N GLU F 140 -45.44 11.57 -6.14
CA GLU F 140 -45.61 12.76 -5.31
C GLU F 140 -44.98 13.98 -5.97
N ARG F 141 -43.81 13.80 -6.58
CA ARG F 141 -43.12 14.94 -7.17
C ARG F 141 -43.88 15.46 -8.39
N THR F 142 -44.44 14.56 -9.20
CA THR F 142 -45.19 15.02 -10.37
C THR F 142 -46.60 15.45 -9.99
N GLY F 143 -47.23 14.76 -9.05
CA GLY F 143 -48.62 15.06 -8.70
C GLY F 143 -49.57 14.89 -9.87
N ASP F 144 -49.48 13.77 -10.57
CA ASP F 144 -50.24 13.47 -11.78
C ASP F 144 -51.16 12.29 -11.55
N PRO F 145 -52.46 12.44 -11.84
CA PRO F 145 -53.40 11.33 -11.58
C PRO F 145 -53.03 10.02 -12.25
N GLU F 146 -52.74 10.04 -13.55
CA GLU F 146 -52.35 8.81 -14.24
C GLU F 146 -51.10 8.21 -13.63
N VAL F 147 -50.14 9.06 -13.27
CA VAL F 147 -48.95 8.58 -12.59
C VAL F 147 -49.33 7.89 -11.29
N ARG F 148 -50.32 8.45 -10.58
CA ARG F 148 -50.72 7.87 -9.30
C ARG F 148 -51.37 6.51 -9.48
N GLU F 149 -52.26 6.36 -10.47
CA GLU F 149 -52.89 5.06 -10.67
C GLU F 149 -51.85 4.04 -11.13
N LEU F 150 -50.89 4.46 -11.95
CA LEU F 150 -49.82 3.56 -12.34
C LEU F 150 -48.98 3.15 -11.15
N ALA F 151 -48.72 4.09 -10.23
CA ALA F 151 -47.96 3.77 -9.03
C ALA F 151 -48.70 2.75 -8.19
N ARG F 152 -50.00 2.96 -8.01
CA ARG F 152 -50.81 1.96 -7.31
C ARG F 152 -50.71 0.60 -8.00
N GLU F 153 -50.73 0.60 -9.33
CA GLU F 153 -50.67 -0.65 -10.08
C GLU F 153 -49.37 -1.39 -9.80
N LEU F 154 -48.24 -0.73 -10.00
CA LEU F 154 -46.97 -1.42 -9.82
C LEU F 154 -46.69 -1.71 -8.35
N VAL F 155 -47.28 -0.96 -7.42
CA VAL F 155 -47.15 -1.31 -6.02
C VAL F 155 -47.92 -2.58 -5.71
N ARG F 156 -49.11 -2.71 -6.30
CA ARG F 156 -49.83 -3.99 -6.25
C ARG F 156 -48.93 -5.11 -6.74
N LEU F 157 -48.30 -4.89 -7.90
CA LEU F 157 -47.38 -5.89 -8.44
C LEU F 157 -46.29 -6.23 -7.43
N ALA F 158 -45.69 -5.21 -6.82
CA ALA F 158 -44.59 -5.43 -5.89
C ALA F 158 -45.04 -6.23 -4.70
N VAL F 159 -46.18 -5.88 -4.11
CA VAL F 159 -46.64 -6.57 -2.91
C VAL F 159 -47.01 -8.02 -3.25
N GLU F 160 -47.58 -8.25 -4.43
CA GLU F 160 -47.93 -9.62 -4.81
C GLU F 160 -46.69 -10.46 -5.05
N ALA F 161 -45.69 -9.88 -5.73
CA ALA F 161 -44.45 -10.59 -5.97
C ALA F 161 -43.73 -10.91 -4.67
N ALA F 162 -43.68 -9.93 -3.76
CA ALA F 162 -43.04 -10.15 -2.48
C ALA F 162 -43.78 -11.21 -1.67
N GLU F 163 -45.11 -11.16 -1.68
CA GLU F 163 -45.90 -12.20 -1.03
C GLU F 163 -45.52 -13.57 -1.55
N GLU F 164 -45.44 -13.71 -2.88
CA GLU F 164 -45.16 -15.01 -3.46
C GLU F 164 -43.75 -15.49 -3.10
N VAL F 165 -42.76 -14.60 -3.14
CA VAL F 165 -41.40 -15.02 -2.81
C VAL F 165 -41.30 -15.35 -1.33
N GLN F 166 -42.12 -14.70 -0.51
CA GLN F 166 -42.13 -15.00 0.92
C GLN F 166 -42.73 -16.38 1.17
N ARG F 167 -43.76 -16.74 0.40
CA ARG F 167 -44.44 -18.00 0.64
C ARG F 167 -43.49 -19.19 0.55
N ASN F 168 -42.82 -19.34 -0.59
CA ASN F 168 -41.93 -20.47 -0.81
C ASN F 168 -40.53 -20.00 -1.16
N PRO F 169 -39.50 -20.38 -0.40
CA PRO F 169 -38.13 -20.09 -0.83
C PRO F 169 -37.70 -20.96 -2.01
N SER F 170 -38.39 -22.07 -2.23
CA SER F 170 -38.02 -23.10 -3.20
C SER F 170 -38.59 -22.79 -4.57
N SER F 171 -38.65 -23.85 -5.41
CA SER F 171 -39.27 -23.77 -6.73
C SER F 171 -38.55 -22.85 -7.71
N GLU F 172 -37.41 -23.32 -8.24
CA GLU F 172 -36.63 -22.58 -9.23
C GLU F 172 -37.51 -21.77 -10.18
N GLU F 173 -38.49 -22.42 -10.81
CA GLU F 173 -39.27 -21.76 -11.85
C GLU F 173 -40.05 -20.58 -11.29
N VAL F 174 -40.75 -20.78 -10.17
CA VAL F 174 -41.45 -19.65 -9.56
C VAL F 174 -40.45 -18.59 -9.14
N ASN F 175 -39.27 -19.00 -8.66
CA ASN F 175 -38.24 -18.05 -8.29
C ASN F 175 -37.83 -17.20 -9.48
N GLU F 176 -37.55 -17.83 -10.63
CA GLU F 176 -37.13 -17.05 -11.79
C GLU F 176 -38.24 -16.13 -12.27
N ALA F 177 -39.48 -16.61 -12.24
CA ALA F 177 -40.60 -15.76 -12.65
C ALA F 177 -40.71 -14.53 -11.76
N LEU F 178 -40.55 -14.72 -10.45
CA LEU F 178 -40.62 -13.59 -9.53
C LEU F 178 -39.46 -12.64 -9.73
N ARG F 179 -38.27 -13.19 -9.98
CA ARG F 179 -37.12 -12.34 -10.26
C ARG F 179 -37.38 -11.47 -11.48
N LYS F 180 -37.91 -12.07 -12.55
CA LYS F 180 -38.25 -11.29 -13.74
C LYS F 180 -39.29 -10.23 -13.42
N ILE F 181 -40.27 -10.57 -12.59
CA ILE F 181 -41.28 -9.58 -12.19
C ILE F 181 -40.60 -8.38 -11.53
N ILE F 182 -39.71 -8.65 -10.57
CA ILE F 182 -39.02 -7.57 -9.87
C ILE F 182 -38.22 -6.73 -10.84
N LYS F 183 -37.57 -7.38 -11.81
CA LYS F 183 -36.81 -6.65 -12.82
C LYS F 183 -37.72 -5.72 -13.60
N LEU F 184 -38.88 -6.21 -14.01
CA LEU F 184 -39.81 -5.38 -14.78
C LEU F 184 -40.30 -4.20 -13.95
N ILE F 185 -40.54 -4.42 -12.66
CA ILE F 185 -41.01 -3.33 -11.81
C ILE F 185 -39.94 -2.25 -11.69
N LEU F 186 -38.71 -2.68 -11.43
CA LEU F 186 -37.60 -1.72 -11.40
C LEU F 186 -37.50 -0.96 -12.71
N PHE F 187 -37.61 -1.68 -13.82
CA PHE F 187 -37.56 -1.04 -15.13
C PHE F 187 -38.62 0.05 -15.25
N ALA F 188 -39.85 -0.29 -14.87
CA ALA F 188 -40.94 0.66 -14.99
C ALA F 188 -40.69 1.89 -14.13
N VAL F 189 -40.21 1.70 -12.90
CA VAL F 189 -40.04 2.86 -12.03
C VAL F 189 -38.90 3.73 -12.54
N MET F 190 -37.83 3.11 -13.06
CA MET F 190 -36.74 3.91 -13.61
C MET F 190 -37.20 4.73 -14.80
N VAL F 191 -37.90 4.10 -15.75
CA VAL F 191 -38.32 4.82 -16.95
C VAL F 191 -39.33 5.91 -16.58
N LEU F 192 -40.09 5.68 -15.50
CA LEU F 192 -40.99 6.73 -15.03
C LEU F 192 -40.22 7.90 -14.48
N GLU F 193 -39.18 7.63 -13.68
CA GLU F 193 -38.33 8.70 -13.18
C GLU F 193 -37.74 9.50 -14.33
N LEU F 194 -37.26 8.81 -15.35
CA LEU F 194 -36.67 9.52 -16.49
C LEU F 194 -37.70 10.39 -17.19
N ALA F 195 -38.87 9.82 -17.52
CA ALA F 195 -39.93 10.60 -18.13
C ALA F 195 -40.25 11.84 -17.29
N GLU F 196 -40.21 11.69 -15.97
CA GLU F 196 -40.43 12.83 -15.09
C GLU F 196 -39.30 13.85 -15.24
N GLU F 197 -38.07 13.39 -15.46
CA GLU F 197 -36.94 14.31 -15.53
C GLU F 197 -37.02 15.17 -16.79
N ILE F 198 -37.56 14.63 -17.87
CA ILE F 198 -37.69 15.38 -19.12
C ILE F 198 -39.07 16.01 -19.27
N GLY F 199 -40.05 15.57 -18.49
CA GLY F 199 -41.39 16.11 -18.62
C GLY F 199 -42.07 15.75 -19.92
N ASP F 200 -41.97 14.49 -20.33
CA ASP F 200 -42.59 14.00 -21.55
C ASP F 200 -43.49 12.81 -21.23
N PRO F 201 -44.77 12.87 -21.57
CA PRO F 201 -45.68 11.76 -21.24
C PRO F 201 -45.59 10.58 -22.19
N THR F 202 -44.95 10.76 -23.35
CA THR F 202 -44.86 9.67 -24.31
C THR F 202 -44.10 8.48 -23.73
N TRP F 203 -42.97 8.76 -23.08
CA TRP F 203 -42.26 7.67 -22.41
C TRP F 203 -43.01 7.16 -21.20
N ARG F 204 -43.89 7.98 -20.62
CA ARG F 204 -44.81 7.45 -19.61
C ARG F 204 -45.71 6.39 -20.22
N GLU F 205 -46.15 6.60 -21.47
CA GLU F 205 -46.94 5.58 -22.15
C GLU F 205 -46.09 4.34 -22.44
N MET F 206 -44.83 4.54 -22.79
CA MET F 206 -43.92 3.39 -22.92
C MET F 206 -43.84 2.61 -21.61
N ALA F 207 -43.71 3.33 -20.50
CA ALA F 207 -43.69 2.68 -19.19
C ALA F 207 -44.97 1.92 -18.92
N ARG F 208 -46.11 2.52 -19.32
CA ARG F 208 -47.40 1.84 -19.17
C ARG F 208 -47.40 0.53 -19.94
N ARG F 209 -46.85 0.54 -21.15
CA ARG F 209 -46.70 -0.70 -21.91
C ARG F 209 -45.86 -1.71 -21.15
N ALA F 210 -44.74 -1.25 -20.58
CA ALA F 210 -43.85 -2.13 -19.84
C ALA F 210 -44.57 -2.79 -18.68
N VAL F 211 -45.25 -1.99 -17.86
CA VAL F 211 -45.92 -2.53 -16.67
C VAL F 211 -47.13 -3.37 -17.08
N ARG F 212 -47.74 -3.08 -18.21
CA ARG F 212 -48.83 -3.93 -18.70
C ARG F 212 -48.30 -5.32 -19.02
N GLU F 213 -47.19 -5.39 -19.74
CA GLU F 213 -46.52 -6.67 -19.95
C GLU F 213 -46.21 -7.34 -18.61
N ALA F 214 -45.70 -6.56 -17.66
CA ALA F 214 -45.32 -7.10 -16.36
C ALA F 214 -46.51 -7.73 -15.65
N VAL F 215 -47.64 -7.05 -15.63
CA VAL F 215 -48.80 -7.54 -14.88
C VAL F 215 -49.43 -8.72 -15.60
N GLU F 216 -49.45 -8.70 -16.93
CA GLU F 216 -49.89 -9.87 -17.67
C GLU F 216 -49.04 -11.08 -17.31
N LEU F 217 -47.73 -10.88 -17.18
CA LEU F 217 -46.85 -11.96 -16.73
C LEU F 217 -47.24 -12.43 -15.34
N ALA F 218 -47.29 -11.49 -14.39
CA ALA F 218 -47.58 -11.83 -13.00
C ALA F 218 -48.89 -12.60 -12.87
N GLU F 219 -49.86 -12.32 -13.73
CA GLU F 219 -51.13 -13.04 -13.69
C GLU F 219 -50.91 -14.55 -13.80
N GLU F 220 -50.18 -14.98 -14.82
CA GLU F 220 -49.89 -16.40 -14.95
C GLU F 220 -48.90 -16.87 -13.88
N VAL F 221 -48.06 -15.97 -13.39
CA VAL F 221 -47.15 -16.37 -12.31
C VAL F 221 -47.93 -16.74 -11.06
N GLN F 222 -49.11 -16.15 -10.87
CA GLN F 222 -49.96 -16.56 -9.77
C GLN F 222 -50.25 -18.06 -9.81
N ARG F 223 -50.27 -18.64 -11.00
CA ARG F 223 -50.49 -20.06 -11.16
C ARG F 223 -49.48 -20.69 -12.11
#